data_6MHB
#
_entry.id   6MHB
#
_cell.length_a   59.386
_cell.length_b   68.825
_cell.length_c   93.645
_cell.angle_alpha   106.58
_cell.angle_beta   100.35
_cell.angle_gamma   96.16
#
_symmetry.space_group_name_H-M   'P 1'
#
loop_
_entity.id
_entity.type
_entity.pdbx_description
1 polymer 'Glutathione S-transferase omega-1'
2 non-polymer N-[4-(4-chlorophenyl)-1,3-thiazol-2-yl]propanamide
3 non-polymer '2-(N-MORPHOLINO)-ETHANESULFONIC ACID'
4 water water
#
_entity_poly.entity_id   1
_entity_poly.type   'polypeptide(L)'
_entity_poly.pdbx_seq_one_letter_code
;SNAMSGESARSLGKGSAPPGPVPEGSIRIYSMRFCPFAERTRLVLKAKGIRHEVININLKNKPEWFFKKNPFGLVPVLEN
SQGQLIYESAITCEYLDEAYPGKKLLPDDPYEKACQKMILELFSKVPSLVGSFIRSQNKEDYAGLKEEFRKEFTKLEEVL
TNKKTTFFGGNSISMIDYLIWPWFERLEAMKLNECVDHTPKLKLWMAAMKEDPTVSALLTSEKDWQGFLELYLQNSPEAC
DYGL
;
_entity_poly.pdbx_strand_id   A,B,C,D,E,F
#
loop_
_chem_comp.id
_chem_comp.type
_chem_comp.name
_chem_comp.formula
JR7 non-polymer N-[4-(4-chlorophenyl)-1,3-thiazol-2-yl]propanamide 'C12 H11 Cl N2 O S'
MES non-polymer '2-(N-MORPHOLINO)-ETHANESULFONIC ACID' 'C6 H13 N O4 S'
#
# COMPACT_ATOMS: atom_id res chain seq x y z
N ALA A 9 29.90 -2.97 -3.58
CA ALA A 9 28.78 -3.33 -4.42
C ALA A 9 28.35 -4.79 -4.21
N ARG A 10 29.31 -5.72 -3.91
CA ARG A 10 29.01 -7.14 -3.67
C ARG A 10 28.13 -7.26 -2.42
N SER A 11 27.00 -7.96 -2.57
CA SER A 11 25.95 -8.13 -1.57
C SER A 11 26.41 -8.88 -0.32
N LEU A 12 25.79 -8.54 0.82
CA LEU A 12 26.01 -9.19 2.09
C LEU A 12 24.96 -10.29 2.25
N GLY A 13 25.43 -11.49 2.53
CA GLY A 13 24.55 -12.62 2.73
C GLY A 13 24.75 -13.28 4.08
N LYS A 14 24.24 -14.52 4.24
CA LYS A 14 24.40 -15.30 5.47
C LYS A 14 25.85 -15.32 5.90
N GLY A 15 26.11 -15.00 7.15
CA GLY A 15 27.47 -15.05 7.70
C GLY A 15 28.26 -13.77 7.61
N SER A 16 27.74 -12.75 6.90
CA SER A 16 28.38 -11.45 6.81
C SER A 16 28.20 -10.66 8.11
N ALA A 17 29.17 -9.80 8.43
CA ALA A 17 29.12 -8.98 9.64
C ALA A 17 28.13 -7.82 9.46
N PRO A 18 27.32 -7.48 10.49
CA PRO A 18 26.41 -6.34 10.34
C PRO A 18 27.20 -5.03 10.29
N PRO A 19 26.70 -4.01 9.56
CA PRO A 19 27.46 -2.75 9.49
C PRO A 19 27.37 -1.96 10.80
N GLY A 20 28.29 -1.02 10.98
CA GLY A 20 28.34 -0.16 12.14
C GLY A 20 27.25 0.89 12.16
N PRO A 21 27.27 1.80 13.15
CA PRO A 21 26.23 2.86 13.18
C PRO A 21 26.38 3.80 11.98
N VAL A 22 25.26 4.46 11.62
CA VAL A 22 25.24 5.40 10.50
C VAL A 22 25.87 6.73 10.98
N PRO A 23 26.93 7.22 10.29
CA PRO A 23 27.53 8.49 10.70
C PRO A 23 26.53 9.65 10.63
N GLU A 24 26.70 10.66 11.52
CA GLU A 24 25.87 11.84 11.59
C GLU A 24 25.95 12.64 10.29
N GLY A 25 24.79 13.12 9.85
CA GLY A 25 24.65 13.88 8.61
C GLY A 25 24.56 12.99 7.38
N SER A 26 24.23 11.70 7.60
CA SER A 26 24.11 10.69 6.56
C SER A 26 22.93 9.71 6.84
N ILE A 27 22.47 9.04 5.79
CA ILE A 27 21.37 8.06 5.84
C ILE A 27 21.85 6.80 5.06
N ARG A 28 21.33 5.64 5.44
CA ARG A 28 21.76 4.38 4.83
C ARG A 28 20.62 3.73 4.13
N ILE A 29 20.91 3.15 2.98
CA ILE A 29 19.90 2.40 2.28
C ILE A 29 20.38 0.99 2.10
N TYR A 30 19.56 0.04 2.57
CA TYR A 30 19.72 -1.38 2.35
C TYR A 30 19.03 -1.65 1.02
N SER A 31 19.83 -1.91 -0.02
CA SER A 31 19.36 -2.06 -1.40
C SER A 31 19.73 -3.45 -1.97
N MET A 32 19.36 -3.69 -3.23
CA MET A 32 19.65 -4.87 -4.06
C MET A 32 19.79 -4.32 -5.49
N ARG A 33 20.99 -4.45 -6.06
CA ARG A 33 21.45 -3.85 -7.33
C ARG A 33 20.44 -3.84 -8.53
N PHE A 34 19.59 -4.87 -8.71
CA PHE A 34 18.65 -4.87 -9.85
C PHE A 34 17.19 -4.76 -9.39
N CYS A 35 16.96 -4.52 -8.09
CA CYS A 35 15.62 -4.46 -7.52
C CYS A 35 14.90 -3.16 -7.88
N PRO A 36 13.73 -3.27 -8.55
CA PRO A 36 12.99 -2.05 -8.93
C PRO A 36 12.41 -1.28 -7.74
N PHE A 37 12.04 -1.97 -6.66
CA PHE A 37 11.48 -1.36 -5.45
C PHE A 37 12.53 -0.49 -4.76
N ALA A 38 13.75 -1.06 -4.57
CA ALA A 38 14.88 -0.38 -3.95
C ALA A 38 15.34 0.80 -4.81
N GLU A 39 15.19 0.67 -6.15
CA GLU A 39 15.52 1.67 -7.14
C GLU A 39 14.72 2.96 -6.91
N ARG A 40 13.43 2.83 -6.55
CA ARG A 40 12.57 3.99 -6.22
C ARG A 40 13.27 4.93 -5.22
N THR A 41 13.73 4.37 -4.09
CA THR A 41 14.40 5.10 -3.02
C THR A 41 15.72 5.69 -3.50
N ARG A 42 16.44 4.93 -4.33
CA ARG A 42 17.72 5.37 -4.88
C ARG A 42 17.54 6.55 -5.84
N LEU A 43 16.44 6.57 -6.59
CA LEU A 43 16.11 7.65 -7.51
C LEU A 43 15.78 8.94 -6.71
N VAL A 44 15.08 8.81 -5.56
CA VAL A 44 14.72 9.94 -4.70
C VAL A 44 15.99 10.53 -4.08
N LEU A 45 16.85 9.67 -3.48
CA LEU A 45 18.12 10.05 -2.87
C LEU A 45 18.99 10.87 -3.84
N LYS A 46 19.13 10.40 -5.09
CA LYS A 46 19.85 11.11 -6.14
C LYS A 46 19.16 12.45 -6.48
N ALA A 47 17.86 12.40 -6.81
CA ALA A 47 17.04 13.58 -7.19
C ALA A 47 17.08 14.70 -6.13
N LYS A 48 17.03 14.34 -4.84
CA LYS A 48 17.03 15.31 -3.75
C LYS A 48 18.46 15.67 -3.27
N GLY A 49 19.47 15.07 -3.89
CA GLY A 49 20.87 15.26 -3.57
C GLY A 49 21.25 14.94 -2.15
N ILE A 50 20.60 13.92 -1.56
CA ILE A 50 20.83 13.51 -0.15
C ILE A 50 22.11 12.70 -0.04
N ARG A 51 22.96 13.01 0.96
CA ARG A 51 24.17 12.23 1.25
C ARG A 51 23.75 10.89 1.85
N HIS A 52 24.28 9.78 1.29
CA HIS A 52 23.93 8.45 1.76
C HIS A 52 24.94 7.35 1.41
N GLU A 53 24.89 6.24 2.17
CA GLU A 53 25.64 5.04 1.91
C GLU A 53 24.67 3.94 1.47
N VAL A 54 25.09 3.10 0.53
CA VAL A 54 24.29 1.99 0.05
C VAL A 54 24.89 0.68 0.56
N ILE A 55 24.05 -0.19 1.12
CA ILE A 55 24.49 -1.51 1.56
C ILE A 55 23.61 -2.51 0.83
N ASN A 56 24.22 -3.30 -0.05
CA ASN A 56 23.52 -4.29 -0.86
C ASN A 56 23.31 -5.58 -0.11
N ILE A 57 22.05 -6.05 -0.08
CA ILE A 57 21.63 -7.25 0.61
C ILE A 57 21.27 -8.31 -0.40
N ASN A 58 21.75 -9.55 -0.22
CA ASN A 58 21.37 -10.66 -1.09
C ASN A 58 20.07 -11.23 -0.53
N LEU A 59 18.93 -10.91 -1.16
CA LEU A 59 17.66 -11.37 -0.60
C LEU A 59 17.46 -12.89 -0.75
N LYS A 60 18.24 -13.54 -1.66
CA LYS A 60 18.17 -14.98 -1.90
C LYS A 60 19.16 -15.74 -0.95
N ASN A 61 19.84 -14.98 -0.06
CA ASN A 61 20.79 -15.48 0.94
C ASN A 61 20.96 -14.40 2.04
N LYS A 62 19.83 -13.97 2.64
CA LYS A 62 19.75 -12.89 3.64
C LYS A 62 20.60 -13.10 4.88
N PRO A 63 21.38 -12.07 5.32
CA PRO A 63 22.09 -12.21 6.60
C PRO A 63 21.07 -12.21 7.75
N GLU A 64 21.35 -12.96 8.82
CA GLU A 64 20.48 -13.11 9.99
C GLU A 64 20.17 -11.77 10.68
N TRP A 65 21.16 -10.84 10.72
CA TRP A 65 21.04 -9.53 11.34
C TRP A 65 20.05 -8.61 10.60
N PHE A 66 19.81 -8.87 9.29
CA PHE A 66 18.93 -8.05 8.48
C PHE A 66 17.45 -8.12 8.94
N PHE A 67 17.06 -9.24 9.61
CA PHE A 67 15.71 -9.47 10.15
C PHE A 67 15.35 -8.42 11.20
N LYS A 68 16.37 -7.85 11.85
CA LYS A 68 16.27 -6.82 12.87
C LYS A 68 16.05 -5.46 12.23
N LYS A 69 16.47 -5.27 10.98
CA LYS A 69 16.28 -4.02 10.22
C LYS A 69 14.85 -3.91 9.63
N ASN A 70 14.28 -5.07 9.18
CA ASN A 70 12.95 -5.15 8.60
C ASN A 70 12.32 -6.52 8.89
N PRO A 71 11.13 -6.58 9.54
CA PRO A 71 10.50 -7.88 9.79
C PRO A 71 10.06 -8.60 8.50
N PHE A 72 9.75 -7.85 7.43
CA PHE A 72 9.33 -8.42 6.15
C PHE A 72 10.52 -8.98 5.37
N GLY A 73 11.74 -8.62 5.76
CA GLY A 73 12.96 -9.08 5.12
C GLY A 73 13.09 -8.66 3.67
N LEU A 74 12.66 -7.42 3.39
CA LEU A 74 12.70 -6.86 2.05
C LEU A 74 13.49 -5.58 2.01
N VAL A 75 13.98 -5.23 0.82
CA VAL A 75 14.69 -3.99 0.57
C VAL A 75 13.73 -3.16 -0.29
N PRO A 76 13.70 -1.81 -0.20
CA PRO A 76 14.63 -0.92 0.52
C PRO A 76 14.30 -0.74 2.00
N VAL A 77 15.35 -0.41 2.77
CA VAL A 77 15.30 -0.06 4.18
C VAL A 77 16.22 1.14 4.36
N LEU A 78 15.71 2.21 4.99
CA LEU A 78 16.47 3.39 5.33
C LEU A 78 16.86 3.31 6.78
N GLU A 79 18.07 3.72 7.12
CA GLU A 79 18.55 3.77 8.51
C GLU A 79 19.30 5.11 8.74
N ASN A 80 18.95 5.83 9.81
CA ASN A 80 19.64 7.10 10.11
C ASN A 80 20.57 6.97 11.36
N SER A 81 21.24 8.10 11.73
CA SER A 81 22.17 8.22 12.87
C SER A 81 21.51 7.82 14.18
N GLN A 82 20.21 8.15 14.36
CA GLN A 82 19.42 7.85 15.56
C GLN A 82 18.94 6.39 15.60
N GLY A 83 19.35 5.61 14.60
CA GLY A 83 19.02 4.20 14.49
C GLY A 83 17.59 3.92 14.10
N GLN A 84 16.86 4.96 13.59
CA GLN A 84 15.47 4.87 13.11
C GLN A 84 15.44 4.13 11.79
N LEU A 85 14.52 3.16 11.66
CA LEU A 85 14.41 2.35 10.43
C LEU A 85 13.08 2.60 9.71
N ILE A 86 13.15 2.76 8.37
CA ILE A 86 11.98 3.01 7.53
C ILE A 86 12.01 2.01 6.39
N TYR A 87 10.92 1.22 6.24
CA TYR A 87 10.80 0.28 5.14
C TYR A 87 9.50 0.54 4.34
N GLU A 88 9.28 -0.20 3.22
CA GLU A 88 8.23 -0.05 2.19
C GLU A 88 8.72 1.07 1.27
N SER A 89 8.98 0.72 0.00
CA SER A 89 9.53 1.62 -0.99
C SER A 89 8.75 2.92 -1.11
N ALA A 90 7.41 2.89 -1.09
CA ALA A 90 6.67 4.18 -1.20
C ALA A 90 6.87 5.02 0.09
N ILE A 91 6.86 4.35 1.25
CA ILE A 91 7.03 5.00 2.56
C ILE A 91 8.41 5.69 2.67
N THR A 92 9.48 5.03 2.18
CA THR A 92 10.83 5.61 2.23
C THR A 92 10.93 6.86 1.36
N CYS A 93 10.29 6.82 0.20
CA CYS A 93 10.31 7.94 -0.73
C CYS A 93 9.64 9.12 -0.14
N GLU A 94 8.47 8.92 0.48
CA GLU A 94 7.73 10.01 1.14
C GLU A 94 8.54 10.59 2.32
N TYR A 95 9.16 9.70 3.15
CA TYR A 95 9.99 10.10 4.28
C TYR A 95 11.11 11.03 3.82
N LEU A 96 11.91 10.59 2.84
CA LEU A 96 13.02 11.37 2.31
C LEU A 96 12.57 12.77 1.84
N ASP A 97 11.44 12.82 1.11
CA ASP A 97 10.89 14.06 0.59
C ASP A 97 10.51 15.02 1.69
N GLU A 98 9.95 14.49 2.79
CA GLU A 98 9.54 15.29 3.94
C GLU A 98 10.72 15.67 4.86
N ALA A 99 11.66 14.75 5.08
CA ALA A 99 12.77 14.91 6.02
C ALA A 99 13.99 15.68 5.47
N TYR A 100 14.10 15.85 4.14
CA TYR A 100 15.29 16.49 3.60
C TYR A 100 14.98 17.73 2.79
N PRO A 101 15.91 18.73 2.82
CA PRO A 101 15.67 19.98 2.07
C PRO A 101 15.71 19.81 0.55
N GLY A 102 15.42 20.90 -0.14
CA GLY A 102 15.39 20.95 -1.61
C GLY A 102 13.99 21.04 -2.15
N LYS A 103 13.87 20.88 -3.48
CA LYS A 103 12.60 20.87 -4.18
C LYS A 103 11.85 19.60 -3.81
N LYS A 104 10.56 19.78 -3.49
CA LYS A 104 9.69 18.68 -3.12
C LYS A 104 9.28 17.91 -4.36
N LEU A 105 9.41 16.58 -4.30
CA LEU A 105 9.03 15.68 -5.37
C LEU A 105 7.55 15.48 -5.36
N LEU A 106 6.95 15.47 -4.16
CA LEU A 106 5.50 15.33 -3.96
C LEU A 106 4.89 16.69 -3.90
N PRO A 107 3.73 16.92 -4.58
CA PRO A 107 3.14 18.28 -4.57
C PRO A 107 2.60 18.67 -3.20
N ASP A 108 2.72 19.97 -2.86
CA ASP A 108 2.26 20.53 -1.60
C ASP A 108 0.73 20.37 -1.43
N ASP A 109 -0.02 20.52 -2.51
CA ASP A 109 -1.47 20.41 -2.51
C ASP A 109 -1.97 19.02 -2.09
N PRO A 110 -2.84 18.96 -1.03
CA PRO A 110 -3.39 17.68 -0.59
C PRO A 110 -4.09 16.86 -1.71
N TYR A 111 -4.95 17.49 -2.54
CA TYR A 111 -5.64 16.80 -3.64
C TYR A 111 -4.65 16.27 -4.69
N GLU A 112 -3.64 17.07 -5.10
CA GLU A 112 -2.64 16.62 -6.07
C GLU A 112 -1.80 15.50 -5.48
N LYS A 113 -1.45 15.58 -4.18
CA LYS A 113 -0.70 14.54 -3.51
C LYS A 113 -1.56 13.22 -3.56
N ALA A 114 -2.90 13.34 -3.32
CA ALA A 114 -3.86 12.23 -3.37
C ALA A 114 -3.91 11.59 -4.75
N CYS A 115 -3.90 12.42 -5.83
CA CYS A 115 -3.88 11.99 -7.22
C CYS A 115 -2.68 11.11 -7.48
N GLN A 116 -1.48 11.55 -7.07
CA GLN A 116 -0.27 10.79 -7.30
C GLN A 116 -0.44 9.41 -6.69
N LYS A 117 -0.93 9.37 -5.42
CA LYS A 117 -1.19 8.15 -4.65
C LYS A 117 -2.30 7.29 -5.36
N MET A 118 -3.30 7.96 -5.99
CA MET A 118 -4.34 7.27 -6.74
C MET A 118 -3.76 6.66 -8.03
N ILE A 119 -2.81 7.36 -8.69
CA ILE A 119 -2.15 6.87 -9.89
C ILE A 119 -1.32 5.65 -9.51
N LEU A 120 -0.63 5.72 -8.34
CA LEU A 120 0.20 4.62 -7.82
C LEU A 120 -0.65 3.34 -7.68
N GLU A 121 -1.92 3.46 -7.26
CA GLU A 121 -2.85 2.32 -7.17
C GLU A 121 -3.17 1.76 -8.56
N LEU A 122 -3.39 2.63 -9.57
CA LEU A 122 -3.63 2.20 -10.95
C LEU A 122 -2.44 1.41 -11.52
N PHE A 123 -1.25 1.58 -10.93
CA PHE A 123 -0.02 0.90 -11.35
C PHE A 123 0.24 -0.40 -10.57
N SER A 124 -0.33 -0.55 -9.35
CA SER A 124 -0.14 -1.65 -8.40
C SER A 124 -0.13 -3.06 -9.00
N LYS A 125 -0.83 -3.29 -10.12
CA LYS A 125 -0.91 -4.61 -10.77
C LYS A 125 0.32 -4.94 -11.63
N VAL A 126 1.01 -3.93 -12.17
CA VAL A 126 2.19 -4.09 -13.02
C VAL A 126 3.34 -4.85 -12.28
N PRO A 127 3.82 -4.46 -11.07
CA PRO A 127 4.92 -5.22 -10.45
C PRO A 127 4.66 -6.72 -10.33
N SER A 128 3.43 -7.12 -9.93
CA SER A 128 3.06 -8.54 -9.80
C SER A 128 3.05 -9.27 -11.15
N LEU A 129 2.59 -8.58 -12.21
CA LEU A 129 2.58 -9.13 -13.57
C LEU A 129 4.00 -9.37 -14.04
N VAL A 130 4.91 -8.39 -13.79
CA VAL A 130 6.32 -8.45 -14.13
C VAL A 130 6.91 -9.72 -13.47
N GLY A 131 6.63 -9.92 -12.18
CA GLY A 131 7.08 -11.07 -11.40
C GLY A 131 6.68 -12.40 -12.00
N SER A 132 5.40 -12.50 -12.42
CA SER A 132 4.85 -13.71 -13.03
C SER A 132 5.52 -14.01 -14.37
N PHE A 133 5.91 -12.94 -15.12
CA PHE A 133 6.56 -13.03 -16.42
C PHE A 133 7.99 -13.58 -16.31
N ILE A 134 8.68 -13.23 -15.20
CA ILE A 134 10.05 -13.68 -14.91
C ILE A 134 10.05 -15.17 -14.47
N ARG A 135 9.08 -15.56 -13.60
CA ARG A 135 8.88 -16.91 -13.04
C ARG A 135 8.36 -17.92 -14.08
N LYS A 139 5.42 -20.28 -19.16
CA LYS A 139 5.47 -21.39 -20.11
C LYS A 139 4.71 -20.99 -21.39
N GLU A 140 3.48 -21.50 -21.61
CA GLU A 140 2.69 -21.13 -22.79
C GLU A 140 1.94 -19.79 -22.57
N ASP A 141 1.85 -19.35 -21.30
CA ASP A 141 1.09 -18.17 -20.88
C ASP A 141 1.87 -16.84 -20.85
N TYR A 142 2.87 -16.66 -21.74
CA TYR A 142 3.51 -15.35 -21.93
C TYR A 142 2.48 -14.46 -22.64
N ALA A 143 1.62 -15.09 -23.48
CA ALA A 143 0.56 -14.47 -24.30
C ALA A 143 -0.51 -13.76 -23.46
N GLY A 144 -0.97 -14.41 -22.39
CA GLY A 144 -1.96 -13.90 -21.46
C GLY A 144 -1.43 -12.74 -20.64
N LEU A 145 -0.15 -12.85 -20.21
CA LEU A 145 0.54 -11.81 -19.44
C LEU A 145 0.74 -10.56 -20.30
N LYS A 146 1.11 -10.73 -21.59
CA LYS A 146 1.29 -9.62 -22.54
C LYS A 146 -0.02 -8.86 -22.71
N GLU A 147 -1.15 -9.60 -22.80
CA GLU A 147 -2.51 -9.04 -22.93
C GLU A 147 -2.92 -8.31 -21.63
N GLU A 148 -2.45 -8.81 -20.49
CA GLU A 148 -2.71 -8.21 -19.18
C GLU A 148 -1.95 -6.90 -19.04
N PHE A 149 -0.68 -6.86 -19.53
CA PHE A 149 0.17 -5.68 -19.51
C PHE A 149 -0.49 -4.56 -20.30
N ARG A 150 -0.96 -4.86 -21.53
CA ARG A 150 -1.65 -3.91 -22.42
C ARG A 150 -2.86 -3.29 -21.71
N LYS A 151 -3.70 -4.12 -21.08
CA LYS A 151 -4.87 -3.66 -20.32
C LYS A 151 -4.47 -2.65 -19.22
N GLU A 152 -3.37 -2.94 -18.51
CA GLU A 152 -2.86 -2.13 -17.42
C GLU A 152 -2.25 -0.83 -17.91
N PHE A 153 -1.50 -0.92 -19.01
CA PHE A 153 -0.83 0.22 -19.62
C PHE A 153 -1.86 1.21 -20.19
N THR A 154 -3.00 0.69 -20.73
CA THR A 154 -4.10 1.48 -21.27
C THR A 154 -4.64 2.41 -20.17
N LYS A 155 -4.76 1.92 -18.93
CA LYS A 155 -5.25 2.73 -17.81
C LYS A 155 -4.31 3.92 -17.55
N LEU A 156 -2.99 3.64 -17.62
CA LEU A 156 -1.96 4.65 -17.38
C LEU A 156 -1.93 5.68 -18.51
N GLU A 157 -2.11 5.23 -19.75
CA GLU A 157 -2.19 6.08 -20.93
C GLU A 157 -3.37 7.06 -20.77
N GLU A 158 -4.56 6.56 -20.30
CA GLU A 158 -5.79 7.33 -20.07
C GLU A 158 -5.51 8.46 -19.08
N VAL A 159 -4.60 8.24 -18.12
CA VAL A 159 -4.22 9.26 -17.13
C VAL A 159 -3.58 10.43 -17.89
N LEU A 160 -2.46 10.14 -18.58
CA LEU A 160 -1.69 11.09 -19.39
C LEU A 160 -2.56 11.81 -20.42
N THR A 161 -3.47 11.08 -21.09
CA THR A 161 -4.39 11.62 -22.11
C THR A 161 -5.28 12.70 -21.46
N ASN A 162 -5.93 12.38 -20.32
CA ASN A 162 -6.79 13.30 -19.60
C ASN A 162 -5.99 14.46 -19.00
N LYS A 163 -4.81 14.19 -18.43
CA LYS A 163 -3.90 15.16 -17.82
C LYS A 163 -3.41 16.20 -18.87
N LYS A 164 -3.22 15.75 -20.14
CA LYS A 164 -2.76 16.53 -21.29
C LYS A 164 -1.35 17.10 -21.04
N THR A 165 -0.55 16.37 -20.23
CA THR A 165 0.84 16.67 -19.86
C THR A 165 1.78 15.49 -20.21
N THR A 166 3.10 15.77 -20.24
CA THR A 166 4.12 14.75 -20.52
C THR A 166 4.25 13.74 -19.33
N PHE A 167 4.25 14.25 -18.08
CA PHE A 167 4.44 13.38 -16.90
C PHE A 167 3.13 13.16 -16.11
N PHE A 168 3.12 12.10 -15.25
CA PHE A 168 1.97 11.71 -14.41
C PHE A 168 1.61 12.78 -13.34
N GLY A 169 2.44 13.79 -13.18
CA GLY A 169 2.18 14.86 -12.23
C GLY A 169 2.45 16.24 -12.79
N GLY A 170 2.22 16.42 -14.10
CA GLY A 170 2.39 17.70 -14.79
C GLY A 170 3.38 17.69 -15.93
N ASN A 171 3.83 18.89 -16.36
CA ASN A 171 4.78 19.02 -17.47
C ASN A 171 6.24 18.95 -17.02
N SER A 172 6.45 18.71 -15.73
CA SER A 172 7.76 18.48 -15.13
C SER A 172 7.64 17.19 -14.39
N ILE A 173 8.78 16.59 -14.08
CA ILE A 173 8.90 15.30 -13.40
C ILE A 173 8.58 15.44 -11.90
N SER A 174 7.99 14.38 -11.30
CA SER A 174 7.68 14.36 -9.88
C SER A 174 7.77 12.94 -9.32
N MET A 175 7.51 12.81 -8.03
CA MET A 175 7.56 11.57 -7.27
C MET A 175 6.92 10.35 -8.00
N ILE A 176 5.67 10.50 -8.48
CA ILE A 176 4.92 9.41 -9.11
C ILE A 176 5.69 8.84 -10.33
N ASP A 177 6.42 9.70 -11.08
CA ASP A 177 7.17 9.30 -12.24
C ASP A 177 8.29 8.36 -11.79
N TYR A 178 9.08 8.78 -10.80
CA TYR A 178 10.16 7.97 -10.20
C TYR A 178 9.62 6.67 -9.60
N LEU A 179 8.43 6.70 -8.97
CA LEU A 179 7.85 5.49 -8.41
C LEU A 179 7.49 4.43 -9.47
N ILE A 180 6.88 4.81 -10.61
CA ILE A 180 6.46 3.81 -11.58
C ILE A 180 7.60 3.46 -12.60
N TRP A 181 8.58 4.37 -12.83
CA TRP A 181 9.67 4.24 -13.81
C TRP A 181 10.45 2.90 -13.81
N PRO A 182 10.97 2.34 -12.66
CA PRO A 182 11.78 1.11 -12.74
C PRO A 182 11.16 -0.08 -13.50
N TRP A 183 9.84 -0.25 -13.49
CA TRP A 183 9.23 -1.35 -14.23
C TRP A 183 9.26 -1.09 -15.74
N PHE A 184 9.05 0.18 -16.18
CA PHE A 184 9.10 0.55 -17.60
C PHE A 184 10.53 0.52 -18.11
N GLU A 185 11.49 0.84 -17.22
CA GLU A 185 12.93 0.79 -17.49
C GLU A 185 13.37 -0.65 -17.90
N ARG A 186 12.66 -1.69 -17.42
CA ARG A 186 12.96 -3.10 -17.63
C ARG A 186 12.17 -3.76 -18.79
N LEU A 187 11.21 -3.03 -19.41
CA LEU A 187 10.39 -3.55 -20.51
C LEU A 187 11.23 -4.05 -21.69
N GLU A 188 12.18 -3.21 -22.18
CA GLU A 188 13.08 -3.56 -23.28
C GLU A 188 13.85 -4.82 -22.96
N ALA A 189 14.43 -4.93 -21.74
CA ALA A 189 15.19 -6.12 -21.33
C ALA A 189 14.30 -7.37 -21.22
N MET A 190 13.03 -7.21 -20.83
CA MET A 190 12.06 -8.30 -20.74
C MET A 190 11.47 -8.67 -22.11
N LYS A 191 11.84 -7.90 -23.19
CA LYS A 191 11.37 -8.06 -24.57
C LYS A 191 9.85 -7.84 -24.63
N LEU A 192 9.39 -6.75 -23.99
CA LEU A 192 7.97 -6.39 -23.90
C LEU A 192 7.65 -4.99 -24.48
N ASN A 193 8.48 -4.49 -25.42
CA ASN A 193 8.26 -3.18 -26.04
C ASN A 193 6.94 -3.11 -26.84
N GLU A 194 6.46 -4.26 -27.37
CA GLU A 194 5.21 -4.32 -28.13
C GLU A 194 3.99 -4.01 -27.24
N CYS A 195 4.12 -4.16 -25.91
CA CYS A 195 3.04 -3.95 -24.96
C CYS A 195 2.71 -2.46 -24.80
N VAL A 196 3.55 -1.54 -25.34
CA VAL A 196 3.27 -0.09 -25.28
C VAL A 196 2.99 0.50 -26.69
N ASP A 197 2.79 -0.37 -27.70
CA ASP A 197 2.56 0.09 -29.07
C ASP A 197 1.23 0.87 -29.21
N HIS A 198 0.21 0.53 -28.38
CA HIS A 198 -1.11 1.13 -28.40
C HIS A 198 -1.22 2.30 -27.41
N THR A 199 -0.11 2.65 -26.76
CA THR A 199 -0.10 3.72 -25.76
C THR A 199 0.95 4.78 -26.18
N PRO A 200 0.60 5.67 -27.13
CA PRO A 200 1.58 6.68 -27.61
C PRO A 200 2.15 7.62 -26.54
N LYS A 201 1.27 8.22 -25.69
CA LYS A 201 1.72 9.15 -24.64
C LYS A 201 2.66 8.49 -23.62
N LEU A 202 2.44 7.19 -23.35
CA LEU A 202 3.25 6.41 -22.41
C LEU A 202 4.61 6.11 -23.04
N LYS A 203 4.67 5.91 -24.38
CA LYS A 203 5.93 5.71 -25.10
C LYS A 203 6.76 7.01 -25.05
N LEU A 204 6.09 8.16 -25.21
CA LEU A 204 6.71 9.48 -25.15
C LEU A 204 7.24 9.76 -23.74
N TRP A 205 6.48 9.35 -22.69
CA TRP A 205 6.84 9.54 -21.28
C TRP A 205 8.16 8.76 -20.95
N MET A 206 8.28 7.50 -21.41
CA MET A 206 9.47 6.64 -21.28
C MET A 206 10.72 7.30 -21.89
N ALA A 207 10.54 7.98 -23.03
CA ALA A 207 11.60 8.71 -23.72
C ALA A 207 12.00 9.94 -22.90
N ALA A 208 11.00 10.65 -22.30
CA ALA A 208 11.22 11.83 -21.46
C ALA A 208 12.00 11.44 -20.22
N MET A 209 11.65 10.29 -19.61
CA MET A 209 12.29 9.76 -18.42
C MET A 209 13.80 9.54 -18.64
N LYS A 210 14.16 8.86 -19.76
CA LYS A 210 15.56 8.56 -20.12
C LYS A 210 16.38 9.86 -20.30
N GLU A 211 15.73 10.98 -20.59
CA GLU A 211 16.43 12.27 -20.75
C GLU A 211 16.71 12.92 -19.40
N ASP A 212 16.01 12.48 -18.35
CA ASP A 212 16.15 13.07 -17.02
C ASP A 212 17.53 12.71 -16.40
N PRO A 213 18.28 13.71 -15.89
CA PRO A 213 19.62 13.44 -15.32
C PRO A 213 19.66 12.36 -14.21
N THR A 214 18.66 12.37 -13.30
CA THR A 214 18.59 11.40 -12.21
C THR A 214 18.39 9.98 -12.78
N VAL A 215 17.43 9.81 -13.70
CA VAL A 215 17.13 8.55 -14.36
C VAL A 215 18.39 8.08 -15.12
N SER A 216 18.99 8.97 -15.88
CA SER A 216 20.18 8.70 -16.69
C SER A 216 21.34 8.15 -15.81
N ALA A 217 21.61 8.79 -14.66
CA ALA A 217 22.70 8.43 -13.75
C ALA A 217 22.57 7.00 -13.22
N LEU A 218 21.34 6.57 -12.87
CA LEU A 218 21.02 5.28 -12.28
C LEU A 218 20.62 4.19 -13.32
N LEU A 219 20.84 4.44 -14.62
CA LEU A 219 20.49 3.48 -15.69
C LEU A 219 21.38 2.25 -15.68
N THR A 220 20.87 1.12 -16.23
CA THR A 220 21.57 -0.16 -16.33
C THR A 220 21.67 -0.57 -17.81
N SER A 221 22.82 -1.15 -18.22
CA SER A 221 23.03 -1.63 -19.57
C SER A 221 22.15 -2.86 -19.88
N GLU A 222 21.92 -3.13 -21.18
CA GLU A 222 21.14 -4.29 -21.64
C GLU A 222 21.86 -5.58 -21.26
N LYS A 223 23.22 -5.59 -21.34
CA LYS A 223 24.09 -6.72 -20.99
C LYS A 223 23.93 -7.09 -19.52
N ASP A 224 23.89 -6.08 -18.62
CA ASP A 224 23.71 -6.30 -17.18
C ASP A 224 22.29 -6.79 -16.88
N TRP A 225 21.29 -6.23 -17.61
CA TRP A 225 19.89 -6.61 -17.48
C TRP A 225 19.68 -8.09 -17.86
N GLN A 226 20.23 -8.49 -19.01
CA GLN A 226 20.13 -9.85 -19.55
C GLN A 226 20.87 -10.84 -18.67
N GLY A 227 22.02 -10.42 -18.14
CA GLY A 227 22.84 -11.25 -17.27
C GLY A 227 22.11 -11.59 -15.98
N PHE A 228 21.53 -10.58 -15.36
CA PHE A 228 20.76 -10.74 -14.13
C PHE A 228 19.51 -11.63 -14.39
N LEU A 229 18.80 -11.40 -15.52
CA LEU A 229 17.60 -12.14 -15.87
C LEU A 229 17.87 -13.63 -16.03
N GLU A 230 18.97 -14.00 -16.75
CA GLU A 230 19.36 -15.39 -16.96
C GLU A 230 19.53 -16.08 -15.61
N LEU A 231 20.23 -15.42 -14.67
CA LEU A 231 20.46 -15.93 -13.32
C LEU A 231 19.15 -15.94 -12.47
N TYR A 232 18.21 -14.99 -12.71
CA TYR A 232 16.90 -14.92 -12.04
C TYR A 232 16.05 -16.12 -12.45
N LEU A 233 16.03 -16.41 -13.78
CA LEU A 233 15.30 -17.53 -14.35
C LEU A 233 15.84 -18.89 -13.83
N GLN A 234 17.11 -18.93 -13.38
CA GLN A 234 17.77 -20.11 -12.82
C GLN A 234 17.66 -20.11 -11.26
N ASN A 235 16.95 -19.09 -10.70
CA ASN A 235 16.71 -18.86 -9.26
C ASN A 235 18.03 -18.86 -8.45
N SER A 236 19.10 -18.35 -9.08
CA SER A 236 20.45 -18.29 -8.53
C SER A 236 20.59 -17.23 -7.42
N PRO A 237 21.28 -17.55 -6.29
CA PRO A 237 21.50 -16.54 -5.24
C PRO A 237 22.55 -15.50 -5.67
N GLU A 238 23.44 -15.88 -6.61
CA GLU A 238 24.50 -15.05 -7.18
C GLU A 238 24.00 -14.01 -8.21
N ALA A 239 22.69 -14.03 -8.54
CA ALA A 239 22.04 -13.16 -9.53
C ALA A 239 22.25 -11.66 -9.28
N CYS A 240 22.08 -11.19 -8.04
CA CYS A 240 22.21 -9.78 -7.68
C CYS A 240 23.66 -9.28 -7.71
N ASP A 241 24.64 -10.19 -7.89
CA ASP A 241 26.05 -9.84 -7.98
C ASP A 241 26.54 -10.03 -9.44
N TYR A 242 25.62 -9.84 -10.43
CA TYR A 242 26.00 -9.97 -11.84
C TYR A 242 26.95 -8.82 -12.24
N GLY A 243 28.15 -9.21 -12.67
CA GLY A 243 29.24 -8.32 -13.02
C GLY A 243 30.14 -8.21 -11.80
N LEU A 244 30.04 -7.05 -11.10
CA LEU A 244 30.77 -6.78 -9.86
C LEU A 244 29.75 -6.29 -8.79
N ALA B 9 52.99 -42.31 -6.26
CA ALA B 9 53.10 -42.85 -4.90
C ALA B 9 52.58 -44.29 -4.83
N ARG B 10 53.52 -45.22 -4.54
CA ARG B 10 53.26 -46.66 -4.45
C ARG B 10 52.35 -46.95 -3.26
N SER B 11 51.43 -47.91 -3.42
CA SER B 11 50.47 -48.28 -2.39
C SER B 11 51.13 -49.05 -1.24
N LEU B 12 50.58 -48.88 -0.03
CA LEU B 12 51.00 -49.58 1.17
C LEU B 12 50.10 -50.80 1.34
N GLY B 13 50.73 -51.94 1.53
CA GLY B 13 50.01 -53.20 1.72
C GLY B 13 50.37 -53.89 3.01
N LYS B 14 49.99 -55.18 3.15
CA LYS B 14 50.33 -55.98 4.33
C LYS B 14 51.82 -55.88 4.61
N GLY B 15 52.18 -55.62 5.85
CA GLY B 15 53.60 -55.55 6.21
C GLY B 15 54.23 -54.18 6.21
N SER B 16 53.57 -53.20 5.55
CA SER B 16 54.04 -51.82 5.52
C SER B 16 53.87 -51.16 6.87
N ALA B 17 54.78 -50.24 7.23
CA ALA B 17 54.73 -49.50 8.49
C ALA B 17 53.60 -48.49 8.47
N PRO B 18 52.82 -48.34 9.58
CA PRO B 18 51.78 -47.29 9.58
C PRO B 18 52.42 -45.91 9.60
N PRO B 19 51.81 -44.90 8.94
CA PRO B 19 52.44 -43.56 8.92
C PRO B 19 52.33 -42.87 10.27
N GLY B 20 53.21 -41.91 10.51
CA GLY B 20 53.25 -41.16 11.74
C GLY B 20 52.10 -40.20 11.91
N PRO B 21 52.08 -39.40 13.00
CA PRO B 21 51.01 -38.40 13.15
C PRO B 21 51.08 -37.33 12.07
N VAL B 22 49.92 -36.78 11.73
CA VAL B 22 49.76 -35.75 10.70
C VAL B 22 50.29 -34.41 11.22
N PRO B 23 51.27 -33.78 10.54
CA PRO B 23 51.78 -32.48 11.02
C PRO B 23 50.68 -31.42 11.08
N GLU B 24 50.78 -30.48 12.05
CA GLU B 24 49.82 -29.40 12.23
C GLU B 24 49.76 -28.51 11.01
N GLY B 25 48.55 -28.12 10.61
CA GLY B 25 48.32 -27.33 9.41
C GLY B 25 48.29 -28.16 8.15
N SER B 26 48.07 -29.46 8.30
CA SER B 26 47.98 -30.41 7.21
C SER B 26 46.90 -31.50 7.51
N ILE B 27 46.38 -32.14 6.44
CA ILE B 27 45.39 -33.22 6.54
C ILE B 27 45.89 -34.39 5.65
N ARG B 28 45.42 -35.60 5.92
CA ARG B 28 45.88 -36.79 5.21
C ARG B 28 44.72 -37.48 4.58
N ILE B 29 44.94 -37.98 3.38
CA ILE B 29 43.92 -38.76 2.73
C ILE B 29 44.46 -40.12 2.43
N TYR B 30 43.74 -41.15 2.88
CA TYR B 30 43.98 -42.55 2.53
C TYR B 30 43.17 -42.78 1.26
N SER B 31 43.87 -42.93 0.16
CA SER B 31 43.26 -43.04 -1.16
C SER B 31 43.67 -44.40 -1.85
N MET B 32 43.16 -44.61 -3.06
CA MET B 32 43.45 -45.68 -4.01
C MET B 32 43.36 -44.99 -5.39
N ARG B 33 44.51 -44.94 -6.11
CA ARG B 33 44.71 -44.21 -7.37
C ARG B 33 43.56 -44.30 -8.45
N PHE B 34 42.80 -45.40 -8.55
CA PHE B 34 41.75 -45.50 -9.56
C PHE B 34 40.34 -45.55 -8.95
N CYS B 35 40.26 -45.34 -7.63
CA CYS B 35 39.00 -45.40 -6.92
C CYS B 35 38.18 -44.12 -7.14
N PRO B 36 36.98 -44.28 -7.75
CA PRO B 36 36.12 -43.12 -8.03
C PRO B 36 35.64 -42.41 -6.75
N PHE B 37 35.38 -43.17 -5.66
CA PHE B 37 34.94 -42.64 -4.36
C PHE B 37 36.00 -41.73 -3.73
N ALA B 38 37.28 -42.19 -3.72
CA ALA B 38 38.40 -41.44 -3.14
C ALA B 38 38.72 -40.19 -4.02
N GLU B 39 38.45 -40.31 -5.32
CA GLU B 39 38.62 -39.24 -6.29
C GLU B 39 37.73 -38.03 -5.94
N ARG B 40 36.52 -38.27 -5.42
CA ARG B 40 35.65 -37.19 -4.92
C ARG B 40 36.41 -36.29 -3.94
N THR B 41 37.01 -36.90 -2.89
CA THR B 41 37.75 -36.20 -1.84
C THR B 41 38.94 -35.48 -2.42
N ARG B 42 39.66 -36.15 -3.33
CA ARG B 42 40.84 -35.59 -3.98
C ARG B 42 40.50 -34.38 -4.84
N LEU B 43 39.33 -34.41 -5.48
CA LEU B 43 38.85 -33.29 -6.30
C LEU B 43 38.55 -32.04 -5.42
N VAL B 44 37.94 -32.25 -4.23
CA VAL B 44 37.61 -31.19 -3.30
C VAL B 44 38.91 -30.55 -2.76
N LEU B 45 39.87 -31.40 -2.27
CA LEU B 45 41.16 -30.96 -1.76
C LEU B 45 41.87 -30.04 -2.76
N LYS B 46 41.92 -30.46 -4.05
CA LYS B 46 42.53 -29.66 -5.13
C LYS B 46 41.75 -28.35 -5.33
N ALA B 47 40.41 -28.43 -5.54
CA ALA B 47 39.49 -27.30 -5.77
C ALA B 47 39.61 -26.22 -4.70
N LYS B 48 39.70 -26.63 -3.40
CA LYS B 48 39.77 -25.72 -2.27
C LYS B 48 41.22 -25.30 -1.93
N GLY B 49 42.20 -25.81 -2.68
CA GLY B 49 43.62 -25.55 -2.46
C GLY B 49 44.15 -25.95 -1.07
N ILE B 50 43.61 -27.04 -0.49
CA ILE B 50 43.98 -27.49 0.85
C ILE B 50 45.34 -28.21 0.82
N ARG B 51 46.23 -27.92 1.80
CA ARG B 51 47.51 -28.62 1.96
C ARG B 51 47.24 -30.01 2.53
N HIS B 52 47.75 -31.05 1.84
CA HIS B 52 47.51 -32.42 2.27
C HIS B 52 48.52 -33.42 1.76
N GLU B 53 48.62 -34.57 2.45
CA GLU B 53 49.43 -35.72 2.04
C GLU B 53 48.48 -36.86 1.61
N VAL B 54 48.85 -37.58 0.56
CA VAL B 54 48.06 -38.71 0.05
C VAL B 54 48.78 -39.98 0.39
N ILE B 55 48.06 -40.92 0.99
CA ILE B 55 48.64 -42.23 1.28
C ILE B 55 47.75 -43.23 0.59
N ASN B 56 48.32 -43.90 -0.43
CA ASN B 56 47.64 -44.89 -1.23
C ASN B 56 47.66 -46.22 -0.54
N ILE B 57 46.46 -46.82 -0.43
CA ILE B 57 46.25 -48.12 0.20
C ILE B 57 45.93 -49.14 -0.86
N ASN B 58 46.60 -50.30 -0.82
CA ASN B 58 46.31 -51.40 -1.76
C ASN B 58 45.14 -52.17 -1.18
N LEU B 59 43.94 -51.98 -1.74
CA LEU B 59 42.76 -52.65 -1.20
C LEU B 59 42.77 -54.18 -1.45
N LYS B 60 43.60 -54.66 -2.38
CA LYS B 60 43.72 -56.09 -2.66
C LYS B 60 44.84 -56.75 -1.82
N ASN B 61 45.43 -55.97 -0.90
CA ASN B 61 46.50 -56.38 0.02
C ASN B 61 46.58 -55.33 1.14
N LYS B 62 45.43 -55.05 1.81
CA LYS B 62 45.29 -54.03 2.85
C LYS B 62 46.24 -54.22 4.03
N PRO B 63 46.94 -53.14 4.50
CA PRO B 63 47.77 -53.28 5.71
C PRO B 63 46.84 -53.50 6.91
N GLU B 64 47.30 -54.29 7.91
CA GLU B 64 46.54 -54.63 9.10
C GLU B 64 46.16 -53.36 9.90
N TRP B 65 47.08 -52.37 9.97
CA TRP B 65 46.86 -51.13 10.70
C TRP B 65 45.75 -50.25 10.09
N PHE B 66 45.41 -50.45 8.81
CA PHE B 66 44.40 -49.64 8.13
C PHE B 66 42.99 -49.84 8.71
N PHE B 67 42.72 -51.00 9.31
CA PHE B 67 41.41 -51.26 9.86
C PHE B 67 41.15 -50.43 11.12
N LYS B 68 42.21 -49.90 11.73
CA LYS B 68 42.12 -49.00 12.87
C LYS B 68 41.72 -47.58 12.39
N LYS B 69 42.00 -47.25 11.10
CA LYS B 69 41.63 -45.98 10.47
C LYS B 69 40.16 -45.97 10.05
N ASN B 70 39.66 -47.13 9.56
CA ASN B 70 38.27 -47.28 9.12
C ASN B 70 37.79 -48.71 9.40
N PRO B 71 36.70 -48.91 10.19
CA PRO B 71 36.21 -50.27 10.42
C PRO B 71 35.67 -50.95 9.14
N PHE B 72 35.14 -50.15 8.18
CA PHE B 72 34.63 -50.66 6.91
C PHE B 72 35.77 -51.07 5.95
N GLY B 73 37.01 -50.65 6.23
CA GLY B 73 38.19 -50.97 5.43
C GLY B 73 38.09 -50.45 4.01
N LEU B 74 37.54 -49.24 3.87
CA LEU B 74 37.38 -48.59 2.58
C LEU B 74 38.08 -47.25 2.54
N VAL B 75 38.40 -46.80 1.33
CA VAL B 75 38.96 -45.47 1.12
C VAL B 75 37.84 -44.66 0.43
N PRO B 76 37.74 -43.32 0.59
CA PRO B 76 38.70 -42.41 1.27
C PRO B 76 38.53 -42.37 2.78
N VAL B 77 39.63 -41.99 3.46
CA VAL B 77 39.69 -41.73 4.89
C VAL B 77 40.55 -40.46 5.05
N LEU B 78 40.02 -39.47 5.79
CA LEU B 78 40.73 -38.24 6.13
C LEU B 78 41.25 -38.38 7.53
N GLU B 79 42.50 -37.91 7.78
CA GLU B 79 43.08 -37.91 9.11
C GLU B 79 43.74 -36.54 9.37
N ASN B 80 43.43 -35.90 10.54
CA ASN B 80 44.03 -34.61 10.87
C ASN B 80 45.08 -34.73 12.01
N SER B 81 45.65 -33.56 12.41
CA SER B 81 46.65 -33.41 13.49
C SER B 81 46.17 -33.98 14.82
N GLN B 82 44.88 -33.81 15.13
CA GLN B 82 44.28 -34.28 16.38
C GLN B 82 43.93 -35.78 16.32
N GLY B 83 44.32 -36.43 15.23
CA GLY B 83 44.09 -37.85 15.01
C GLY B 83 42.67 -38.24 14.73
N GLN B 84 41.81 -37.24 14.40
CA GLN B 84 40.39 -37.43 14.05
C GLN B 84 40.29 -38.07 12.69
N LEU B 85 39.45 -39.10 12.56
CA LEU B 85 39.26 -39.83 11.30
C LEU B 85 37.85 -39.61 10.71
N ILE B 86 37.78 -39.34 9.40
CA ILE B 86 36.52 -39.11 8.72
C ILE B 86 36.47 -40.03 7.51
N TYR B 87 35.44 -40.89 7.43
CA TYR B 87 35.29 -41.77 6.28
C TYR B 87 33.90 -41.55 5.63
N GLU B 88 33.63 -42.22 4.49
CA GLU B 88 32.47 -42.06 3.59
C GLU B 88 32.75 -40.84 2.71
N SER B 89 32.96 -41.08 1.41
CA SER B 89 33.36 -40.05 0.46
C SER B 89 32.49 -38.78 0.51
N ALA B 90 31.14 -38.89 0.60
CA ALA B 90 30.31 -37.67 0.65
C ALA B 90 30.52 -36.93 1.97
N ILE B 91 30.67 -37.68 3.09
CA ILE B 91 30.91 -37.10 4.42
C ILE B 91 32.25 -36.34 4.42
N THR B 92 33.30 -36.94 3.77
CA THR B 92 34.66 -36.40 3.73
C THR B 92 34.69 -35.08 3.02
N CYS B 93 33.90 -34.99 1.93
CA CYS B 93 33.80 -33.82 1.09
C CYS B 93 33.10 -32.71 1.81
N GLU B 94 31.96 -32.99 2.45
CA GLU B 94 31.25 -31.94 3.20
C GLU B 94 32.13 -31.38 4.31
N TYR B 95 32.89 -32.29 5.00
CA TYR B 95 33.82 -31.93 6.08
C TYR B 95 34.83 -30.89 5.59
N LEU B 96 35.54 -31.20 4.49
CA LEU B 96 36.54 -30.31 3.91
C LEU B 96 35.98 -28.92 3.58
N ASP B 97 34.80 -28.87 2.97
CA ASP B 97 34.16 -27.59 2.64
C ASP B 97 33.95 -26.78 3.93
N GLU B 98 33.33 -27.41 4.96
CA GLU B 98 33.02 -26.77 6.23
C GLU B 98 34.27 -26.34 7.00
N ALA B 99 35.28 -27.22 7.05
CA ALA B 99 36.50 -27.06 7.86
C ALA B 99 37.59 -26.18 7.26
N TYR B 100 37.57 -25.91 5.94
CA TYR B 100 38.65 -25.15 5.33
C TYR B 100 38.21 -23.88 4.65
N PRO B 101 39.08 -22.84 4.67
CA PRO B 101 38.73 -21.56 4.01
C PRO B 101 38.72 -21.63 2.48
N GLY B 102 38.29 -20.54 1.87
CA GLY B 102 38.21 -20.40 0.43
C GLY B 102 36.78 -20.33 -0.05
N LYS B 103 36.58 -20.48 -1.38
CA LYS B 103 35.23 -20.46 -1.96
C LYS B 103 34.53 -21.76 -1.60
N LYS B 104 33.28 -21.64 -1.12
CA LYS B 104 32.49 -22.78 -0.72
C LYS B 104 31.96 -23.51 -1.95
N LEU B 105 32.16 -24.85 -1.97
CA LEU B 105 31.71 -25.72 -3.06
C LEU B 105 30.24 -26.06 -2.87
N LEU B 106 29.74 -26.05 -1.63
CA LEU B 106 28.33 -26.24 -1.31
C LEU B 106 27.70 -24.87 -1.09
N PRO B 107 26.48 -24.60 -1.63
CA PRO B 107 25.90 -23.26 -1.47
C PRO B 107 25.45 -22.97 -0.04
N ASP B 108 25.55 -21.70 0.36
CA ASP B 108 25.17 -21.18 1.66
C ASP B 108 23.67 -21.35 1.93
N ASP B 109 22.83 -21.15 0.89
CA ASP B 109 21.38 -21.25 0.99
C ASP B 109 20.93 -22.69 1.38
N PRO B 110 20.15 -22.82 2.48
CA PRO B 110 19.68 -24.15 2.90
C PRO B 110 18.90 -24.91 1.81
N TYR B 111 17.99 -24.27 1.07
CA TYR B 111 17.22 -24.93 0.00
C TYR B 111 18.16 -25.34 -1.17
N GLU B 112 19.10 -24.46 -1.52
CA GLU B 112 20.09 -24.70 -2.58
C GLU B 112 21.01 -25.86 -2.20
N LYS B 113 21.38 -25.96 -0.90
CA LYS B 113 22.20 -27.04 -0.33
C LYS B 113 21.40 -28.37 -0.41
N ALA B 114 20.10 -28.30 -0.05
CA ALA B 114 19.17 -29.43 -0.06
C ALA B 114 19.04 -30.03 -1.46
N CYS B 115 18.92 -29.15 -2.51
CA CYS B 115 18.82 -29.55 -3.91
C CYS B 115 20.03 -30.36 -4.34
N GLN B 116 21.25 -29.89 -4.00
CA GLN B 116 22.49 -30.57 -4.36
C GLN B 116 22.54 -31.98 -3.72
N LYS B 117 21.97 -32.12 -2.51
CA LYS B 117 21.85 -33.38 -1.79
C LYS B 117 20.75 -34.25 -2.42
N MET B 118 19.66 -33.61 -2.91
CA MET B 118 18.56 -34.30 -3.60
C MET B 118 19.02 -34.85 -4.94
N ILE B 119 19.89 -34.10 -5.65
CA ILE B 119 20.46 -34.56 -6.93
C ILE B 119 21.37 -35.76 -6.65
N LEU B 120 22.16 -35.71 -5.55
CA LEU B 120 23.08 -36.79 -5.17
C LEU B 120 22.31 -38.11 -5.02
N GLU B 121 21.08 -38.05 -4.49
CA GLU B 121 20.21 -39.22 -4.35
C GLU B 121 19.78 -39.74 -5.72
N LEU B 122 19.44 -38.83 -6.67
CA LEU B 122 19.07 -39.23 -8.02
C LEU B 122 20.22 -39.97 -8.74
N PHE B 123 21.47 -39.76 -8.27
CA PHE B 123 22.68 -40.39 -8.83
C PHE B 123 23.04 -41.73 -8.14
N SER B 124 22.59 -41.94 -6.88
CA SER B 124 22.88 -43.10 -6.03
C SER B 124 22.86 -44.48 -6.75
N LYS B 125 22.06 -44.65 -7.82
CA LYS B 125 21.96 -45.93 -8.54
C LYS B 125 23.14 -46.19 -9.51
N VAL B 126 23.75 -45.13 -10.05
CA VAL B 126 24.84 -45.23 -11.02
C VAL B 126 26.08 -46.00 -10.44
N PRO B 127 26.68 -45.67 -9.24
CA PRO B 127 27.85 -46.43 -8.80
C PRO B 127 27.62 -47.94 -8.76
N SER B 128 26.45 -48.39 -8.28
CA SER B 128 26.11 -49.83 -8.20
C SER B 128 25.96 -50.44 -9.61
N LEU B 129 25.37 -49.70 -10.56
CA LEU B 129 25.24 -50.16 -11.95
C LEU B 129 26.62 -50.34 -12.58
N VAL B 130 27.54 -49.37 -12.36
CA VAL B 130 28.92 -49.41 -12.83
C VAL B 130 29.56 -50.71 -12.32
N GLY B 131 29.43 -50.98 -11.01
CA GLY B 131 29.94 -52.18 -10.34
C GLY B 131 29.46 -53.48 -11.00
N SER B 132 28.15 -53.57 -11.29
CA SER B 132 27.52 -54.72 -11.93
C SER B 132 28.05 -54.93 -13.35
N PHE B 133 28.37 -53.83 -14.05
CA PHE B 133 28.88 -53.84 -15.42
C PHE B 133 30.32 -54.39 -15.47
N ILE B 134 31.15 -54.07 -14.43
CA ILE B 134 32.54 -54.52 -14.29
C ILE B 134 32.55 -56.04 -13.99
N ARG B 135 31.45 -56.56 -13.41
CA ARG B 135 31.28 -57.99 -13.11
C ARG B 135 30.91 -58.78 -14.37
N LYS B 139 28.54 -60.93 -20.26
CA LYS B 139 28.22 -60.35 -21.58
C LYS B 139 26.76 -60.65 -21.98
N GLU B 140 26.04 -61.41 -21.14
CA GLU B 140 24.67 -61.85 -21.36
C GLU B 140 23.63 -60.73 -21.19
N ASP B 141 23.74 -59.92 -20.10
CA ASP B 141 22.75 -58.89 -19.77
C ASP B 141 23.31 -57.46 -19.92
N TYR B 142 24.36 -57.29 -20.78
CA TYR B 142 25.03 -56.01 -21.09
C TYR B 142 24.05 -55.01 -21.68
N ALA B 143 23.12 -55.51 -22.51
CA ALA B 143 22.07 -54.73 -23.17
C ALA B 143 21.11 -54.13 -22.15
N GLY B 144 20.76 -54.91 -21.12
CA GLY B 144 19.88 -54.49 -20.03
C GLY B 144 20.51 -53.43 -19.14
N LEU B 145 21.83 -53.58 -18.84
CA LEU B 145 22.57 -52.61 -18.01
C LEU B 145 22.70 -51.27 -18.74
N LYS B 146 22.95 -51.32 -20.07
CA LYS B 146 23.05 -50.14 -20.93
C LYS B 146 21.73 -49.38 -20.92
N GLU B 147 20.59 -50.11 -20.99
CA GLU B 147 19.22 -49.55 -20.94
C GLU B 147 18.95 -48.96 -19.55
N GLU B 148 19.54 -49.56 -18.49
CA GLU B 148 19.39 -49.07 -17.12
C GLU B 148 20.17 -47.76 -16.94
N PHE B 149 21.38 -47.67 -17.54
CA PHE B 149 22.20 -46.47 -17.50
C PHE B 149 21.45 -45.30 -18.14
N ARG B 150 20.87 -45.52 -19.35
CA ARG B 150 20.05 -44.53 -20.08
C ARG B 150 18.90 -44.00 -19.20
N LYS B 151 18.15 -44.90 -18.54
CA LYS B 151 17.06 -44.56 -17.63
C LYS B 151 17.54 -43.63 -16.50
N GLU B 152 18.73 -43.93 -15.94
CA GLU B 152 19.32 -43.17 -14.85
C GLU B 152 19.84 -41.82 -15.30
N PHE B 153 20.44 -41.79 -16.49
CA PHE B 153 21.02 -40.60 -17.09
C PHE B 153 19.90 -39.61 -17.48
N THR B 154 18.74 -40.14 -17.91
CA THR B 154 17.54 -39.37 -18.27
C THR B 154 17.07 -38.55 -17.05
N LYS B 155 17.13 -39.15 -15.84
CA LYS B 155 16.77 -38.51 -14.58
C LYS B 155 17.60 -37.22 -14.38
N LEU B 156 18.94 -37.35 -14.63
CA LEU B 156 19.94 -36.30 -14.50
C LEU B 156 19.77 -35.24 -15.58
N GLU B 157 19.33 -35.64 -16.78
CA GLU B 157 19.06 -34.73 -17.89
C GLU B 157 17.87 -33.84 -17.54
N GLU B 158 16.83 -34.41 -16.87
CA GLU B 158 15.65 -33.70 -16.40
C GLU B 158 16.03 -32.62 -15.41
N VAL B 159 17.08 -32.86 -14.62
CA VAL B 159 17.61 -31.91 -13.64
C VAL B 159 18.12 -30.71 -14.39
N LEU B 160 19.14 -30.91 -15.23
CA LEU B 160 19.79 -29.90 -16.06
C LEU B 160 18.77 -29.13 -16.93
N THR B 161 17.77 -29.84 -17.47
CA THR B 161 16.75 -29.20 -18.30
C THR B 161 15.96 -28.21 -17.45
N ASN B 162 15.42 -28.65 -16.31
CA ASN B 162 14.66 -27.78 -15.41
C ASN B 162 15.53 -26.64 -14.86
N LYS B 163 16.80 -26.94 -14.52
CA LYS B 163 17.77 -25.97 -14.01
C LYS B 163 18.09 -24.88 -15.06
N LYS B 164 18.10 -25.26 -16.37
CA LYS B 164 18.41 -24.43 -17.55
C LYS B 164 19.84 -23.84 -17.42
N THR B 165 20.73 -24.65 -16.84
CA THR B 165 22.11 -24.32 -16.54
C THR B 165 23.11 -25.43 -16.97
N THR B 166 24.42 -25.06 -17.04
CA THR B 166 25.46 -25.95 -17.51
C THR B 166 25.74 -27.03 -16.50
N PHE B 167 25.90 -26.67 -15.21
CA PHE B 167 26.24 -27.63 -14.14
C PHE B 167 25.05 -27.93 -13.25
N PHE B 168 25.13 -28.99 -12.43
CA PHE B 168 24.04 -29.44 -11.55
C PHE B 168 23.72 -28.49 -10.35
N GLY B 169 24.51 -27.46 -10.14
CA GLY B 169 24.25 -26.52 -9.06
C GLY B 169 24.33 -25.06 -9.48
N GLY B 170 24.18 -24.83 -10.79
CA GLY B 170 24.26 -23.49 -11.36
C GLY B 170 25.14 -23.40 -12.60
N ASN B 171 25.50 -22.16 -12.98
CA ASN B 171 26.31 -21.91 -14.18
C ASN B 171 27.81 -21.97 -13.87
N SER B 172 28.15 -22.35 -12.64
CA SER B 172 29.50 -22.55 -12.16
C SER B 172 29.60 -23.95 -11.53
N ILE B 173 30.80 -24.53 -11.55
CA ILE B 173 31.07 -25.84 -10.96
C ILE B 173 30.88 -25.74 -9.43
N SER B 174 30.29 -26.78 -8.84
CA SER B 174 30.07 -26.86 -7.41
C SER B 174 30.22 -28.30 -6.93
N MET B 175 30.07 -28.53 -5.62
CA MET B 175 30.18 -29.81 -4.94
C MET B 175 29.53 -30.98 -5.70
N ILE B 176 28.25 -30.82 -6.08
CA ILE B 176 27.47 -31.88 -6.71
C ILE B 176 28.12 -32.38 -8.03
N ASP B 177 28.75 -31.47 -8.80
CA ASP B 177 29.45 -31.84 -10.02
C ASP B 177 30.65 -32.74 -9.67
N TYR B 178 31.47 -32.35 -8.71
CA TYR B 178 32.62 -33.13 -8.28
C TYR B 178 32.22 -34.49 -7.72
N LEU B 179 31.11 -34.54 -6.98
CA LEU B 179 30.58 -35.78 -6.42
C LEU B 179 30.15 -36.81 -7.48
N ILE B 180 29.47 -36.38 -8.55
CA ILE B 180 28.98 -37.33 -9.55
C ILE B 180 30.01 -37.58 -10.69
N TRP B 181 30.90 -36.61 -10.99
CA TRP B 181 31.89 -36.65 -12.08
C TRP B 181 32.72 -37.97 -12.24
N PRO B 182 33.29 -38.58 -11.18
CA PRO B 182 34.17 -39.74 -11.40
C PRO B 182 33.57 -40.90 -12.19
N TRP B 183 32.28 -41.14 -12.05
CA TRP B 183 31.62 -42.22 -12.79
C TRP B 183 31.50 -41.86 -14.26
N PHE B 184 31.20 -40.59 -14.59
CA PHE B 184 31.09 -40.16 -16.00
C PHE B 184 32.45 -40.13 -16.66
N GLU B 185 33.53 -39.90 -15.87
CA GLU B 185 34.91 -39.94 -16.31
C GLU B 185 35.28 -41.34 -16.84
N ARG B 186 34.69 -42.36 -16.24
CA ARG B 186 35.01 -43.75 -16.54
C ARG B 186 34.11 -44.34 -17.63
N LEU B 187 33.11 -43.57 -18.12
CA LEU B 187 32.16 -44.04 -19.18
C LEU B 187 32.91 -44.42 -20.46
N GLU B 188 33.76 -43.53 -20.95
CA GLU B 188 34.56 -43.74 -22.16
C GLU B 188 35.41 -45.01 -22.02
N ALA B 189 36.11 -45.20 -20.86
CA ALA B 189 36.93 -46.38 -20.59
C ALA B 189 36.08 -47.67 -20.52
N MET B 190 34.85 -47.56 -20.00
CA MET B 190 33.94 -48.70 -19.90
C MET B 190 33.21 -48.98 -21.24
N LYS B 191 33.46 -48.13 -22.28
CA LYS B 191 32.88 -48.22 -23.62
C LYS B 191 31.33 -48.04 -23.52
N LEU B 192 30.91 -47.01 -22.75
CA LEU B 192 29.50 -46.69 -22.50
C LEU B 192 29.12 -45.26 -22.94
N ASN B 193 29.82 -44.68 -23.91
CA ASN B 193 29.53 -43.33 -24.45
C ASN B 193 28.14 -43.26 -25.13
N GLU B 194 27.66 -44.38 -25.67
CA GLU B 194 26.36 -44.45 -26.35
C GLU B 194 25.20 -44.25 -25.36
N CYS B 195 25.46 -44.44 -24.06
CA CYS B 195 24.45 -44.30 -23.02
C CYS B 195 24.09 -42.84 -22.74
N VAL B 196 24.82 -41.86 -23.32
CA VAL B 196 24.52 -40.45 -23.15
C VAL B 196 24.07 -39.83 -24.49
N ASP B 197 23.71 -40.71 -25.46
CA ASP B 197 23.24 -40.43 -26.82
C ASP B 197 21.98 -39.55 -26.86
N HIS B 198 21.09 -39.78 -25.89
CA HIS B 198 19.76 -39.17 -25.77
C HIS B 198 19.74 -38.08 -24.71
N THR B 199 20.90 -37.78 -24.11
CA THR B 199 20.99 -36.78 -23.05
C THR B 199 21.96 -35.68 -23.51
N PRO B 200 21.49 -34.72 -24.35
CA PRO B 200 22.41 -33.68 -24.86
C PRO B 200 23.05 -32.81 -23.77
N LYS B 201 22.24 -32.30 -22.80
CA LYS B 201 22.71 -31.43 -21.72
C LYS B 201 23.77 -32.09 -20.87
N LEU B 202 23.64 -33.41 -20.64
CA LEU B 202 24.57 -34.22 -19.87
C LEU B 202 25.87 -34.43 -20.64
N LYS B 203 25.80 -34.56 -21.99
CA LYS B 203 26.99 -34.68 -22.85
C LYS B 203 27.77 -33.37 -22.82
N LEU B 204 27.04 -32.22 -22.82
CA LEU B 204 27.62 -30.88 -22.76
C LEU B 204 28.27 -30.66 -21.41
N TRP B 205 27.66 -31.15 -20.31
CA TRP B 205 28.16 -31.06 -18.95
C TRP B 205 29.51 -31.81 -18.80
N MET B 206 29.63 -33.04 -19.35
CA MET B 206 30.84 -33.86 -19.39
C MET B 206 32.00 -33.14 -20.08
N ALA B 207 31.68 -32.41 -21.17
CA ALA B 207 32.65 -31.63 -21.94
C ALA B 207 33.09 -30.43 -21.13
N ALA B 208 32.15 -29.78 -20.39
CA ALA B 208 32.42 -28.63 -19.52
C ALA B 208 33.33 -29.07 -18.39
N MET B 209 33.08 -30.27 -17.85
CA MET B 209 33.85 -30.87 -16.76
C MET B 209 35.28 -31.07 -17.17
N LYS B 210 35.53 -31.55 -18.41
CA LYS B 210 36.88 -31.75 -18.95
C LYS B 210 37.67 -30.43 -19.08
N GLU B 211 36.98 -29.27 -19.22
CA GLU B 211 37.57 -27.93 -19.34
C GLU B 211 37.93 -27.36 -17.97
N ASP B 212 37.33 -27.90 -16.88
CA ASP B 212 37.58 -27.41 -15.52
C ASP B 212 39.03 -27.75 -15.08
N PRO B 213 39.80 -26.74 -14.60
CA PRO B 213 41.19 -26.99 -14.18
C PRO B 213 41.38 -28.10 -13.15
N THR B 214 40.52 -28.17 -12.12
CA THR B 214 40.61 -29.21 -11.06
C THR B 214 40.39 -30.61 -11.67
N VAL B 215 39.32 -30.77 -12.46
CA VAL B 215 38.99 -32.01 -13.15
C VAL B 215 40.16 -32.39 -14.05
N SER B 216 40.63 -31.44 -14.89
CA SER B 216 41.73 -31.65 -15.83
C SER B 216 43.01 -32.18 -15.13
N ALA B 217 43.41 -31.57 -14.00
CA ALA B 217 44.60 -31.92 -13.23
C ALA B 217 44.57 -33.39 -12.76
N LEU B 218 43.39 -33.86 -12.30
CA LEU B 218 43.19 -35.20 -11.73
C LEU B 218 42.72 -36.26 -12.74
N LEU B 219 42.74 -35.94 -14.04
CA LEU B 219 42.28 -36.85 -15.10
C LEU B 219 43.25 -38.01 -15.33
N THR B 220 42.71 -39.14 -15.83
CA THR B 220 43.47 -40.36 -16.12
C THR B 220 43.36 -40.70 -17.64
N SER B 221 44.48 -41.15 -18.24
CA SER B 221 44.53 -41.58 -19.64
C SER B 221 43.74 -42.87 -19.85
N GLU B 222 43.33 -43.13 -21.12
CA GLU B 222 42.62 -44.36 -21.52
C GLU B 222 43.50 -45.60 -21.27
N LYS B 223 44.83 -45.47 -21.54
CA LYS B 223 45.83 -46.51 -21.36
C LYS B 223 45.91 -46.93 -19.90
N ASP B 224 45.90 -45.95 -18.96
CA ASP B 224 45.95 -46.21 -17.53
C ASP B 224 44.65 -46.85 -17.06
N TRP B 225 43.50 -46.38 -17.61
CA TRP B 225 42.17 -46.89 -17.30
C TRP B 225 42.04 -48.37 -17.69
N GLN B 226 42.44 -48.71 -18.93
CA GLN B 226 42.41 -50.05 -19.48
C GLN B 226 43.37 -50.98 -18.75
N GLY B 227 44.56 -50.46 -18.39
CA GLY B 227 45.59 -51.21 -17.66
C GLY B 227 45.09 -51.66 -16.31
N PHE B 228 44.50 -50.71 -15.55
CA PHE B 228 43.93 -50.98 -14.23
C PHE B 228 42.76 -51.98 -14.33
N LEU B 229 41.87 -51.80 -15.34
CA LEU B 229 40.71 -52.66 -15.53
C LEU B 229 41.11 -54.12 -15.74
N GLU B 230 42.08 -54.37 -16.67
CA GLU B 230 42.58 -55.72 -16.98
C GLU B 230 43.06 -56.41 -15.71
N LEU B 231 43.87 -55.71 -14.90
CA LEU B 231 44.40 -56.22 -13.64
C LEU B 231 43.32 -56.40 -12.58
N TYR B 232 42.31 -55.52 -12.57
CA TYR B 232 41.18 -55.57 -11.63
C TYR B 232 40.36 -56.82 -11.92
N LEU B 233 40.05 -57.08 -13.21
CA LEU B 233 39.30 -58.25 -13.66
C LEU B 233 40.03 -59.55 -13.27
N GLN B 234 41.37 -59.51 -13.13
CA GLN B 234 42.21 -60.65 -12.73
C GLN B 234 42.44 -60.69 -11.21
N ASN B 235 41.80 -59.74 -10.46
CA ASN B 235 41.89 -59.56 -8.99
C ASN B 235 43.34 -59.47 -8.52
N SER B 236 44.22 -58.91 -9.38
CA SER B 236 45.65 -58.74 -9.13
C SER B 236 45.93 -57.72 -8.03
N PRO B 237 46.89 -57.98 -7.11
CA PRO B 237 47.18 -57.00 -6.05
C PRO B 237 47.92 -55.78 -6.60
N GLU B 238 48.61 -55.97 -7.71
CA GLU B 238 49.40 -54.95 -8.40
C GLU B 238 48.54 -53.96 -9.21
N ALA B 239 47.19 -54.18 -9.28
CA ALA B 239 46.23 -53.37 -10.06
C ALA B 239 46.28 -51.87 -9.77
N CYS B 240 46.25 -51.48 -8.51
CA CYS B 240 46.22 -50.06 -8.12
C CYS B 240 47.58 -49.36 -8.29
N ASP B 241 48.64 -50.12 -8.64
CA ASP B 241 49.95 -49.56 -8.92
C ASP B 241 50.26 -49.64 -10.44
N TYR B 242 49.22 -49.57 -11.29
CA TYR B 242 49.39 -49.62 -12.73
C TYR B 242 50.06 -48.35 -13.25
N GLY B 243 51.07 -48.52 -14.11
CA GLY B 243 51.79 -47.41 -14.70
C GLY B 243 52.86 -46.92 -13.76
N LEU B 244 52.92 -47.55 -12.57
CA LEU B 244 53.84 -47.36 -11.43
C LEU B 244 53.64 -45.98 -10.77
N ALA C 9 -30.59 7.61 3.99
CA ALA C 9 -29.76 6.49 4.44
C ALA C 9 -29.93 5.26 3.53
N ARG C 10 -31.12 5.09 2.91
CA ARG C 10 -31.40 3.99 1.98
C ARG C 10 -30.41 4.08 0.82
N SER C 11 -29.75 2.94 0.51
CA SER C 11 -28.70 2.87 -0.50
C SER C 11 -29.25 3.09 -1.90
N LEU C 12 -28.41 3.66 -2.77
CA LEU C 12 -28.72 3.86 -4.17
C LEU C 12 -28.16 2.70 -4.96
N GLY C 13 -29.02 2.07 -5.73
CA GLY C 13 -28.64 0.93 -6.57
C GLY C 13 -28.93 1.17 -8.03
N LYS C 14 -28.93 0.09 -8.83
CA LYS C 14 -29.23 0.17 -10.26
C LYS C 14 -30.55 0.91 -10.44
N GLY C 15 -30.56 1.87 -11.37
CA GLY C 15 -31.75 2.64 -11.69
C GLY C 15 -31.98 3.90 -10.89
N SER C 16 -31.16 4.13 -9.86
CA SER C 16 -31.25 5.34 -9.04
C SER C 16 -30.64 6.51 -9.78
N ALA C 17 -31.18 7.72 -9.55
CA ALA C 17 -30.68 8.92 -10.21
C ALA C 17 -29.36 9.35 -9.57
N PRO C 18 -28.36 9.84 -10.35
CA PRO C 18 -27.12 10.32 -9.71
C PRO C 18 -27.40 11.59 -8.91
N PRO C 19 -26.67 11.81 -7.79
CA PRO C 19 -26.98 12.99 -6.95
C PRO C 19 -26.55 14.29 -7.59
N GLY C 20 -27.14 15.37 -7.08
CA GLY C 20 -26.88 16.74 -7.51
C GLY C 20 -25.49 17.24 -7.12
N PRO C 21 -25.18 18.51 -7.43
CA PRO C 21 -23.84 19.04 -7.10
C PRO C 21 -23.61 19.14 -5.60
N VAL C 22 -22.35 19.08 -5.18
CA VAL C 22 -21.98 19.19 -3.78
C VAL C 22 -21.98 20.68 -3.41
N PRO C 23 -22.79 21.11 -2.40
CA PRO C 23 -22.79 22.53 -2.00
C PRO C 23 -21.42 23.02 -1.57
N GLU C 24 -21.12 24.31 -1.82
CA GLU C 24 -19.84 24.94 -1.45
C GLU C 24 -19.64 24.90 0.08
N GLY C 25 -18.41 24.58 0.49
CA GLY C 25 -18.01 24.44 1.88
C GLY C 25 -18.41 23.11 2.49
N SER C 26 -18.64 22.11 1.63
CA SER C 26 -19.06 20.77 2.03
C SER C 26 -18.38 19.72 1.14
N ILE C 27 -18.29 18.49 1.65
CA ILE C 27 -17.68 17.37 0.96
C ILE C 27 -18.68 16.17 1.02
N ARG C 28 -18.62 15.29 0.06
CA ARG C 28 -19.53 14.16 -0.03
C ARG C 28 -18.80 12.88 0.11
N ILE C 29 -19.40 11.93 0.82
CA ILE C 29 -18.82 10.63 0.93
C ILE C 29 -19.80 9.63 0.39
N TYR C 30 -19.33 8.81 -0.57
CA TYR C 30 -20.03 7.66 -1.10
C TYR C 30 -19.61 6.53 -0.17
N SER C 31 -20.55 6.09 0.67
CA SER C 31 -20.29 5.09 1.70
C SER C 31 -21.19 3.86 1.52
N MET C 32 -21.09 2.90 2.46
CA MET C 32 -21.89 1.69 2.60
C MET C 32 -21.94 1.45 4.11
N ARG C 33 -23.16 1.50 4.69
CA ARG C 33 -23.45 1.49 6.14
C ARG C 33 -22.66 0.50 7.03
N PHE C 34 -22.30 -0.70 6.54
CA PHE C 34 -21.57 -1.66 7.36
C PHE C 34 -20.13 -1.89 6.85
N CYS C 35 -19.69 -1.10 5.85
CA CYS C 35 -18.39 -1.25 5.22
C CYS C 35 -17.28 -0.72 6.10
N PRO C 36 -16.31 -1.61 6.48
CA PRO C 36 -15.21 -1.16 7.35
C PRO C 36 -14.27 -0.14 6.67
N PHE C 37 -14.09 -0.26 5.34
CA PHE C 37 -13.23 0.66 4.59
C PHE C 37 -13.81 2.08 4.58
N ALA C 38 -15.12 2.26 4.34
CA ALA C 38 -15.79 3.56 4.33
C ALA C 38 -15.93 4.09 5.77
N GLU C 39 -15.90 3.19 6.77
CA GLU C 39 -15.96 3.56 8.17
C GLU C 39 -14.71 4.35 8.56
N ARG C 40 -13.54 3.99 7.97
CA ARG C 40 -12.30 4.72 8.17
C ARG C 40 -12.51 6.20 7.89
N THR C 41 -13.05 6.48 6.65
CA THR C 41 -13.29 7.82 6.16
C THR C 41 -14.33 8.54 7.01
N ARG C 42 -15.34 7.82 7.50
CA ARG C 42 -16.40 8.38 8.35
C ARG C 42 -15.89 8.72 9.77
N LEU C 43 -14.92 7.92 10.30
CA LEU C 43 -14.28 8.14 11.59
C LEU C 43 -13.41 9.44 11.56
N VAL C 44 -12.71 9.70 10.44
CA VAL C 44 -11.90 10.90 10.26
C VAL C 44 -12.79 12.14 10.19
N LEU C 45 -13.85 12.10 9.31
CA LEU C 45 -14.82 13.17 9.15
C LEU C 45 -15.40 13.60 10.52
N LYS C 46 -15.81 12.61 11.36
CA LYS C 46 -16.33 12.88 12.71
C LYS C 46 -15.24 13.49 13.61
N ALA C 47 -14.06 12.82 13.72
CA ALA C 47 -12.92 13.22 14.54
C ALA C 47 -12.48 14.67 14.25
N LYS C 48 -12.44 15.06 12.97
CA LYS C 48 -11.99 16.40 12.55
C LYS C 48 -13.14 17.43 12.49
N GLY C 49 -14.37 17.00 12.83
CA GLY C 49 -15.56 17.82 12.77
C GLY C 49 -15.86 18.44 11.41
N ILE C 50 -15.60 17.70 10.32
CA ILE C 50 -15.81 18.19 8.95
C ILE C 50 -17.29 18.12 8.57
N ARG C 51 -17.82 19.20 7.94
CA ARG C 51 -19.18 19.22 7.38
C ARG C 51 -19.22 18.36 6.13
N HIS C 52 -20.18 17.40 6.06
CA HIS C 52 -20.29 16.49 4.92
C HIS C 52 -21.68 15.85 4.75
N GLU C 53 -21.97 15.38 3.53
CA GLU C 53 -23.17 14.59 3.22
C GLU C 53 -22.74 13.16 2.88
N VAL C 54 -23.54 12.19 3.32
CA VAL C 54 -23.26 10.78 3.09
C VAL C 54 -24.23 10.26 2.07
N ILE C 55 -23.72 9.55 1.07
CA ILE C 55 -24.55 8.90 0.06
C ILE C 55 -24.16 7.46 0.08
N ASN C 56 -25.10 6.62 0.50
CA ASN C 56 -24.90 5.18 0.60
C ASN C 56 -25.10 4.51 -0.74
N ILE C 57 -24.12 3.69 -1.14
CA ILE C 57 -24.11 2.95 -2.38
C ILE C 57 -24.30 1.48 -2.07
N ASN C 58 -25.19 0.81 -2.81
CA ASN C 58 -25.36 -0.63 -2.64
C ASN C 58 -24.34 -1.30 -3.54
N LEU C 59 -23.21 -1.79 -2.98
CA LEU C 59 -22.17 -2.38 -3.83
C LEU C 59 -22.58 -3.74 -4.42
N LYS C 60 -23.66 -4.36 -3.88
CA LYS C 60 -24.23 -5.64 -4.39
C LYS C 60 -25.28 -5.36 -5.49
N ASN C 61 -25.52 -4.07 -5.82
CA ASN C 61 -26.47 -3.60 -6.82
C ASN C 61 -26.09 -2.16 -7.23
N LYS C 62 -24.80 -1.97 -7.64
CA LYS C 62 -24.20 -0.67 -7.97
C LYS C 62 -24.94 0.10 -9.06
N PRO C 63 -25.22 1.42 -8.84
CA PRO C 63 -25.78 2.22 -9.94
C PRO C 63 -24.71 2.39 -11.04
N GLU C 64 -25.17 2.47 -12.28
CA GLU C 64 -24.33 2.58 -13.48
C GLU C 64 -23.46 3.87 -13.46
N TRP C 65 -24.02 4.99 -12.92
CA TRP C 65 -23.32 6.27 -12.83
C TRP C 65 -22.15 6.25 -11.84
N PHE C 66 -22.14 5.28 -10.90
CA PHE C 66 -21.12 5.22 -9.85
C PHE C 66 -19.73 4.89 -10.41
N PHE C 67 -19.65 4.23 -11.54
CA PHE C 67 -18.35 3.89 -12.12
C PHE C 67 -17.62 5.13 -12.63
N LYS C 68 -18.36 6.23 -12.87
CA LYS C 68 -17.83 7.54 -13.26
C LYS C 68 -17.16 8.19 -12.05
N LYS C 69 -17.61 7.84 -10.82
CA LYS C 69 -17.05 8.38 -9.54
C LYS C 69 -15.75 7.66 -9.15
N ASN C 70 -15.69 6.34 -9.42
CA ASN C 70 -14.51 5.52 -9.13
C ASN C 70 -14.37 4.39 -10.18
N PRO C 71 -13.22 4.29 -10.91
CA PRO C 71 -13.05 3.16 -11.85
C PRO C 71 -13.01 1.79 -11.15
N PHE C 72 -12.56 1.74 -9.87
CA PHE C 72 -12.51 0.48 -9.12
C PHE C 72 -13.90 0.03 -8.63
N GLY C 73 -14.88 0.94 -8.70
CA GLY C 73 -16.26 0.68 -8.28
C GLY C 73 -16.38 0.33 -6.82
N LEU C 74 -15.59 1.01 -5.97
CA LEU C 74 -15.59 0.78 -4.53
C LEU C 74 -15.90 2.02 -3.74
N VAL C 75 -16.33 1.83 -2.48
CA VAL C 75 -16.54 2.92 -1.53
C VAL C 75 -15.43 2.76 -0.46
N PRO C 76 -14.90 3.85 0.16
CA PRO C 76 -15.36 5.24 0.12
C PRO C 76 -14.82 6.03 -1.10
N VAL C 77 -15.59 7.06 -1.45
CA VAL C 77 -15.26 8.04 -2.49
C VAL C 77 -15.67 9.39 -1.93
N LEU C 78 -14.73 10.35 -1.94
CA LEU C 78 -14.97 11.74 -1.54
C LEU C 78 -15.21 12.55 -2.79
N GLU C 79 -16.20 13.48 -2.74
CA GLU C 79 -16.49 14.39 -3.85
C GLU C 79 -16.70 15.82 -3.31
N ASN C 80 -16.04 16.83 -3.89
CA ASN C 80 -16.20 18.20 -3.41
C ASN C 80 -16.98 19.08 -4.42
N SER C 81 -17.17 20.38 -4.09
CA SER C 81 -17.88 21.39 -4.90
C SER C 81 -17.29 21.51 -6.30
N GLN C 82 -15.95 21.40 -6.43
CA GLN C 82 -15.20 21.52 -7.69
C GLN C 82 -15.26 20.22 -8.50
N GLY C 83 -16.00 19.24 -8.00
CA GLY C 83 -16.19 17.97 -8.67
C GLY C 83 -14.99 17.04 -8.62
N GLN C 84 -14.01 17.35 -7.73
CA GLN C 84 -12.80 16.55 -7.51
C GLN C 84 -13.15 15.27 -6.78
N LEU C 85 -12.64 14.12 -7.26
CA LEU C 85 -12.93 12.81 -6.66
C LEU C 85 -11.69 12.17 -6.04
N ILE C 86 -11.83 11.63 -4.82
CA ILE C 86 -10.75 11.00 -4.10
C ILE C 86 -11.24 9.63 -3.65
N TYR C 87 -10.55 8.55 -4.06
CA TYR C 87 -10.90 7.20 -3.62
C TYR C 87 -9.67 6.55 -2.95
N GLU C 88 -9.84 5.32 -2.41
CA GLU C 88 -8.93 4.52 -1.55
C GLU C 88 -9.07 5.07 -0.16
N SER C 89 -9.64 4.25 0.77
CA SER C 89 -9.92 4.63 2.17
C SER C 89 -8.71 5.25 2.86
N ALA C 90 -7.49 4.71 2.68
CA ALA C 90 -6.33 5.36 3.33
C ALA C 90 -6.07 6.76 2.73
N ILE C 91 -6.12 6.87 1.39
CA ILE C 91 -5.92 8.12 0.66
C ILE C 91 -6.96 9.18 1.09
N THR C 92 -8.24 8.77 1.27
CA THR C 92 -9.31 9.72 1.64
C THR C 92 -9.05 10.34 3.03
N CYS C 93 -8.66 9.47 3.97
CA CYS C 93 -8.35 9.77 5.35
C CYS C 93 -7.17 10.72 5.49
N GLU C 94 -6.09 10.52 4.66
CA GLU C 94 -4.93 11.41 4.64
C GLU C 94 -5.30 12.77 4.04
N TYR C 95 -6.06 12.78 2.90
CA TYR C 95 -6.55 14.00 2.24
C TYR C 95 -7.32 14.88 3.25
N LEU C 96 -8.33 14.30 3.94
CA LEU C 96 -9.12 15.03 4.93
C LEU C 96 -8.26 15.68 6.00
N ASP C 97 -7.29 14.93 6.55
CA ASP C 97 -6.37 15.41 7.59
C ASP C 97 -5.53 16.60 7.11
N GLU C 98 -5.08 16.56 5.86
CA GLU C 98 -4.28 17.63 5.25
C GLU C 98 -5.13 18.84 4.80
N ALA C 99 -6.32 18.58 4.23
CA ALA C 99 -7.18 19.62 3.64
C ALA C 99 -8.09 20.35 4.62
N TYR C 100 -8.27 19.84 5.85
CA TYR C 100 -9.21 20.48 6.76
C TYR C 100 -8.55 20.92 8.05
N PRO C 101 -9.04 22.04 8.64
CA PRO C 101 -8.46 22.54 9.91
C PRO C 101 -8.73 21.64 11.12
N GLY C 102 -8.08 22.00 12.23
CA GLY C 102 -8.18 21.31 13.50
C GLY C 102 -6.92 20.55 13.87
N LYS C 103 -7.04 19.67 14.88
CA LYS C 103 -5.93 18.85 15.34
C LYS C 103 -5.66 17.78 14.28
N LYS C 104 -4.37 17.61 13.96
CA LYS C 104 -3.93 16.63 12.99
C LYS C 104 -4.00 15.21 13.59
N LEU C 105 -4.59 14.27 12.84
CA LEU C 105 -4.71 12.86 13.25
C LEU C 105 -3.42 12.14 12.92
N LEU C 106 -2.72 12.61 11.87
CA LEU C 106 -1.41 12.09 11.44
C LEU C 106 -0.32 12.98 12.04
N PRO C 107 0.76 12.39 12.61
CA PRO C 107 1.78 13.25 13.25
C PRO C 107 2.57 14.03 12.20
N ASP C 108 2.98 15.27 12.54
CA ASP C 108 3.76 16.13 11.66
C ASP C 108 5.13 15.52 11.40
N ASP C 109 5.75 14.85 12.40
CA ASP C 109 7.07 14.25 12.26
C ASP C 109 7.11 13.18 11.14
N PRO C 110 8.03 13.38 10.15
CA PRO C 110 8.15 12.42 9.03
C PRO C 110 8.34 10.97 9.46
N TYR C 111 9.22 10.70 10.46
CA TYR C 111 9.46 9.33 10.95
C TYR C 111 8.22 8.75 11.63
N GLU C 112 7.55 9.51 12.49
CA GLU C 112 6.33 9.05 13.16
C GLU C 112 5.23 8.79 12.16
N LYS C 113 5.07 9.68 11.13
CA LYS C 113 4.08 9.50 10.04
C LYS C 113 4.38 8.18 9.29
N ALA C 114 5.69 7.91 9.02
CA ALA C 114 6.17 6.70 8.36
C ALA C 114 5.81 5.47 9.18
N CYS C 115 5.92 5.53 10.54
CA CYS C 115 5.61 4.43 11.45
C CYS C 115 4.16 4.06 11.32
N GLN C 116 3.27 5.07 11.26
CA GLN C 116 1.82 4.83 11.14
C GLN C 116 1.56 4.02 9.90
N LYS C 117 2.25 4.42 8.80
CA LYS C 117 2.17 3.80 7.49
C LYS C 117 2.78 2.39 7.52
N MET C 118 3.85 2.20 8.29
CA MET C 118 4.52 0.89 8.46
C MET C 118 3.60 -0.06 9.25
N ILE C 119 2.91 0.44 10.29
CA ILE C 119 1.99 -0.36 11.10
C ILE C 119 0.81 -0.75 10.22
N LEU C 120 0.31 0.19 9.36
CA LEU C 120 -0.80 -0.07 8.44
C LEU C 120 -0.49 -1.28 7.55
N GLU C 121 0.79 -1.42 7.10
CA GLU C 121 1.21 -2.54 6.28
C GLU C 121 1.18 -3.84 7.08
N LEU C 122 1.58 -3.81 8.36
CA LEU C 122 1.53 -4.98 9.25
C LEU C 122 0.09 -5.47 9.44
N PHE C 123 -0.90 -4.61 9.23
CA PHE C 123 -2.32 -4.92 9.36
C PHE C 123 -2.96 -5.38 8.02
N SER C 124 -2.36 -5.04 6.86
CA SER C 124 -2.86 -5.29 5.51
C SER C 124 -3.46 -6.71 5.26
N LYS C 125 -3.01 -7.75 5.97
CA LYS C 125 -3.50 -9.11 5.81
C LYS C 125 -4.87 -9.36 6.48
N VAL C 126 -5.18 -8.64 7.55
CA VAL C 126 -6.42 -8.79 8.33
C VAL C 126 -7.69 -8.56 7.46
N PRO C 127 -7.87 -7.42 6.70
CA PRO C 127 -9.10 -7.26 5.94
C PRO C 127 -9.44 -8.45 5.03
N SER C 128 -8.44 -8.99 4.32
CA SER C 128 -8.63 -10.12 3.40
C SER C 128 -9.03 -11.39 4.17
N LEU C 129 -8.45 -11.60 5.36
CA LEU C 129 -8.79 -12.76 6.21
C LEU C 129 -10.25 -12.66 6.67
N VAL C 130 -10.67 -11.46 7.10
CA VAL C 130 -12.04 -11.19 7.52
C VAL C 130 -13.00 -11.58 6.37
N GLY C 131 -12.70 -11.11 5.17
CA GLY C 131 -13.45 -11.40 3.96
C GLY C 131 -13.63 -12.87 3.67
N SER C 132 -12.54 -13.67 3.83
CA SER C 132 -12.55 -15.11 3.60
C SER C 132 -13.42 -15.81 4.64
N PHE C 133 -13.45 -15.27 5.88
CA PHE C 133 -14.23 -15.81 6.99
C PHE C 133 -15.73 -15.65 6.76
N ILE C 134 -16.13 -14.52 6.14
CA ILE C 134 -17.53 -14.20 5.81
C ILE C 134 -18.07 -15.08 4.63
N ARG C 135 -17.23 -15.41 3.64
CA ARG C 135 -17.62 -16.20 2.47
C ARG C 135 -17.26 -17.72 2.64
N SER C 136 -17.47 -18.27 3.88
CA SER C 136 -17.19 -19.67 4.29
C SER C 136 -15.69 -19.99 4.31
N LYS C 139 -17.17 -24.81 7.51
CA LYS C 139 -16.09 -25.64 6.97
C LYS C 139 -14.89 -25.69 7.94
N GLU C 140 -14.01 -26.70 7.80
CA GLU C 140 -12.79 -26.86 8.59
C GLU C 140 -11.80 -25.70 8.29
N ASP C 141 -12.13 -24.86 7.27
CA ASP C 141 -11.37 -23.68 6.87
C ASP C 141 -11.51 -22.54 7.88
N TYR C 142 -12.49 -22.67 8.82
CA TYR C 142 -12.72 -21.70 9.88
C TYR C 142 -11.62 -21.81 10.96
N ALA C 143 -11.11 -23.02 11.21
CA ALA C 143 -10.04 -23.28 12.18
C ALA C 143 -8.71 -22.70 11.68
N GLY C 144 -8.47 -22.82 10.38
CA GLY C 144 -7.29 -22.31 9.71
C GLY C 144 -7.24 -20.80 9.66
N LEU C 145 -8.40 -20.15 9.48
CA LEU C 145 -8.54 -18.69 9.45
C LEU C 145 -8.33 -18.10 10.86
N LYS C 146 -8.85 -18.79 11.90
CA LYS C 146 -8.71 -18.39 13.30
C LYS C 146 -7.23 -18.38 13.68
N GLU C 147 -6.48 -19.40 13.22
CA GLU C 147 -5.04 -19.54 13.48
C GLU C 147 -4.26 -18.45 12.73
N GLU C 148 -4.77 -18.05 11.54
CA GLU C 148 -4.17 -17.01 10.72
C GLU C 148 -4.37 -15.65 11.38
N PHE C 149 -5.56 -15.41 11.98
CA PHE C 149 -5.88 -14.18 12.71
C PHE C 149 -4.93 -14.00 13.87
N ARG C 150 -4.73 -15.05 14.69
CA ARG C 150 -3.82 -15.08 15.83
C ARG C 150 -2.39 -14.69 15.40
N LYS C 151 -1.89 -15.27 14.30
CA LYS C 151 -0.56 -14.99 13.75
C LYS C 151 -0.42 -13.50 13.43
N GLU C 152 -1.47 -12.93 12.84
CA GLU C 152 -1.52 -11.55 12.45
C GLU C 152 -1.58 -10.64 13.66
N PHE C 153 -2.48 -10.94 14.59
CA PHE C 153 -2.70 -10.17 15.80
C PHE C 153 -1.43 -10.13 16.67
N THR C 154 -0.63 -11.22 16.65
CA THR C 154 0.66 -11.33 17.37
C THR C 154 1.63 -10.23 16.87
N LYS C 155 1.63 -9.97 15.54
CA LYS C 155 2.49 -8.94 14.95
C LYS C 155 2.14 -7.56 15.52
N LEU C 156 0.83 -7.31 15.72
CA LEU C 156 0.30 -6.05 16.25
C LEU C 156 0.62 -5.93 17.74
N GLU C 157 0.65 -7.06 18.45
CA GLU C 157 0.96 -7.11 19.88
C GLU C 157 2.42 -6.73 20.08
N GLU C 158 3.30 -7.19 19.15
CA GLU C 158 4.73 -6.88 19.14
C GLU C 158 4.96 -5.38 18.96
N VAL C 159 4.07 -4.71 18.20
CA VAL C 159 4.13 -3.27 17.99
C VAL C 159 3.90 -2.58 19.32
N LEU C 160 2.74 -2.81 19.94
CA LEU C 160 2.32 -2.22 21.22
C LEU C 160 3.33 -2.49 22.32
N THR C 161 3.90 -3.73 22.35
CA THR C 161 4.93 -4.16 23.32
C THR C 161 6.17 -3.27 23.19
N ASN C 162 6.71 -3.12 21.97
CA ASN C 162 7.88 -2.29 21.69
C ASN C 162 7.58 -0.80 21.91
N LYS C 163 6.40 -0.32 21.48
CA LYS C 163 5.94 1.06 21.63
C LYS C 163 5.83 1.47 23.12
N LYS C 164 5.38 0.52 23.96
CA LYS C 164 5.15 0.69 25.40
C LYS C 164 4.11 1.82 25.67
N THR C 165 3.13 1.96 24.74
CA THR C 165 2.01 2.92 24.78
C THR C 165 0.68 2.18 24.61
N THR C 166 -0.45 2.85 24.90
CA THR C 166 -1.81 2.30 24.79
C THR C 166 -2.21 2.14 23.32
N PHE C 167 -2.01 3.18 22.51
CA PHE C 167 -2.41 3.19 21.11
C PHE C 167 -1.20 2.95 20.18
N PHE C 168 -1.49 2.63 18.89
CA PHE C 168 -0.46 2.34 17.89
C PHE C 168 0.38 3.59 17.46
N GLY C 169 0.01 4.79 17.89
CA GLY C 169 0.78 5.99 17.55
C GLY C 169 1.11 6.88 18.72
N GLY C 170 1.07 6.30 19.93
CA GLY C 170 1.35 7.00 21.18
C GLY C 170 0.34 6.72 22.28
N ASN C 171 0.34 7.59 23.32
CA ASN C 171 -0.57 7.43 24.46
C ASN C 171 -1.92 8.13 24.22
N SER C 172 -2.12 8.64 23.00
CA SER C 172 -3.35 9.27 22.53
C SER C 172 -3.77 8.61 21.20
N ILE C 173 -5.07 8.63 20.90
CA ILE C 173 -5.63 8.12 19.67
C ILE C 173 -5.13 8.97 18.50
N SER C 174 -4.80 8.31 17.38
CA SER C 174 -4.32 8.96 16.17
C SER C 174 -4.85 8.19 14.93
N MET C 175 -4.53 8.69 13.73
CA MET C 175 -4.93 8.15 12.45
C MET C 175 -4.85 6.59 12.38
N ILE C 176 -3.70 6.01 12.74
CA ILE C 176 -3.48 4.56 12.65
C ILE C 176 -4.56 3.71 13.46
N ASP C 177 -5.02 4.22 14.58
CA ASP C 177 -6.03 3.52 15.37
C ASP C 177 -7.33 3.50 14.58
N TYR C 178 -7.72 4.67 14.06
CA TYR C 178 -8.93 4.78 13.26
C TYR C 178 -8.89 3.89 12.03
N LEU C 179 -7.73 3.81 11.37
CA LEU C 179 -7.51 2.98 10.19
C LEU C 179 -7.68 1.46 10.47
N ILE C 180 -7.16 0.94 11.60
CA ILE C 180 -7.25 -0.49 11.86
C ILE C 180 -8.52 -0.88 12.66
N TRP C 181 -9.10 0.04 13.45
CA TRP C 181 -10.24 -0.20 14.34
C TRP C 181 -11.48 -0.95 13.72
N PRO C 182 -12.01 -0.60 12.52
CA PRO C 182 -13.25 -1.25 12.06
C PRO C 182 -13.25 -2.79 12.00
N TRP C 183 -12.09 -3.38 11.75
CA TRP C 183 -12.00 -4.83 11.72
C TRP C 183 -12.10 -5.43 13.12
N PHE C 184 -11.48 -4.78 14.13
CA PHE C 184 -11.53 -5.24 15.52
C PHE C 184 -12.90 -5.03 16.12
N GLU C 185 -13.62 -3.97 15.67
CA GLU C 185 -14.98 -3.64 16.08
C GLU C 185 -15.96 -4.76 15.72
N ARG C 186 -15.65 -5.50 14.64
CA ARG C 186 -16.48 -6.58 14.10
C ARG C 186 -16.12 -7.97 14.64
N LEU C 187 -15.02 -8.11 15.41
CA LEU C 187 -14.57 -9.39 15.95
C LEU C 187 -15.65 -10.07 16.80
N GLU C 188 -16.23 -9.33 17.77
CA GLU C 188 -17.29 -9.81 18.67
C GLU C 188 -18.49 -10.35 17.85
N ALA C 189 -18.95 -9.57 16.83
CA ALA C 189 -20.06 -9.97 15.96
C ALA C 189 -19.72 -11.22 15.13
N MET C 190 -18.46 -11.36 14.71
CA MET C 190 -17.99 -12.50 13.92
C MET C 190 -17.70 -13.74 14.82
N LYS C 191 -17.84 -13.58 16.15
CA LYS C 191 -17.58 -14.60 17.17
C LYS C 191 -16.09 -15.01 17.13
N LEU C 192 -15.20 -14.00 17.09
CA LEU C 192 -13.75 -14.20 17.01
C LEU C 192 -12.98 -13.54 18.17
N ASN C 193 -13.64 -13.36 19.34
CA ASN C 193 -13.00 -12.78 20.53
C ASN C 193 -11.84 -13.66 21.05
N GLU C 194 -11.89 -14.99 20.84
CA GLU C 194 -10.84 -15.92 21.27
C GLU C 194 -9.52 -15.68 20.52
N CYS C 195 -9.57 -15.00 19.36
CA CYS C 195 -8.38 -14.73 18.55
C CYS C 195 -7.49 -13.65 19.15
N VAL C 196 -7.95 -12.95 20.21
CA VAL C 196 -7.13 -11.94 20.89
C VAL C 196 -6.79 -12.39 22.34
N ASP C 197 -7.03 -13.66 22.69
CA ASP C 197 -6.78 -14.18 24.03
C ASP C 197 -5.28 -14.14 24.41
N HIS C 198 -4.39 -14.34 23.43
CA HIS C 198 -2.94 -14.37 23.61
C HIS C 198 -2.30 -12.98 23.39
N THR C 199 -3.11 -11.96 23.15
CA THR C 199 -2.63 -10.60 22.89
C THR C 199 -3.26 -9.65 23.94
N PRO C 200 -2.72 -9.62 25.19
CA PRO C 200 -3.30 -8.76 26.25
C PRO C 200 -3.34 -7.27 25.93
N LYS C 201 -2.22 -6.68 25.44
CA LYS C 201 -2.11 -5.26 25.09
C LYS C 201 -3.13 -4.85 24.00
N LEU C 202 -3.41 -5.75 23.06
CA LEU C 202 -4.36 -5.55 21.97
C LEU C 202 -5.80 -5.59 22.50
N LYS C 203 -6.07 -6.43 23.50
CA LYS C 203 -7.37 -6.51 24.15
C LYS C 203 -7.64 -5.21 24.91
N LEU C 204 -6.61 -4.65 25.56
CA LEU C 204 -6.67 -3.40 26.30
C LEU C 204 -6.88 -2.24 25.35
N TRP C 205 -6.24 -2.26 24.16
CA TRP C 205 -6.36 -1.22 23.12
C TRP C 205 -7.82 -1.14 22.60
N MET C 206 -8.47 -2.31 22.33
CA MET C 206 -9.87 -2.44 21.91
C MET C 206 -10.83 -1.81 22.92
N ALA C 207 -10.54 -1.98 24.20
CA ALA C 207 -11.32 -1.41 25.28
C ALA C 207 -11.13 0.10 25.33
N ALA C 208 -9.89 0.59 25.08
CA ALA C 208 -9.57 2.01 25.04
C ALA C 208 -10.29 2.68 23.87
N MET C 209 -10.33 2.00 22.70
CA MET C 209 -11.00 2.49 21.48
C MET C 209 -12.47 2.76 21.73
N LYS C 210 -13.20 1.78 22.37
CA LYS C 210 -14.62 1.87 22.67
C LYS C 210 -14.93 3.07 23.57
N GLU C 211 -13.94 3.54 24.36
CA GLU C 211 -14.10 4.69 25.24
C GLU C 211 -13.93 6.01 24.48
N ASP C 212 -13.38 5.98 23.26
CA ASP C 212 -13.16 7.19 22.49
C ASP C 212 -14.51 7.75 21.97
N PRO C 213 -14.78 9.06 22.18
CA PRO C 213 -16.08 9.65 21.72
C PRO C 213 -16.38 9.47 20.22
N THR C 214 -15.38 9.61 19.33
CA THR C 214 -15.57 9.44 17.87
C THR C 214 -15.97 7.98 17.55
N VAL C 215 -15.23 6.99 18.09
CA VAL C 215 -15.50 5.56 17.96
C VAL C 215 -16.91 5.27 18.50
N SER C 216 -17.20 5.75 19.71
CA SER C 216 -18.48 5.56 20.39
C SER C 216 -19.66 6.04 19.52
N ALA C 217 -19.56 7.26 18.94
CA ALA C 217 -20.60 7.88 18.11
C ALA C 217 -20.97 7.03 16.89
N LEU C 218 -19.96 6.44 16.21
CA LEU C 218 -20.10 5.63 14.99
C LEU C 218 -20.27 4.10 15.23
N LEU C 219 -20.50 3.68 16.48
CA LEU C 219 -20.64 2.26 16.84
C LEU C 219 -21.95 1.69 16.29
N THR C 220 -21.99 0.36 16.13
CA THR C 220 -23.15 -0.40 15.64
C THR C 220 -23.54 -1.46 16.69
N SER C 221 -24.86 -1.68 16.89
CA SER C 221 -25.37 -2.67 17.82
C SER C 221 -25.08 -4.10 17.34
N GLU C 222 -25.08 -5.10 18.26
CA GLU C 222 -24.85 -6.50 17.92
C GLU C 222 -26.00 -7.02 17.01
N LYS C 223 -27.24 -6.55 17.26
CA LYS C 223 -28.44 -6.90 16.50
C LYS C 223 -28.31 -6.46 15.05
N ASP C 224 -27.79 -5.23 14.82
CA ASP C 224 -27.57 -4.70 13.47
C ASP C 224 -26.43 -5.44 12.78
N TRP C 225 -25.36 -5.79 13.54
CA TRP C 225 -24.21 -6.54 13.05
C TRP C 225 -24.62 -7.92 12.57
N GLN C 226 -25.40 -8.63 13.40
CA GLN C 226 -25.90 -9.98 13.10
C GLN C 226 -26.87 -9.98 11.94
N GLY C 227 -27.70 -8.95 11.86
CA GLY C 227 -28.67 -8.81 10.79
C GLY C 227 -28.00 -8.67 9.45
N PHE C 228 -27.02 -7.77 9.39
CA PHE C 228 -26.24 -7.55 8.18
C PHE C 228 -25.45 -8.81 7.78
N LEU C 229 -24.82 -9.49 8.75
CA LEU C 229 -24.02 -10.69 8.51
C LEU C 229 -24.85 -11.82 7.90
N GLU C 230 -26.05 -12.09 8.46
CA GLU C 230 -26.96 -13.13 7.97
C GLU C 230 -27.26 -12.87 6.52
N LEU C 231 -27.59 -11.62 6.15
CA LEU C 231 -27.89 -11.22 4.79
C LEU C 231 -26.65 -11.28 3.88
N TYR C 232 -25.44 -11.02 4.44
CA TYR C 232 -24.15 -11.05 3.73
C TYR C 232 -23.76 -12.49 3.38
N LEU C 233 -24.06 -13.43 4.28
CA LEU C 233 -23.82 -14.86 4.10
C LEU C 233 -24.79 -15.45 3.05
N GLN C 234 -25.96 -14.78 2.83
CA GLN C 234 -27.00 -15.18 1.86
C GLN C 234 -26.83 -14.41 0.54
N ASN C 235 -25.74 -13.60 0.43
CA ASN C 235 -25.38 -12.76 -0.73
C ASN C 235 -26.56 -11.88 -1.18
N SER C 236 -27.33 -11.39 -0.21
CA SER C 236 -28.51 -10.54 -0.43
C SER C 236 -28.10 -9.10 -0.80
N PRO C 237 -28.76 -8.49 -1.79
CA PRO C 237 -28.45 -7.08 -2.13
C PRO C 237 -29.00 -6.12 -1.07
N GLU C 238 -30.06 -6.56 -0.34
CA GLU C 238 -30.75 -5.80 0.71
C GLU C 238 -29.97 -5.72 2.03
N ALA C 239 -28.80 -6.42 2.11
CA ALA C 239 -27.94 -6.52 3.29
C ALA C 239 -27.52 -5.17 3.87
N CYS C 240 -27.04 -4.22 3.03
CA CYS C 240 -26.56 -2.93 3.50
C CYS C 240 -27.68 -1.98 3.96
N ASP C 241 -28.94 -2.38 3.76
CA ASP C 241 -30.09 -1.60 4.22
C ASP C 241 -30.76 -2.30 5.41
N TYR C 242 -29.97 -3.04 6.22
CA TYR C 242 -30.52 -3.72 7.39
C TYR C 242 -30.93 -2.69 8.46
N GLY C 243 -32.23 -2.66 8.77
CA GLY C 243 -32.84 -1.75 9.73
C GLY C 243 -34.28 -1.45 9.34
N ALA D 9 5.58 40.81 -9.55
CA ALA D 9 6.11 40.81 -8.19
C ALA D 9 5.84 39.47 -7.43
N ARG D 10 6.93 38.85 -6.94
CA ARG D 10 6.99 37.56 -6.24
C ARG D 10 6.09 37.53 -4.99
N SER D 11 5.23 36.53 -4.92
CA SER D 11 4.28 36.32 -3.84
C SER D 11 4.96 35.94 -2.51
N LEU D 12 4.32 36.33 -1.41
CA LEU D 12 4.72 35.98 -0.05
C LEU D 12 3.94 34.73 0.38
N GLY D 13 4.68 33.73 0.85
CA GLY D 13 4.10 32.47 1.28
C GLY D 13 4.49 32.13 2.70
N LYS D 14 4.27 30.84 3.10
CA LYS D 14 4.63 30.36 4.44
C LYS D 14 6.06 30.73 4.76
N GLY D 15 6.27 31.28 5.96
CA GLY D 15 7.59 31.65 6.44
C GLY D 15 8.06 33.05 6.12
N SER D 16 7.33 33.75 5.22
CA SER D 16 7.67 35.13 4.85
C SER D 16 7.39 36.11 5.99
N ALA D 17 8.19 37.17 6.09
CA ALA D 17 8.03 38.20 7.10
C ALA D 17 6.80 39.08 6.79
N PRO D 18 5.98 39.44 7.79
CA PRO D 18 4.83 40.34 7.49
C PRO D 18 5.34 41.73 7.10
N PRO D 19 4.62 42.45 6.21
CA PRO D 19 5.11 43.79 5.78
C PRO D 19 4.94 44.83 6.88
N GLY D 20 5.67 45.92 6.74
CA GLY D 20 5.61 47.04 7.68
C GLY D 20 4.33 47.86 7.57
N PRO D 21 4.26 49.01 8.28
CA PRO D 21 3.06 49.84 8.22
C PRO D 21 2.83 50.43 6.84
N VAL D 22 1.56 50.74 6.52
CA VAL D 22 1.19 51.34 5.23
C VAL D 22 1.52 52.84 5.31
N PRO D 23 2.40 53.37 4.41
CA PRO D 23 2.72 54.81 4.46
C PRO D 23 1.49 55.69 4.29
N GLU D 24 1.50 56.86 4.97
CA GLU D 24 0.43 57.85 4.93
C GLU D 24 0.28 58.39 3.51
N GLY D 25 -0.95 58.53 3.06
CA GLY D 25 -1.25 59.03 1.73
C GLY D 25 -1.18 57.99 0.62
N SER D 26 -1.42 56.71 0.95
CA SER D 26 -1.46 55.58 0.02
C SER D 26 -2.15 54.40 0.70
N ILE D 27 -2.89 53.61 -0.09
CA ILE D 27 -3.63 52.44 0.42
C ILE D 27 -2.92 51.17 -0.09
N ARG D 28 -3.09 50.03 0.60
CA ARG D 28 -2.37 48.82 0.19
C ARG D 28 -3.36 47.70 -0.15
N ILE D 29 -3.10 47.06 -1.30
CA ILE D 29 -3.90 45.96 -1.76
C ILE D 29 -3.09 44.66 -1.63
N TYR D 30 -3.71 43.69 -0.94
CA TYR D 30 -3.24 42.31 -0.82
C TYR D 30 -3.89 41.62 -2.00
N SER D 31 -3.09 41.27 -3.01
CA SER D 31 -3.57 40.70 -4.26
C SER D 31 -2.92 39.35 -4.53
N MET D 32 -3.23 38.77 -5.69
CA MET D 32 -2.68 37.55 -6.23
C MET D 32 -2.78 37.67 -7.75
N ARG D 33 -1.61 37.74 -8.41
CA ARG D 33 -1.47 37.84 -9.85
C ARG D 33 -2.23 36.67 -10.41
N PHE D 34 -3.11 36.97 -11.35
CA PHE D 34 -4.03 36.14 -12.13
C PHE D 34 -5.40 36.00 -11.45
N CYS D 35 -5.59 36.48 -10.21
CA CYS D 35 -6.87 36.36 -9.51
C CYS D 35 -7.88 37.38 -10.03
N PRO D 36 -9.04 36.91 -10.58
CA PRO D 36 -10.04 37.84 -11.12
C PRO D 36 -10.75 38.68 -10.04
N PHE D 37 -10.86 38.12 -8.80
CA PHE D 37 -11.47 38.84 -7.68
C PHE D 37 -10.60 40.04 -7.27
N ALA D 38 -9.28 39.80 -7.17
CA ALA D 38 -8.30 40.83 -6.80
C ALA D 38 -8.18 41.88 -7.91
N GLU D 39 -8.40 41.45 -9.18
CA GLU D 39 -8.34 42.30 -10.38
C GLU D 39 -9.43 43.35 -10.35
N ARG D 40 -10.60 43.05 -9.78
CA ARG D 40 -11.69 44.01 -9.61
C ARG D 40 -11.20 45.26 -8.89
N THR D 41 -10.57 45.07 -7.72
CA THR D 41 -10.07 46.15 -6.87
C THR D 41 -8.94 46.89 -7.58
N ARG D 42 -8.06 46.14 -8.26
CA ARG D 42 -6.94 46.71 -9.00
C ARG D 42 -7.42 47.61 -10.15
N LEU D 43 -8.56 47.27 -10.78
CA LEU D 43 -9.14 48.07 -11.87
C LEU D 43 -9.70 49.37 -11.30
N VAL D 44 -10.38 49.27 -10.14
CA VAL D 44 -10.99 50.41 -9.42
C VAL D 44 -9.87 51.40 -9.03
N LEU D 45 -8.78 50.90 -8.39
CA LEU D 45 -7.62 51.70 -7.96
C LEU D 45 -7.02 52.47 -9.15
N LYS D 46 -6.82 51.79 -10.30
CA LYS D 46 -6.28 52.41 -11.51
C LYS D 46 -7.26 53.46 -12.06
N ALA D 47 -8.55 53.07 -12.24
CA ALA D 47 -9.63 53.90 -12.75
C ALA D 47 -9.78 55.22 -11.98
N LYS D 48 -9.72 55.15 -10.64
CA LYS D 48 -9.86 56.32 -9.76
C LYS D 48 -8.53 57.09 -9.54
N GLY D 49 -7.44 56.59 -10.13
CA GLY D 49 -6.11 57.15 -10.00
C GLY D 49 -5.61 57.20 -8.57
N ILE D 50 -5.93 56.15 -7.79
CA ILE D 50 -5.55 56.06 -6.37
C ILE D 50 -4.08 55.60 -6.22
N ARG D 51 -3.26 56.35 -5.43
CA ARG D 51 -1.89 55.94 -5.13
C ARG D 51 -1.95 54.74 -4.18
N HIS D 52 -1.25 53.64 -4.53
CA HIS D 52 -1.29 52.42 -3.74
C HIS D 52 -0.09 51.49 -3.97
N GLU D 53 0.16 50.59 -2.99
CA GLU D 53 1.16 49.53 -3.07
C GLU D 53 0.44 48.18 -3.18
N VAL D 54 1.02 47.26 -3.98
CA VAL D 54 0.44 45.92 -4.17
C VAL D 54 1.35 44.91 -3.48
N ILE D 55 0.75 44.02 -2.65
CA ILE D 55 1.47 42.94 -1.96
C ILE D 55 0.82 41.63 -2.39
N ASN D 56 1.53 40.84 -3.20
CA ASN D 56 1.03 39.57 -3.70
C ASN D 56 1.17 38.45 -2.68
N ILE D 57 0.05 37.75 -2.45
CA ILE D 57 -0.05 36.63 -1.52
C ILE D 57 -0.20 35.36 -2.30
N ASN D 58 0.55 34.31 -1.93
CA ASN D 58 0.40 33.00 -2.55
C ASN D 58 -0.72 32.28 -1.80
N LEU D 59 -1.92 32.23 -2.35
CA LEU D 59 -3.03 31.61 -1.63
C LEU D 59 -2.90 30.07 -1.55
N LYS D 60 -2.03 29.47 -2.40
CA LYS D 60 -1.78 28.02 -2.39
C LYS D 60 -0.61 27.68 -1.39
N ASN D 61 -0.09 28.69 -0.67
CA ASN D 61 1.00 28.61 0.32
C ASN D 61 0.95 29.88 1.19
N LYS D 62 -0.22 30.15 1.79
CA LYS D 62 -0.51 31.34 2.59
C LYS D 62 0.42 31.56 3.79
N PRO D 63 0.92 32.80 3.98
CA PRO D 63 1.69 33.11 5.19
C PRO D 63 0.79 33.05 6.41
N GLU D 64 1.33 32.63 7.56
CA GLU D 64 0.57 32.50 8.81
C GLU D 64 0.00 33.85 9.30
N TRP D 65 0.76 34.95 9.12
CA TRP D 65 0.33 36.31 9.51
C TRP D 65 -0.87 36.83 8.67
N PHE D 66 -1.10 36.26 7.46
CA PHE D 66 -2.16 36.71 6.57
C PHE D 66 -3.59 36.44 7.13
N PHE D 67 -3.82 35.39 7.96
CA PHE D 67 -5.16 35.12 8.53
C PHE D 67 -5.57 36.28 9.49
N LYS D 68 -4.59 37.05 10.01
CA LYS D 68 -4.85 38.22 10.85
C LYS D 68 -5.39 39.38 10.00
N LYS D 69 -5.06 39.39 8.69
CA LYS D 69 -5.55 40.42 7.74
C LYS D 69 -6.99 40.10 7.27
N ASN D 70 -7.31 38.79 7.10
CA ASN D 70 -8.63 38.31 6.66
C ASN D 70 -8.92 36.95 7.26
N PRO D 71 -10.03 36.78 8.03
CA PRO D 71 -10.37 35.44 8.58
C PRO D 71 -10.71 34.40 7.49
N PHE D 72 -11.23 34.85 6.34
CA PHE D 72 -11.57 33.96 5.22
C PHE D 72 -10.32 33.48 4.46
N GLY D 73 -9.18 34.14 4.69
CA GLY D 73 -7.90 33.84 4.05
C GLY D 73 -7.96 33.97 2.54
N LEU D 74 -8.63 35.03 2.06
CA LEU D 74 -8.76 35.29 0.64
C LEU D 74 -8.25 36.68 0.28
N VAL D 75 -7.89 36.87 -0.99
CA VAL D 75 -7.53 38.18 -1.51
C VAL D 75 -8.72 38.60 -2.44
N PRO D 76 -9.03 39.90 -2.64
CA PRO D 76 -8.30 41.09 -2.18
C PRO D 76 -8.59 41.49 -0.75
N VAL D 77 -7.61 42.19 -0.16
CA VAL D 77 -7.66 42.79 1.18
C VAL D 77 -7.03 44.14 1.05
N LEU D 78 -7.76 45.17 1.48
CA LEU D 78 -7.26 46.54 1.50
C LEU D 78 -6.80 46.85 2.89
N GLU D 79 -5.67 47.54 3.01
CA GLU D 79 -5.13 47.97 4.30
C GLU D 79 -4.67 49.45 4.16
N ASN D 80 -5.10 50.30 5.09
CA ASN D 80 -4.71 51.71 5.05
C ASN D 80 -3.71 52.07 6.18
N SER D 81 -3.28 53.36 6.21
CA SER D 81 -2.35 53.92 7.21
C SER D 81 -2.85 53.73 8.64
N GLN D 82 -4.19 53.81 8.86
CA GLN D 82 -4.85 53.64 10.17
C GLN D 82 -4.98 52.16 10.56
N GLY D 83 -4.47 51.26 9.71
CA GLY D 83 -4.47 49.83 9.94
C GLY D 83 -5.82 49.17 9.76
N GLN D 84 -6.79 49.89 9.14
CA GLN D 84 -8.14 49.40 8.84
C GLN D 84 -8.08 48.38 7.71
N LEU D 85 -8.77 47.24 7.88
CA LEU D 85 -8.77 46.17 6.86
C LEU D 85 -10.15 45.98 6.22
N ILE D 86 -10.20 45.88 4.89
CA ILE D 86 -11.44 45.70 4.14
C ILE D 86 -11.26 44.52 3.21
N TYR D 87 -12.13 43.51 3.30
CA TYR D 87 -12.08 42.35 2.40
C TYR D 87 -13.45 42.19 1.68
N GLU D 88 -13.56 41.18 0.76
CA GLU D 88 -14.68 40.89 -0.17
C GLU D 88 -14.51 41.86 -1.34
N SER D 89 -14.15 41.31 -2.51
CA SER D 89 -13.84 42.12 -3.68
C SER D 89 -14.90 43.24 -3.89
N ALA D 90 -16.21 42.92 -3.99
CA ALA D 90 -17.23 43.95 -4.24
C ALA D 90 -17.24 45.06 -3.16
N ILE D 91 -16.99 44.68 -1.88
CA ILE D 91 -16.95 45.61 -0.75
C ILE D 91 -15.76 46.58 -0.89
N THR D 92 -14.53 46.07 -1.12
CA THR D 92 -13.32 46.85 -1.32
C THR D 92 -13.49 47.88 -2.47
N CYS D 93 -14.27 47.51 -3.52
CA CYS D 93 -14.55 48.33 -4.71
C CYS D 93 -15.46 49.51 -4.39
N GLU D 94 -16.54 49.26 -3.64
CA GLU D 94 -17.49 50.29 -3.22
C GLU D 94 -16.81 51.22 -2.22
N TYR D 95 -16.03 50.62 -1.27
CA TYR D 95 -15.25 51.35 -0.26
C TYR D 95 -14.41 52.44 -0.91
N LEU D 96 -13.54 52.03 -1.85
CA LEU D 96 -12.63 52.90 -2.58
C LEU D 96 -13.38 54.03 -3.25
N ASP D 97 -14.48 53.73 -3.98
CA ASP D 97 -15.31 54.70 -4.70
C ASP D 97 -15.87 55.79 -3.76
N GLU D 98 -16.28 55.39 -2.55
CA GLU D 98 -16.84 56.28 -1.54
C GLU D 98 -15.75 57.06 -0.80
N ALA D 99 -14.62 56.41 -0.46
CA ALA D 99 -13.55 56.99 0.37
C ALA D 99 -12.54 57.88 -0.40
N TYR D 100 -12.48 57.78 -1.73
CA TYR D 100 -11.48 58.53 -2.48
C TYR D 100 -12.07 59.50 -3.48
N PRO D 101 -11.38 60.65 -3.71
CA PRO D 101 -11.87 61.64 -4.68
C PRO D 101 -11.80 61.17 -6.13
N GLY D 102 -12.38 61.99 -7.01
CA GLY D 102 -12.42 61.75 -8.44
C GLY D 102 -13.81 61.42 -8.93
N LYS D 103 -13.90 60.95 -10.18
CA LYS D 103 -15.17 60.56 -10.80
C LYS D 103 -15.67 59.30 -10.15
N LYS D 104 -16.96 59.29 -9.79
CA LYS D 104 -17.58 58.12 -9.15
C LYS D 104 -17.85 57.06 -10.19
N LEU D 105 -17.44 55.81 -9.91
CA LEU D 105 -17.64 54.64 -10.78
C LEU D 105 -19.05 54.11 -10.58
N LEU D 106 -19.62 54.32 -9.39
CA LEU D 106 -20.99 53.92 -9.07
C LEU D 106 -21.88 55.13 -9.25
N PRO D 107 -23.11 54.96 -9.77
CA PRO D 107 -24.02 56.11 -9.86
C PRO D 107 -24.47 56.56 -8.48
N ASP D 108 -24.71 57.85 -8.37
CA ASP D 108 -25.14 58.55 -7.18
C ASP D 108 -26.63 58.34 -6.93
N ASP D 109 -27.45 58.18 -8.01
CA ASP D 109 -28.87 57.90 -7.85
C ASP D 109 -29.07 56.52 -7.21
N PRO D 110 -29.86 56.46 -6.10
CA PRO D 110 -30.12 55.16 -5.44
C PRO D 110 -30.65 54.07 -6.37
N TYR D 111 -31.62 54.37 -7.27
CA TYR D 111 -32.16 53.36 -8.20
C TYR D 111 -31.10 52.89 -9.22
N GLU D 112 -30.30 53.85 -9.76
CA GLU D 112 -29.23 53.61 -10.74
C GLU D 112 -28.10 52.80 -10.11
N LYS D 113 -27.78 53.06 -8.83
CA LYS D 113 -26.79 52.27 -8.09
C LYS D 113 -27.33 50.83 -7.89
N ALA D 114 -28.62 50.72 -7.52
CA ALA D 114 -29.33 49.47 -7.25
C ALA D 114 -29.30 48.55 -8.47
N CYS D 115 -29.50 49.10 -9.69
CA CYS D 115 -29.48 48.36 -10.96
C CYS D 115 -28.12 47.70 -11.16
N GLN D 116 -27.02 48.48 -11.01
CA GLN D 116 -25.66 47.98 -11.09
C GLN D 116 -25.52 46.74 -10.17
N LYS D 117 -25.96 46.86 -8.89
CA LYS D 117 -25.95 45.80 -7.87
C LYS D 117 -26.84 44.62 -8.28
N MET D 118 -27.98 44.90 -8.94
CA MET D 118 -28.90 43.87 -9.42
C MET D 118 -28.26 43.07 -10.54
N ILE D 119 -27.51 43.75 -11.43
CA ILE D 119 -26.80 43.09 -12.53
C ILE D 119 -25.71 42.19 -11.94
N LEU D 120 -25.01 42.68 -10.90
CA LEU D 120 -23.94 41.93 -10.20
C LEU D 120 -24.46 40.59 -9.69
N GLU D 121 -25.71 40.56 -9.18
CA GLU D 121 -26.36 39.34 -8.72
C GLU D 121 -26.63 38.39 -9.88
N LEU D 122 -27.09 38.92 -11.04
CA LEU D 122 -27.31 38.11 -12.25
C LEU D 122 -26.02 37.42 -12.72
N PHE D 123 -24.86 37.98 -12.36
CA PHE D 123 -23.55 37.46 -12.74
C PHE D 123 -22.96 36.47 -11.68
N SER D 124 -23.43 36.51 -10.42
CA SER D 124 -22.95 35.74 -9.28
C SER D 124 -22.65 34.24 -9.54
N LYS D 125 -23.34 33.61 -10.51
CA LYS D 125 -23.17 32.18 -10.85
C LYS D 125 -21.91 31.92 -11.72
N VAL D 126 -21.49 32.91 -12.53
CA VAL D 126 -20.37 32.79 -13.46
C VAL D 126 -19.05 32.45 -12.72
N PRO D 127 -18.58 33.19 -11.66
CA PRO D 127 -17.30 32.82 -11.04
C PRO D 127 -17.21 31.36 -10.61
N SER D 128 -18.27 30.80 -10.01
CA SER D 128 -18.31 29.39 -9.56
C SER D 128 -18.24 28.41 -10.75
N LEU D 129 -18.92 28.76 -11.87
CA LEU D 129 -18.90 27.97 -13.09
C LEU D 129 -17.49 27.91 -13.67
N VAL D 130 -16.81 29.09 -13.69
CA VAL D 130 -15.44 29.22 -14.18
C VAL D 130 -14.55 28.24 -13.36
N GLY D 131 -14.67 28.28 -12.03
CA GLY D 131 -13.93 27.42 -11.13
C GLY D 131 -14.07 25.94 -11.44
N SER D 132 -15.33 25.50 -11.66
CA SER D 132 -15.66 24.11 -11.99
C SER D 132 -15.06 23.68 -13.34
N PHE D 133 -14.98 24.63 -14.29
CA PHE D 133 -14.43 24.40 -15.63
C PHE D 133 -12.90 24.20 -15.58
N ILE D 134 -12.21 24.91 -14.67
CA ILE D 134 -10.74 24.82 -14.49
C ILE D 134 -10.36 23.45 -13.87
N ARG D 135 -11.16 22.91 -12.95
CA ARG D 135 -10.88 21.64 -12.28
C ARG D 135 -11.55 20.48 -13.02
N LYS D 139 -15.95 15.22 -19.36
CA LYS D 139 -16.25 15.19 -20.79
C LYS D 139 -17.67 15.74 -21.06
N GLU D 140 -18.70 15.05 -20.52
CA GLU D 140 -20.12 15.44 -20.60
C GLU D 140 -20.40 16.61 -19.64
N ASP D 141 -19.56 16.78 -18.61
CA ASP D 141 -19.67 17.85 -17.60
C ASP D 141 -19.12 19.19 -18.11
N TYR D 142 -18.10 19.14 -19.01
CA TYR D 142 -17.50 20.31 -19.68
C TYR D 142 -18.52 20.87 -20.66
N ALA D 143 -19.25 19.94 -21.35
CA ALA D 143 -20.35 20.23 -22.29
C ALA D 143 -21.56 20.85 -21.55
N GLY D 144 -21.80 20.36 -20.32
CA GLY D 144 -22.87 20.86 -19.45
C GLY D 144 -22.53 22.23 -18.91
N LEU D 145 -21.23 22.45 -18.62
CA LEU D 145 -20.72 23.73 -18.11
C LEU D 145 -20.83 24.81 -19.18
N LYS D 146 -20.52 24.47 -20.45
CA LYS D 146 -20.61 25.34 -21.62
C LYS D 146 -22.05 25.78 -21.81
N GLU D 147 -23.00 24.84 -21.65
CA GLU D 147 -24.44 25.10 -21.77
C GLU D 147 -24.92 26.01 -20.63
N GLU D 148 -24.30 25.86 -19.45
CA GLU D 148 -24.61 26.67 -18.27
C GLU D 148 -24.12 28.10 -18.47
N PHE D 149 -22.92 28.27 -19.09
CA PHE D 149 -22.35 29.57 -19.40
C PHE D 149 -23.28 30.34 -20.34
N ARG D 150 -23.73 29.69 -21.43
CA ARG D 150 -24.66 30.24 -22.43
C ARG D 150 -25.94 30.76 -21.75
N LYS D 151 -26.54 29.94 -20.84
CA LYS D 151 -27.73 30.29 -20.06
C LYS D 151 -27.50 31.58 -19.27
N GLU D 152 -26.33 31.70 -18.63
CA GLU D 152 -25.96 32.83 -17.79
C GLU D 152 -25.69 34.08 -18.61
N PHE D 153 -25.01 33.90 -19.76
CA PHE D 153 -24.64 34.99 -20.65
C PHE D 153 -25.89 35.59 -21.33
N THR D 154 -26.92 34.73 -21.61
CA THR D 154 -28.19 35.13 -22.20
C THR D 154 -28.89 36.15 -21.28
N LYS D 155 -28.85 35.91 -19.96
CA LYS D 155 -29.43 36.82 -18.97
C LYS D 155 -28.80 38.22 -19.08
N LEU D 156 -27.46 38.28 -19.27
CA LEU D 156 -26.68 39.53 -19.41
C LEU D 156 -26.97 40.21 -20.75
N GLU D 157 -27.26 39.43 -21.79
CA GLU D 157 -27.62 39.94 -23.12
C GLU D 157 -28.97 40.66 -23.06
N GLU D 158 -29.91 40.11 -22.26
CA GLU D 158 -31.24 40.68 -22.02
C GLU D 158 -31.11 42.02 -21.31
N VAL D 159 -30.10 42.18 -20.46
CA VAL D 159 -29.81 43.42 -19.74
C VAL D 159 -29.44 44.50 -20.77
N LEU D 160 -28.36 44.28 -21.54
CA LEU D 160 -27.87 45.19 -22.58
C LEU D 160 -28.96 45.55 -23.60
N THR D 161 -29.79 44.55 -23.99
CA THR D 161 -30.90 44.70 -24.94
C THR D 161 -31.90 45.74 -24.40
N ASN D 162 -32.35 45.54 -23.14
CA ASN D 162 -33.30 46.44 -22.47
C ASN D 162 -32.65 47.82 -22.19
N LYS D 163 -31.38 47.84 -21.75
CA LYS D 163 -30.62 49.06 -21.44
C LYS D 163 -30.44 49.95 -22.68
N LYS D 164 -30.26 49.33 -23.87
CA LYS D 164 -30.07 49.96 -25.18
C LYS D 164 -28.82 50.86 -25.18
N THR D 165 -27.81 50.50 -24.37
CA THR D 165 -26.52 51.18 -24.22
C THR D 165 -25.37 50.20 -24.48
N THR D 166 -24.13 50.71 -24.61
CA THR D 166 -22.93 49.89 -24.83
C THR D 166 -22.54 49.12 -23.57
N PHE D 167 -22.50 49.81 -22.40
CA PHE D 167 -22.09 49.24 -21.12
C PHE D 167 -23.30 48.97 -20.25
N PHE D 168 -23.10 48.23 -19.15
CA PHE D 168 -24.19 47.81 -18.29
C PHE D 168 -24.76 48.93 -17.39
N GLY D 169 -24.07 50.06 -17.35
CA GLY D 169 -24.53 51.18 -16.55
C GLY D 169 -24.65 52.48 -17.32
N GLY D 170 -24.77 52.38 -18.65
CA GLY D 170 -24.91 53.52 -19.55
C GLY D 170 -24.01 53.47 -20.77
N ASN D 171 -23.84 54.62 -21.44
CA ASN D 171 -23.00 54.70 -22.62
C ASN D 171 -21.52 54.98 -22.28
N SER D 172 -21.20 54.98 -20.98
CA SER D 172 -19.85 55.14 -20.43
C SER D 172 -19.57 54.01 -19.46
N ILE D 173 -18.27 53.67 -19.29
CA ILE D 173 -17.81 52.60 -18.41
C ILE D 173 -18.11 52.98 -16.96
N SER D 174 -18.52 52.00 -16.16
CA SER D 174 -18.84 52.20 -14.75
C SER D 174 -18.45 50.96 -13.93
N MET D 175 -18.66 51.04 -12.62
CA MET D 175 -18.36 50.01 -11.65
C MET D 175 -18.74 48.57 -12.12
N ILE D 176 -20.00 48.37 -12.52
CA ILE D 176 -20.52 47.06 -12.92
C ILE D 176 -19.67 46.40 -14.05
N ASP D 177 -19.24 47.21 -15.02
CA ASP D 177 -18.40 46.77 -16.13
C ASP D 177 -17.09 46.20 -15.62
N TYR D 178 -16.41 46.91 -14.65
CA TYR D 178 -15.15 46.49 -14.03
C TYR D 178 -15.33 45.26 -13.16
N LEU D 179 -16.46 45.15 -12.45
CA LEU D 179 -16.78 44.02 -11.56
C LEU D 179 -16.96 42.69 -12.33
N ILE D 180 -17.61 42.70 -13.48
CA ILE D 180 -17.85 41.45 -14.18
C ILE D 180 -16.73 41.14 -15.20
N TRP D 181 -16.00 42.17 -15.71
CA TRP D 181 -14.95 42.06 -16.74
C TRP D 181 -13.91 40.94 -16.56
N PRO D 182 -13.23 40.73 -15.38
CA PRO D 182 -12.16 39.72 -15.30
C PRO D 182 -12.53 38.30 -15.76
N TRP D 183 -13.79 37.88 -15.58
CA TRP D 183 -14.20 36.56 -16.02
C TRP D 183 -14.32 36.51 -17.54
N PHE D 184 -14.83 37.58 -18.20
CA PHE D 184 -14.93 37.64 -19.67
C PHE D 184 -13.57 37.78 -20.32
N GLU D 185 -12.61 38.46 -19.65
CA GLU D 185 -11.22 38.62 -20.08
C GLU D 185 -10.52 37.24 -20.19
N ARG D 186 -10.96 36.25 -19.37
CA ARG D 186 -10.36 34.92 -19.31
C ARG D 186 -11.04 33.90 -20.23
N LEU D 187 -12.16 34.27 -20.87
CA LEU D 187 -12.91 33.38 -21.77
C LEU D 187 -12.06 32.84 -22.89
N GLU D 188 -11.34 33.72 -23.61
CA GLU D 188 -10.47 33.38 -24.73
C GLU D 188 -9.41 32.37 -24.27
N ALA D 189 -8.76 32.62 -23.12
CA ALA D 189 -7.73 31.73 -22.57
C ALA D 189 -8.32 30.37 -22.18
N MET D 190 -9.57 30.35 -21.69
CA MET D 190 -10.25 29.13 -21.26
C MET D 190 -10.84 28.36 -22.46
N LYS D 191 -10.71 28.95 -23.69
CA LYS D 191 -11.23 28.42 -24.96
C LYS D 191 -12.77 28.32 -24.88
N LEU D 192 -13.40 29.41 -24.40
CA LEU D 192 -14.86 29.51 -24.24
C LEU D 192 -15.48 30.68 -25.05
N ASN D 193 -14.81 31.11 -26.14
CA ASN D 193 -15.25 32.19 -27.04
C ASN D 193 -16.55 31.82 -27.80
N GLU D 194 -16.92 30.51 -27.87
CA GLU D 194 -18.13 29.99 -28.51
C GLU D 194 -19.36 30.22 -27.61
N CYS D 195 -19.14 30.40 -26.29
CA CYS D 195 -20.21 30.59 -25.33
C CYS D 195 -20.87 31.99 -25.44
N VAL D 196 -20.29 32.90 -26.25
CA VAL D 196 -20.85 34.24 -26.46
C VAL D 196 -21.30 34.41 -27.95
N ASP D 197 -21.34 33.32 -28.72
CA ASP D 197 -21.73 33.35 -30.14
C ASP D 197 -23.20 33.81 -30.34
N HIS D 198 -24.09 33.45 -29.39
CA HIS D 198 -25.51 33.76 -29.42
C HIS D 198 -25.82 35.09 -28.71
N THR D 199 -24.80 35.78 -28.22
CA THR D 199 -24.96 37.03 -27.48
C THR D 199 -24.17 38.15 -28.20
N PRO D 200 -24.73 38.70 -29.31
CA PRO D 200 -23.99 39.73 -30.08
C PRO D 200 -23.66 41.01 -29.28
N LYS D 201 -24.63 41.57 -28.52
CA LYS D 201 -24.43 42.80 -27.74
C LYS D 201 -23.32 42.62 -26.69
N LEU D 202 -23.22 41.41 -26.09
CA LEU D 202 -22.22 41.06 -25.08
C LEU D 202 -20.83 40.94 -25.72
N LYS D 203 -20.77 40.43 -26.98
CA LYS D 203 -19.52 40.33 -27.74
C LYS D 203 -18.99 41.74 -28.05
N LEU D 204 -19.92 42.68 -28.37
CA LEU D 204 -19.62 44.08 -28.66
C LEU D 204 -19.14 44.81 -27.38
N TRP D 205 -19.72 44.47 -26.23
CA TRP D 205 -19.36 45.05 -24.92
C TRP D 205 -17.90 44.68 -24.57
N MET D 206 -17.52 43.39 -24.76
CA MET D 206 -16.17 42.85 -24.52
C MET D 206 -15.13 43.60 -25.34
N ALA D 207 -15.50 43.95 -26.60
CA ALA D 207 -14.64 44.69 -27.52
C ALA D 207 -14.47 46.12 -27.04
N ALA D 208 -15.56 46.72 -26.52
CA ALA D 208 -15.55 48.08 -25.97
C ALA D 208 -14.62 48.17 -24.76
N MET D 209 -14.73 47.17 -23.85
CA MET D 209 -13.90 47.00 -22.64
C MET D 209 -12.43 47.03 -22.97
N LYS D 210 -11.99 46.18 -23.93
CA LYS D 210 -10.59 46.07 -24.33
C LYS D 210 -10.03 47.42 -24.82
N GLU D 211 -10.91 48.32 -25.30
CA GLU D 211 -10.48 49.63 -25.80
C GLU D 211 -10.31 50.64 -24.64
N ASP D 212 -10.87 50.33 -23.47
CA ASP D 212 -10.78 51.23 -22.31
C ASP D 212 -9.35 51.24 -21.73
N PRO D 213 -8.77 52.46 -21.52
CA PRO D 213 -7.40 52.58 -21.01
C PRO D 213 -7.11 51.81 -19.71
N THR D 214 -8.05 51.81 -18.75
CA THR D 214 -7.86 51.11 -17.49
C THR D 214 -7.71 49.59 -17.82
N VAL D 215 -8.74 48.95 -18.42
CA VAL D 215 -8.74 47.52 -18.81
C VAL D 215 -7.47 47.19 -19.64
N SER D 216 -7.09 48.07 -20.60
CA SER D 216 -5.91 47.88 -21.44
C SER D 216 -4.63 47.78 -20.59
N ALA D 217 -4.45 48.69 -19.61
CA ALA D 217 -3.29 48.75 -18.73
C ALA D 217 -3.09 47.46 -17.92
N LEU D 218 -4.17 46.88 -17.41
CA LEU D 218 -4.17 45.70 -16.55
C LEU D 218 -4.36 44.36 -17.29
N LEU D 219 -4.29 44.37 -18.64
CA LEU D 219 -4.45 43.16 -19.47
C LEU D 219 -3.28 42.17 -19.29
N THR D 220 -3.54 40.88 -19.58
CA THR D 220 -2.55 39.80 -19.49
C THR D 220 -2.43 39.10 -20.86
N SER D 221 -1.21 38.71 -21.26
CA SER D 221 -0.95 38.00 -22.52
C SER D 221 -1.53 36.57 -22.49
N GLU D 222 -1.77 35.98 -23.68
CA GLU D 222 -2.28 34.60 -23.81
C GLU D 222 -1.24 33.60 -23.26
N LYS D 223 0.06 33.90 -23.47
CA LYS D 223 1.19 33.09 -22.99
C LYS D 223 1.21 33.02 -21.47
N ASP D 224 0.98 34.16 -20.80
CA ASP D 224 0.93 34.23 -19.34
C ASP D 224 -0.32 33.52 -18.81
N TRP D 225 -1.46 33.68 -19.52
CA TRP D 225 -2.73 33.04 -19.18
C TRP D 225 -2.60 31.52 -19.21
N GLN D 226 -2.04 30.99 -20.31
CA GLN D 226 -1.82 29.56 -20.54
C GLN D 226 -0.79 28.98 -19.58
N GLY D 227 0.23 29.74 -19.25
CA GLY D 227 1.27 29.33 -18.32
C GLY D 227 0.72 29.11 -16.93
N PHE D 228 -0.06 30.09 -16.45
CA PHE D 228 -0.73 30.03 -15.16
C PHE D 228 -1.77 28.88 -15.14
N LEU D 229 -2.54 28.70 -16.26
CA LEU D 229 -3.57 27.66 -16.43
C LEU D 229 -3.02 26.23 -16.34
N GLU D 230 -1.82 25.99 -16.90
CA GLU D 230 -1.16 24.68 -16.85
C GLU D 230 -0.81 24.37 -15.41
N LEU D 231 -0.18 25.33 -14.71
CA LEU D 231 0.20 25.21 -13.31
C LEU D 231 -1.02 25.13 -12.36
N TYR D 232 -2.11 25.87 -12.65
CA TYR D 232 -3.32 25.83 -11.82
C TYR D 232 -3.99 24.46 -11.96
N LEU D 233 -4.07 23.89 -13.19
CA LEU D 233 -4.63 22.57 -13.46
C LEU D 233 -3.84 21.49 -12.71
N GLN D 234 -2.55 21.74 -12.41
CA GLN D 234 -1.67 20.83 -11.67
C GLN D 234 -1.65 21.18 -10.16
N ASN D 235 -2.49 22.16 -9.73
CA ASN D 235 -2.64 22.69 -8.36
C ASN D 235 -1.28 23.03 -7.75
N SER D 236 -0.38 23.59 -8.59
CA SER D 236 0.97 23.98 -8.21
C SER D 236 0.96 25.27 -7.36
N PRO D 237 1.77 25.33 -6.28
CA PRO D 237 1.82 26.57 -5.47
C PRO D 237 2.58 27.69 -6.19
N GLU D 238 3.46 27.31 -7.13
CA GLU D 238 4.28 28.21 -7.95
C GLU D 238 3.48 28.89 -9.07
N ALA D 239 2.20 28.51 -9.27
CA ALA D 239 1.33 29.00 -10.33
C ALA D 239 1.20 30.52 -10.40
N CYS D 240 0.98 31.20 -9.26
CA CYS D 240 0.79 32.65 -9.23
C CYS D 240 2.09 33.45 -9.49
N ASP D 241 3.24 32.74 -9.54
CA ASP D 241 4.53 33.34 -9.86
C ASP D 241 5.00 32.90 -11.28
N TYR D 242 4.02 32.71 -12.21
CA TYR D 242 4.34 32.36 -13.59
C TYR D 242 4.99 33.54 -14.30
N GLY D 243 6.23 33.31 -14.75
CA GLY D 243 7.08 34.31 -15.38
C GLY D 243 7.84 35.08 -14.31
N LEU D 244 7.55 34.74 -13.02
CA LEU D 244 8.07 35.27 -11.75
C LEU D 244 7.10 36.34 -11.17
N ALA E 9 -53.93 40.34 1.59
CA ALA E 9 -52.96 39.48 2.26
C ALA E 9 -52.91 38.07 1.64
N ARG E 10 -54.04 37.56 1.10
CA ARG E 10 -54.09 36.26 0.41
C ARG E 10 -53.16 36.33 -0.80
N SER E 11 -52.27 35.34 -0.98
CA SER E 11 -51.26 35.36 -2.04
C SER E 11 -51.88 35.25 -3.43
N LEU E 12 -51.23 35.90 -4.40
CA LEU E 12 -51.63 35.92 -5.80
C LEU E 12 -50.82 34.87 -6.55
N SER E 16 -54.31 35.07 -11.39
CA SER E 16 -54.69 36.27 -10.63
C SER E 16 -54.48 37.54 -11.45
N ALA E 17 -55.30 38.57 -11.18
CA ALA E 17 -55.22 39.85 -11.87
C ALA E 17 -54.00 40.66 -11.37
N PRO E 18 -53.23 41.30 -12.29
CA PRO E 18 -52.09 42.12 -11.81
C PRO E 18 -52.59 43.37 -11.10
N PRO E 19 -51.84 43.90 -10.11
CA PRO E 19 -52.30 45.13 -9.43
C PRO E 19 -52.08 46.36 -10.34
N GLY E 20 -52.75 47.45 -10.02
CA GLY E 20 -52.59 48.67 -10.80
C GLY E 20 -51.28 49.40 -10.52
N PRO E 21 -51.05 50.59 -11.12
CA PRO E 21 -49.82 51.35 -10.82
C PRO E 21 -49.75 51.76 -9.36
N VAL E 22 -48.54 52.01 -8.89
CA VAL E 22 -48.28 52.39 -7.51
C VAL E 22 -48.63 53.88 -7.30
N PRO E 23 -49.55 54.22 -6.37
CA PRO E 23 -49.87 55.64 -6.12
C PRO E 23 -48.67 56.49 -5.73
N GLU E 24 -48.65 57.77 -6.12
CA GLU E 24 -47.59 58.74 -5.83
C GLU E 24 -47.44 58.91 -4.32
N GLY E 25 -46.20 58.95 -3.86
CA GLY E 25 -45.86 59.07 -2.44
C GLY E 25 -45.97 57.75 -1.71
N SER E 26 -45.91 56.63 -2.45
CA SER E 26 -45.99 55.27 -1.90
C SER E 26 -45.07 54.32 -2.67
N ILE E 27 -44.68 53.21 -2.02
CA ILE E 27 -43.84 52.16 -2.61
C ILE E 27 -44.52 50.80 -2.36
N ARG E 28 -44.39 49.88 -3.29
CA ARG E 28 -45.00 48.57 -3.18
C ARG E 28 -43.98 47.51 -2.97
N ILE E 29 -44.30 46.51 -2.13
CA ILE E 29 -43.43 45.38 -1.91
C ILE E 29 -44.18 44.11 -2.28
N TYR E 30 -43.56 43.32 -3.19
CA TYR E 30 -44.00 41.99 -3.56
C TYR E 30 -43.30 41.08 -2.56
N SER E 31 -44.08 40.55 -1.62
CA SER E 31 -43.58 39.74 -0.51
C SER E 31 -44.17 38.32 -0.53
N MET E 32 -43.78 37.52 0.47
CA MET E 32 -44.21 36.15 0.75
C MET E 32 -44.20 36.05 2.27
N ARG E 33 -45.40 35.86 2.86
CA ARG E 33 -45.74 35.88 4.29
C ARG E 33 -44.71 35.22 5.27
N PHE E 34 -44.06 34.09 4.90
CA PHE E 34 -43.11 33.45 5.82
C PHE E 34 -41.66 33.51 5.32
N CYS E 35 -41.43 34.26 4.23
CA CYS E 35 -40.10 34.36 3.61
C CYS E 35 -39.17 35.28 4.40
N PRO E 36 -38.01 34.72 4.86
CA PRO E 36 -37.08 35.53 5.67
C PRO E 36 -36.41 36.66 4.83
N PHE E 37 -36.17 36.41 3.52
CA PHE E 37 -35.56 37.39 2.61
C PHE E 37 -36.47 38.59 2.44
N ALA E 38 -37.78 38.36 2.21
CA ALA E 38 -38.79 39.41 2.04
C ALA E 38 -39.02 40.19 3.36
N GLU E 39 -38.82 39.49 4.51
CA GLU E 39 -38.96 40.04 5.86
C GLU E 39 -37.93 41.15 6.11
N ARG E 40 -36.72 41.01 5.53
CA ARG E 40 -35.68 42.02 5.64
C ARG E 40 -36.21 43.40 5.21
N THR E 41 -36.77 43.48 3.98
CA THR E 41 -37.30 44.72 3.41
C THR E 41 -38.52 45.20 4.20
N ARG E 42 -39.37 44.26 4.66
CA ARG E 42 -40.56 44.61 5.45
C ARG E 42 -40.14 45.26 6.77
N LEU E 43 -39.02 44.78 7.37
CA LEU E 43 -38.48 45.33 8.61
C LEU E 43 -37.94 46.77 8.37
N VAL E 44 -37.22 47.01 7.24
CA VAL E 44 -36.65 48.31 6.86
C VAL E 44 -37.77 49.35 6.59
N LEU E 45 -38.81 48.93 5.85
CA LEU E 45 -39.96 49.77 5.52
C LEU E 45 -40.63 50.27 6.81
N LYS E 46 -40.84 49.37 7.78
CA LYS E 46 -41.46 49.70 9.08
C LYS E 46 -40.52 50.63 9.85
N ALA E 47 -39.24 50.23 10.01
CA ALA E 47 -38.19 50.97 10.74
C ALA E 47 -38.04 52.43 10.29
N LYS E 48 -38.03 52.68 8.96
CA LYS E 48 -37.88 54.03 8.40
C LYS E 48 -39.21 54.80 8.29
N GLY E 49 -40.32 54.15 8.66
CA GLY E 49 -41.66 54.72 8.64
C GLY E 49 -42.13 55.15 7.26
N ILE E 50 -41.71 54.40 6.22
CA ILE E 50 -42.05 54.60 4.82
C ILE E 50 -43.46 54.07 4.60
N ARG E 51 -44.31 54.85 3.89
CA ARG E 51 -45.66 54.43 3.52
C ARG E 51 -45.55 53.40 2.41
N HIS E 52 -46.23 52.25 2.54
CA HIS E 52 -46.12 51.19 1.54
C HIS E 52 -47.29 50.22 1.53
N GLU E 53 -47.47 49.52 0.39
CA GLU E 53 -48.47 48.47 0.23
C GLU E 53 -47.73 47.14 0.05
N VAL E 54 -48.29 46.07 0.62
CA VAL E 54 -47.71 44.73 0.52
C VAL E 54 -48.56 43.87 -0.40
N ILE E 55 -47.94 43.23 -1.38
CA ILE E 55 -48.63 42.31 -2.27
C ILE E 55 -47.93 40.97 -2.16
N ASN E 56 -48.64 39.98 -1.61
CA ASN E 56 -48.10 38.65 -1.39
C ASN E 56 -48.19 37.79 -2.65
N ILE E 57 -47.05 37.16 -3.00
CA ILE E 57 -46.90 36.28 -4.16
C ILE E 57 -46.65 34.83 -3.69
N ASN E 58 -47.03 33.83 -4.50
CA ASN E 58 -46.82 32.41 -4.18
C ASN E 58 -45.52 31.86 -4.82
N LEU E 59 -44.65 31.19 -4.03
CA LEU E 59 -43.43 30.56 -4.56
C LEU E 59 -43.79 29.34 -5.40
N LYS E 62 -46.17 31.48 -9.32
CA LYS E 62 -45.79 32.77 -9.88
C LYS E 62 -46.81 33.20 -10.96
N PRO E 63 -47.57 34.31 -10.78
CA PRO E 63 -48.53 34.72 -11.83
C PRO E 63 -47.76 35.20 -13.05
N GLU E 64 -48.31 34.96 -14.25
CA GLU E 64 -47.66 35.30 -15.52
C GLU E 64 -47.09 36.73 -15.50
N TRP E 65 -47.87 37.72 -14.99
CA TRP E 65 -47.50 39.13 -14.90
C TRP E 65 -46.32 39.39 -13.95
N PHE E 66 -46.06 38.50 -12.97
CA PHE E 66 -44.97 38.67 -12.00
C PHE E 66 -43.64 38.48 -12.67
N PHE E 67 -43.64 37.68 -13.78
CA PHE E 67 -42.48 37.39 -14.62
C PHE E 67 -42.01 38.69 -15.27
N LYS E 68 -42.96 39.46 -15.83
CA LYS E 68 -42.68 40.75 -16.46
C LYS E 68 -42.17 41.83 -15.45
N LYS E 69 -41.98 41.45 -14.15
CA LYS E 69 -41.52 42.38 -13.11
C LYS E 69 -40.28 41.86 -12.38
N ASN E 70 -40.11 40.52 -12.27
CA ASN E 70 -38.91 39.89 -11.65
C ASN E 70 -38.21 39.02 -12.72
N PRO E 71 -36.89 39.21 -12.94
CA PRO E 71 -36.22 38.46 -14.01
C PRO E 71 -35.96 37.01 -13.65
N PHE E 72 -35.09 36.78 -12.63
CA PHE E 72 -34.74 35.45 -12.19
C PHE E 72 -35.45 35.13 -10.87
N GLY E 73 -36.72 35.54 -10.78
CA GLY E 73 -37.56 35.34 -9.60
C GLY E 73 -36.90 35.81 -8.32
N LEU E 74 -36.20 36.97 -8.38
CA LEU E 74 -35.48 37.54 -7.24
C LEU E 74 -36.47 38.11 -6.24
N VAL E 75 -36.26 37.77 -4.95
CA VAL E 75 -37.14 38.17 -3.85
C VAL E 75 -36.42 39.11 -2.87
N PRO E 76 -37.13 40.13 -2.34
CA PRO E 76 -38.49 40.57 -2.68
C PRO E 76 -38.42 41.56 -3.85
N VAL E 77 -39.53 42.21 -4.21
CA VAL E 77 -39.51 43.21 -5.29
C VAL E 77 -40.18 44.50 -4.78
N LEU E 78 -39.47 45.63 -4.95
CA LEU E 78 -39.98 46.99 -4.67
C LEU E 78 -40.42 47.60 -5.96
N GLU E 79 -41.57 48.30 -5.95
CA GLU E 79 -42.08 49.00 -7.14
C GLU E 79 -42.56 50.39 -6.71
N ASN E 80 -42.07 51.46 -7.37
CA ASN E 80 -42.52 52.82 -7.03
C ASN E 80 -43.49 53.40 -8.11
N SER E 81 -43.83 54.70 -7.98
CA SER E 81 -44.75 55.45 -8.84
C SER E 81 -44.27 55.54 -10.28
N GLN E 82 -42.95 55.70 -10.51
CA GLN E 82 -42.34 55.81 -11.84
C GLN E 82 -42.18 54.43 -12.52
N GLY E 83 -42.71 53.39 -11.88
CA GLY E 83 -42.68 52.02 -12.36
C GLY E 83 -41.33 51.36 -12.28
N GLN E 84 -40.40 51.95 -11.50
CA GLN E 84 -39.04 51.44 -11.25
C GLN E 84 -39.10 50.22 -10.35
N LEU E 85 -38.38 49.15 -10.72
CA LEU E 85 -38.37 47.90 -9.96
C LEU E 85 -36.99 47.62 -9.33
N ILE E 86 -36.97 47.18 -8.07
CA ILE E 86 -35.74 46.87 -7.34
C ILE E 86 -35.89 45.51 -6.68
N TYR E 87 -34.88 44.65 -6.79
CA TYR E 87 -35.02 43.34 -6.17
C TYR E 87 -33.73 42.91 -5.47
N GLU E 88 -33.82 41.79 -4.71
CA GLU E 88 -32.81 41.21 -3.83
C GLU E 88 -32.87 42.00 -2.50
N SER E 89 -33.01 41.26 -1.38
CA SER E 89 -33.22 41.76 -0.02
C SER E 89 -32.27 42.88 0.38
N ALA E 90 -30.95 42.64 0.29
CA ALA E 90 -29.95 43.66 0.65
C ALA E 90 -29.96 44.85 -0.35
N ILE E 91 -30.30 44.62 -1.63
CA ILE E 91 -30.34 45.74 -2.58
C ILE E 91 -31.55 46.63 -2.27
N THR E 92 -32.75 46.02 -2.05
CA THR E 92 -34.00 46.72 -1.71
C THR E 92 -33.87 47.53 -0.40
N CYS E 93 -33.15 46.94 0.59
CA CYS E 93 -32.89 47.47 1.92
C CYS E 93 -31.96 48.66 1.90
N GLU E 94 -30.90 48.62 1.04
CA GLU E 94 -29.96 49.73 0.88
C GLU E 94 -30.64 50.88 0.13
N TYR E 95 -31.45 50.55 -0.91
CA TYR E 95 -32.21 51.52 -1.71
C TYR E 95 -33.10 52.36 -0.80
N LEU E 96 -33.94 51.70 0.02
CA LEU E 96 -34.87 52.37 0.93
C LEU E 96 -34.15 53.37 1.84
N ASP E 97 -33.01 52.93 2.42
CA ASP E 97 -32.20 53.75 3.31
C ASP E 97 -31.68 55.04 2.63
N GLU E 98 -31.27 54.98 1.35
CA GLU E 98 -30.71 56.14 0.67
C GLU E 98 -31.76 56.92 -0.18
N ALA E 99 -32.96 56.33 -0.42
CA ALA E 99 -34.04 57.00 -1.14
C ALA E 99 -35.06 57.69 -0.21
N TYR E 100 -35.12 57.31 1.07
CA TYR E 100 -36.14 57.89 1.95
C TYR E 100 -35.57 58.63 3.15
N PRO E 101 -36.28 59.70 3.61
CA PRO E 101 -35.81 60.47 4.77
C PRO E 101 -35.89 59.70 6.10
N GLY E 102 -35.34 60.31 7.13
CA GLY E 102 -35.30 59.75 8.48
C GLY E 102 -33.90 59.35 8.87
N LYS E 103 -33.78 58.63 10.01
CA LYS E 103 -32.48 58.19 10.51
C LYS E 103 -31.97 57.07 9.62
N LYS E 104 -30.69 57.16 9.25
CA LYS E 104 -30.05 56.18 8.38
C LYS E 104 -29.78 54.88 9.16
N LEU E 105 -30.17 53.73 8.57
CA LEU E 105 -29.97 52.43 9.16
C LEU E 105 -28.54 51.95 8.89
N LEU E 106 -27.92 52.45 7.81
CA LEU E 106 -26.55 52.16 7.44
C LEU E 106 -25.66 53.36 7.82
N PRO E 107 -24.43 53.14 8.34
CA PRO E 107 -23.57 54.28 8.72
C PRO E 107 -23.00 55.05 7.51
N ASP E 108 -22.84 56.38 7.63
CA ASP E 108 -22.33 57.15 6.50
C ASP E 108 -20.84 56.88 6.26
N ASP E 109 -20.07 56.55 7.31
CA ASP E 109 -18.64 56.30 7.15
C ASP E 109 -18.36 55.10 6.23
N PRO E 110 -17.53 55.32 5.17
CA PRO E 110 -17.21 54.23 4.23
C PRO E 110 -16.67 52.96 4.89
N TYR E 111 -15.72 53.07 5.86
CA TYR E 111 -15.17 51.91 6.55
C TYR E 111 -16.23 51.24 7.44
N GLU E 112 -17.01 52.07 8.17
CA GLU E 112 -18.07 51.59 9.06
C GLU E 112 -19.10 50.81 8.23
N LYS E 113 -19.50 51.38 7.09
CA LYS E 113 -20.43 50.80 6.13
C LYS E 113 -19.90 49.46 5.69
N ALA E 114 -18.61 49.42 5.26
CA ALA E 114 -17.88 48.23 4.82
C ALA E 114 -17.93 47.11 5.87
N CYS E 115 -17.78 47.45 7.17
CA CYS E 115 -17.83 46.49 8.29
C CYS E 115 -19.19 45.79 8.34
N GLN E 116 -20.30 46.54 8.22
CA GLN E 116 -21.65 45.97 8.22
C GLN E 116 -21.73 44.96 7.07
N LYS E 117 -21.25 45.37 5.89
CA LYS E 117 -21.26 44.53 4.71
C LYS E 117 -20.36 43.30 4.93
N MET E 118 -19.23 43.44 5.64
CA MET E 118 -18.32 42.35 5.96
C MET E 118 -18.97 41.37 6.93
N ILE E 119 -19.75 41.87 7.90
CA ILE E 119 -20.46 41.02 8.87
C ILE E 119 -21.53 40.24 8.10
N LEU E 120 -22.23 40.91 7.15
CA LEU E 120 -23.28 40.29 6.34
C LEU E 120 -22.72 39.06 5.61
N GLU E 121 -21.46 39.15 5.12
CA GLU E 121 -20.80 38.02 4.46
C GLU E 121 -20.53 36.90 5.45
N LEU E 122 -20.13 37.20 6.71
CA LEU E 122 -19.90 36.18 7.74
C LEU E 122 -21.20 35.40 8.04
N PHE E 123 -22.38 36.01 7.73
CA PHE E 123 -23.69 35.41 7.96
C PHE E 123 -24.21 34.61 6.74
N SER E 124 -23.68 34.91 5.53
CA SER E 124 -24.08 34.34 4.24
C SER E 124 -24.30 32.80 4.23
N LYS E 125 -23.60 32.04 5.06
CA LYS E 125 -23.73 30.57 5.13
C LYS E 125 -24.99 30.10 5.85
N VAL E 126 -25.50 30.87 6.82
CA VAL E 126 -26.67 30.51 7.63
C VAL E 126 -27.93 30.27 6.76
N PRO E 127 -28.40 31.20 5.87
CA PRO E 127 -29.62 30.92 5.10
C PRO E 127 -29.57 29.58 4.35
N SER E 128 -28.43 29.23 3.70
CA SER E 128 -28.27 27.95 2.97
C SER E 128 -28.32 26.75 3.90
N LEU E 129 -27.75 26.86 5.11
CA LEU E 129 -27.81 25.82 6.13
C LEU E 129 -29.25 25.57 6.55
N VAL E 130 -30.04 26.68 6.72
CA VAL E 130 -31.46 26.62 7.08
C VAL E 130 -32.25 25.88 5.98
N GLY E 131 -31.93 26.17 4.73
CA GLY E 131 -32.53 25.50 3.58
C GLY E 131 -32.30 24.00 3.57
N SER E 132 -31.06 23.57 3.88
CA SER E 132 -30.69 22.16 3.96
C SER E 132 -31.42 21.45 5.11
N PHE E 133 -31.64 22.17 6.23
CA PHE E 133 -32.33 21.67 7.41
C PHE E 133 -33.83 21.44 7.14
N ILE E 134 -34.46 22.32 6.33
CA ILE E 134 -35.86 22.26 5.96
C ILE E 134 -36.16 21.08 5.00
N ARG E 135 -35.21 20.75 4.10
CA ARG E 135 -35.37 19.63 3.14
C ARG E 135 -34.72 18.33 3.66
N GLU E 140 -28.59 10.57 9.90
CA GLU E 140 -29.38 11.79 10.07
C GLU E 140 -28.51 13.04 9.89
N ASP E 141 -28.83 13.86 8.89
CA ASP E 141 -28.11 15.09 8.58
C ASP E 141 -28.45 16.23 9.56
N TYR E 142 -29.43 16.00 10.47
CA TYR E 142 -29.84 16.97 11.50
C TYR E 142 -28.71 17.27 12.47
N ALA E 143 -27.95 16.24 12.88
CA ALA E 143 -26.82 16.33 13.81
C ALA E 143 -25.64 17.12 13.24
N GLY E 144 -25.32 16.88 11.97
CA GLY E 144 -24.24 17.57 11.27
C GLY E 144 -24.56 19.02 10.98
N LEU E 145 -25.83 19.30 10.64
CA LEU E 145 -26.27 20.67 10.36
C LEU E 145 -26.29 21.50 11.64
N LYS E 146 -26.67 20.89 12.80
CA LYS E 146 -26.66 21.53 14.11
C LYS E 146 -25.24 21.94 14.48
N GLU E 147 -24.26 21.05 14.19
CA GLU E 147 -22.84 21.28 14.45
C GLU E 147 -22.32 22.38 13.53
N GLU E 148 -22.91 22.49 12.33
CA GLU E 148 -22.53 23.47 11.34
C GLU E 148 -23.09 24.85 11.66
N PHE E 149 -24.25 24.91 12.34
CA PHE E 149 -24.87 26.16 12.82
C PHE E 149 -24.01 26.72 13.93
N ARG E 150 -23.58 25.81 14.85
CA ARG E 150 -22.73 26.07 16.03
C ARG E 150 -21.41 26.74 15.67
N LYS E 151 -20.84 26.40 14.51
CA LYS E 151 -19.57 26.95 14.07
C LYS E 151 -19.79 28.33 13.43
N GLU E 152 -20.92 28.48 12.72
CA GLU E 152 -21.30 29.75 12.07
C GLU E 152 -21.68 30.82 13.09
N PHE E 153 -22.39 30.40 14.14
CA PHE E 153 -22.85 31.28 15.20
C PHE E 153 -21.66 31.77 16.04
N THR E 154 -20.62 30.91 16.23
CA THR E 154 -19.38 31.25 16.94
C THR E 154 -18.69 32.46 16.26
N LYS E 155 -18.68 32.48 14.90
CA LYS E 155 -18.09 33.59 14.14
C LYS E 155 -18.80 34.91 14.47
N LEU E 156 -20.14 34.86 14.63
CA LEU E 156 -20.94 36.03 14.95
C LEU E 156 -20.72 36.47 16.42
N GLU E 157 -20.44 35.53 17.30
CA GLU E 157 -20.15 35.80 18.70
C GLU E 157 -18.81 36.53 18.80
N GLU E 158 -17.82 36.13 17.96
CA GLU E 158 -16.51 36.75 17.88
C GLU E 158 -16.64 38.22 17.46
N VAL E 159 -17.58 38.52 16.55
CA VAL E 159 -17.88 39.87 16.06
C VAL E 159 -18.28 40.72 17.24
N LEU E 160 -19.41 40.35 17.90
CA LEU E 160 -19.98 41.06 19.05
C LEU E 160 -18.99 41.15 20.24
N THR E 161 -18.20 40.07 20.51
CA THR E 161 -17.17 40.02 21.57
C THR E 161 -16.12 41.14 21.34
N ASN E 162 -15.53 41.19 20.12
CA ASN E 162 -14.53 42.19 19.75
C ASN E 162 -15.14 43.60 19.70
N LYS E 163 -16.37 43.74 19.13
CA LYS E 163 -17.11 44.99 19.01
C LYS E 163 -17.42 45.60 20.40
N LYS E 164 -17.68 44.73 21.41
CA LYS E 164 -18.01 45.08 22.80
C LYS E 164 -19.28 45.94 22.85
N THR E 165 -20.20 45.66 21.91
CA THR E 165 -21.52 46.30 21.78
C THR E 165 -22.64 45.24 21.78
N THR E 166 -23.90 45.68 21.99
CA THR E 166 -25.07 44.81 22.02
C THR E 166 -25.41 44.30 20.62
N PHE E 167 -25.44 45.21 19.63
CA PHE E 167 -25.83 44.92 18.25
C PHE E 167 -24.59 44.84 17.36
N PHE E 168 -24.72 44.25 16.17
CA PHE E 168 -23.63 44.04 15.20
C PHE E 168 -23.07 45.35 14.56
N GLY E 169 -23.73 46.49 14.77
CA GLY E 169 -23.27 47.76 14.23
C GLY E 169 -23.16 48.87 15.25
N GLY E 170 -23.12 48.50 16.52
CA GLY E 170 -23.04 49.45 17.62
C GLY E 170 -23.98 49.15 18.77
N ASN E 171 -24.19 50.15 19.63
CA ASN E 171 -25.05 49.99 20.80
C ASN E 171 -26.51 50.33 20.49
N SER E 172 -26.81 50.59 19.21
CA SER E 172 -28.15 50.83 18.69
C SER E 172 -28.41 49.87 17.54
N ILE E 173 -29.69 49.54 17.30
CA ILE E 173 -30.12 48.68 16.20
C ILE E 173 -29.82 49.42 14.88
N SER E 174 -29.31 48.68 13.89
CA SER E 174 -28.96 49.21 12.57
C SER E 174 -29.28 48.16 11.51
N MET E 175 -29.05 48.53 10.24
CA MET E 175 -29.31 47.72 9.06
C MET E 175 -28.90 46.22 9.22
N ILE E 176 -27.64 45.99 9.62
CA ILE E 176 -27.02 44.67 9.77
C ILE E 176 -27.81 43.74 10.71
N ASP E 177 -28.48 44.28 11.73
CA ASP E 177 -29.28 43.53 12.67
C ASP E 177 -30.57 43.08 12.02
N TYR E 178 -31.22 43.98 11.24
CA TYR E 178 -32.45 43.66 10.53
C TYR E 178 -32.22 42.61 9.44
N LEU E 179 -31.08 42.68 8.74
CA LEU E 179 -30.72 41.71 7.72
C LEU E 179 -30.53 40.29 8.30
N ILE E 180 -29.83 40.14 9.42
CA ILE E 180 -29.58 38.79 9.90
C ILE E 180 -30.76 38.21 10.76
N TRP E 181 -31.54 39.08 11.44
CA TRP E 181 -32.60 38.72 12.38
C TRP E 181 -33.61 37.62 11.91
N PRO E 182 -34.19 37.64 10.67
CA PRO E 182 -35.23 36.63 10.33
C PRO E 182 -34.83 35.17 10.51
N TRP E 183 -33.54 34.84 10.33
CA TRP E 183 -33.11 33.46 10.49
C TRP E 183 -33.06 33.09 11.97
N PHE E 184 -32.66 34.02 12.87
CA PHE E 184 -32.62 33.77 14.33
C PHE E 184 -34.03 33.71 14.90
N GLU E 185 -34.97 34.48 14.31
CA GLU E 185 -36.37 34.50 14.68
C GLU E 185 -37.03 33.11 14.45
N ARG E 186 -36.50 32.33 13.49
CA ARG E 186 -37.03 31.02 13.10
C ARG E 186 -36.34 29.84 13.83
N LEU E 187 -35.27 30.11 14.60
CA LEU E 187 -34.54 29.06 15.32
C LEU E 187 -35.44 28.26 16.25
N GLU E 188 -36.24 28.96 17.11
CA GLU E 188 -37.15 28.33 18.07
C GLU E 188 -38.15 27.42 17.34
N ALA E 189 -38.73 27.92 16.23
CA ALA E 189 -39.69 27.14 15.42
C ALA E 189 -39.03 25.90 14.79
N MET E 190 -37.76 26.02 14.39
CA MET E 190 -37.00 24.93 13.78
C MET E 190 -36.44 23.95 14.83
N LYS E 191 -36.66 24.25 16.13
CA LYS E 191 -36.20 23.49 17.30
C LYS E 191 -34.66 23.46 17.31
N LEU E 192 -34.03 24.64 17.15
CA LEU E 192 -32.58 24.81 17.10
C LEU E 192 -32.05 25.82 18.14
N ASN E 193 -32.77 26.04 19.26
CA ASN E 193 -32.31 26.98 20.30
C ASN E 193 -31.01 26.51 20.98
N GLU E 194 -30.73 25.19 20.99
CA GLU E 194 -29.51 24.63 21.59
C GLU E 194 -28.25 25.07 20.82
N CYS E 195 -28.44 25.53 19.56
CA CYS E 195 -27.34 25.95 18.70
C CYS E 195 -26.75 27.31 19.11
N VAL E 196 -27.38 28.01 20.07
CA VAL E 196 -26.86 29.28 20.58
C VAL E 196 -26.47 29.17 22.06
N ASP E 197 -26.41 27.94 22.61
CA ASP E 197 -26.08 27.72 24.02
C ASP E 197 -24.66 28.16 24.36
N HIS E 198 -23.71 28.02 23.41
CA HIS E 198 -22.30 28.36 23.57
C HIS E 198 -22.00 29.80 23.15
N THR E 199 -23.02 30.57 22.72
CA THR E 199 -22.87 31.94 22.28
C THR E 199 -23.72 32.87 23.19
N PRO E 200 -23.23 33.21 24.39
CA PRO E 200 -24.01 34.07 25.31
C PRO E 200 -24.39 35.44 24.74
N LYS E 201 -23.43 36.19 24.14
CA LYS E 201 -23.68 37.53 23.58
C LYS E 201 -24.74 37.51 22.47
N LEU E 202 -24.75 36.44 21.67
CA LEU E 202 -25.68 36.21 20.56
C LEU E 202 -27.09 35.90 21.10
N LYS E 203 -27.19 35.21 22.26
CA LYS E 203 -28.46 34.92 22.95
C LYS E 203 -29.04 36.23 23.50
N LEU E 204 -28.16 37.11 24.05
CA LEU E 204 -28.52 38.43 24.57
C LEU E 204 -28.99 39.35 23.44
N TRP E 205 -28.34 39.27 22.25
CA TRP E 205 -28.69 40.06 21.07
C TRP E 205 -30.13 39.70 20.58
N MET E 206 -30.48 38.39 20.54
CA MET E 206 -31.80 37.87 20.17
C MET E 206 -32.88 38.41 21.08
N ALA E 207 -32.55 38.55 22.37
CA ALA E 207 -33.47 39.08 23.36
C ALA E 207 -33.66 40.57 23.13
N ALA E 208 -32.57 41.29 22.79
CA ALA E 208 -32.59 42.73 22.53
C ALA E 208 -33.46 43.02 21.30
N MET E 209 -33.32 42.19 20.25
CA MET E 209 -34.08 42.27 18.99
C MET E 209 -35.57 42.20 19.22
N LYS E 210 -36.02 41.19 20.02
CA LYS E 210 -37.44 40.97 20.35
C LYS E 210 -38.04 42.18 21.05
N GLU E 211 -37.21 43.00 21.74
CA GLU E 211 -37.66 44.20 22.44
C GLU E 211 -37.87 45.38 21.48
N ASP E 212 -37.26 45.36 20.29
CA ASP E 212 -37.39 46.44 19.32
C ASP E 212 -38.83 46.52 18.73
N PRO E 213 -39.48 47.72 18.80
CA PRO E 213 -40.85 47.88 18.27
C PRO E 213 -41.07 47.38 16.85
N THR E 214 -40.09 47.62 15.94
CA THR E 214 -40.17 47.18 14.54
C THR E 214 -40.22 45.65 14.46
N VAL E 215 -39.26 44.96 15.15
CA VAL E 215 -39.17 43.50 15.21
C VAL E 215 -40.47 42.95 15.82
N SER E 216 -40.91 43.52 16.94
CA SER E 216 -42.09 43.11 17.67
C SER E 216 -43.34 43.13 16.76
N ALA E 217 -43.54 44.22 15.99
CA ALA E 217 -44.69 44.43 15.11
C ALA E 217 -44.81 43.33 14.04
N LEU E 218 -43.66 42.92 13.45
CA LEU E 218 -43.56 41.96 12.38
C LEU E 218 -43.31 40.49 12.83
N LEU E 219 -43.45 40.19 14.14
CA LEU E 219 -43.26 38.85 14.67
C LEU E 219 -44.38 37.89 14.24
N THR E 220 -44.09 36.58 14.22
CA THR E 220 -45.02 35.50 13.85
C THR E 220 -45.16 34.52 15.04
N SER E 221 -46.38 34.00 15.26
CA SER E 221 -46.65 33.04 16.35
C SER E 221 -45.99 31.68 16.07
N GLU E 222 -45.76 30.88 17.12
CA GLU E 222 -45.17 29.54 17.02
C GLU E 222 -46.11 28.61 16.21
N LYS E 223 -47.44 28.78 16.42
CA LYS E 223 -48.50 28.02 15.73
C LYS E 223 -48.43 28.24 14.23
N ASP E 224 -48.25 29.51 13.80
CA ASP E 224 -48.16 29.86 12.38
C ASP E 224 -46.84 29.35 11.80
N TRP E 225 -45.74 29.43 12.57
CA TRP E 225 -44.43 28.94 12.17
C TRP E 225 -44.44 27.42 11.92
N GLN E 226 -44.97 26.65 12.91
CA GLN E 226 -45.06 25.19 12.86
C GLN E 226 -46.02 24.70 11.77
N GLY E 227 -47.07 25.48 11.50
CA GLY E 227 -48.05 25.17 10.46
C GLY E 227 -47.46 25.32 9.08
N PHE E 228 -46.73 26.42 8.85
CA PHE E 228 -46.09 26.71 7.58
C PHE E 228 -45.00 25.66 7.26
N LEU E 229 -44.14 25.31 8.24
CA LEU E 229 -43.04 24.36 8.04
C LEU E 229 -43.54 22.98 7.63
N GLU E 230 -44.64 22.48 8.26
CA GLU E 230 -45.25 21.18 7.94
C GLU E 230 -45.71 21.17 6.48
N LEU E 231 -46.39 22.24 6.04
CA LEU E 231 -46.87 22.41 4.66
C LEU E 231 -45.70 22.62 3.68
N TYR E 232 -44.58 23.27 4.14
CA TYR E 232 -43.35 23.52 3.35
C TYR E 232 -42.64 22.21 3.02
N LEU E 233 -42.59 21.31 4.01
CA LEU E 233 -42.00 19.98 3.90
C LEU E 233 -42.84 19.08 2.96
N GLN E 234 -44.15 19.36 2.83
CA GLN E 234 -45.08 18.61 1.97
C GLN E 234 -45.24 19.28 0.58
N ASN E 235 -44.48 20.37 0.33
CA ASN E 235 -44.44 21.18 -0.91
C ASN E 235 -45.85 21.69 -1.38
N SER E 236 -46.58 22.45 -0.53
CA SER E 236 -47.89 23.00 -0.91
C SER E 236 -47.78 24.49 -1.32
N ALA E 239 -50.35 27.64 2.08
CA ALA E 239 -48.96 27.57 2.55
C ALA E 239 -48.47 28.94 3.04
N CYS E 240 -48.65 30.00 2.23
CA CYS E 240 -48.29 31.39 2.56
C CYS E 240 -49.53 32.11 3.11
N ASP E 241 -50.70 31.79 2.49
CA ASP E 241 -52.04 32.29 2.85
C ASP E 241 -52.53 31.53 4.12
N TYR E 242 -51.64 30.70 4.72
CA TYR E 242 -51.83 29.92 5.94
C TYR E 242 -52.14 30.85 7.13
N GLY E 243 -53.42 30.84 7.54
CA GLY E 243 -53.94 31.64 8.64
C GLY E 243 -54.77 32.83 8.20
N ALA F 9 -6.26 -34.82 9.73
CA ALA F 9 -5.49 -36.03 9.99
C ALA F 9 -5.80 -37.11 8.96
N ARG F 10 -6.98 -37.01 8.34
CA ARG F 10 -7.41 -37.93 7.30
C ARG F 10 -6.45 -37.91 6.12
N SER F 11 -6.05 -39.11 5.66
CA SER F 11 -5.16 -39.17 4.52
C SER F 11 -5.88 -38.85 3.22
N LEU F 12 -5.16 -38.19 2.31
CA LEU F 12 -5.70 -37.84 1.02
C LEU F 12 -5.24 -38.90 0.03
N GLY F 13 -6.18 -39.45 -0.72
CA GLY F 13 -5.91 -40.46 -1.73
C GLY F 13 -6.34 -40.05 -3.12
N LYS F 14 -6.43 -41.03 -4.06
CA LYS F 14 -6.88 -40.77 -5.44
C LYS F 14 -8.21 -40.06 -5.41
N GLY F 15 -8.34 -39.01 -6.21
CA GLY F 15 -9.58 -38.25 -6.30
C GLY F 15 -9.72 -37.09 -5.34
N SER F 16 -8.80 -36.98 -4.36
CA SER F 16 -8.82 -35.86 -3.41
C SER F 16 -8.31 -34.60 -4.10
N ALA F 17 -8.86 -33.45 -3.69
CA ALA F 17 -8.43 -32.14 -4.19
C ALA F 17 -7.04 -31.77 -3.60
N PRO F 18 -6.12 -31.18 -4.42
CA PRO F 18 -4.82 -30.77 -3.86
C PRO F 18 -5.03 -29.62 -2.85
N PRO F 19 -4.17 -29.51 -1.80
CA PRO F 19 -4.38 -28.45 -0.81
C PRO F 19 -4.08 -27.07 -1.39
N GLY F 20 -4.57 -26.02 -0.70
CA GLY F 20 -4.34 -24.64 -1.07
C GLY F 20 -2.89 -24.20 -0.90
N PRO F 21 -2.53 -22.94 -1.26
CA PRO F 21 -1.13 -22.51 -1.09
C PRO F 21 -0.72 -22.52 0.38
N VAL F 22 0.58 -22.71 0.65
CA VAL F 22 1.11 -22.74 2.03
C VAL F 22 1.17 -21.29 2.55
N PRO F 23 0.48 -20.96 3.67
CA PRO F 23 0.50 -19.57 4.19
C PRO F 23 1.90 -19.08 4.59
N GLU F 24 2.13 -17.76 4.45
CA GLU F 24 3.39 -17.09 4.81
C GLU F 24 3.70 -17.27 6.29
N GLY F 25 4.96 -17.56 6.60
CA GLY F 25 5.41 -17.79 7.96
C GLY F 25 5.12 -19.20 8.44
N SER F 26 4.94 -20.14 7.49
CA SER F 26 4.60 -21.54 7.77
C SER F 26 5.25 -22.47 6.76
N ILE F 27 5.45 -23.73 7.16
CA ILE F 27 5.97 -24.79 6.28
C ILE F 27 4.97 -25.96 6.32
N ARG F 28 4.90 -26.73 5.24
CA ARG F 28 4.00 -27.87 5.16
C ARG F 28 4.80 -29.13 5.11
N ILE F 29 4.26 -30.19 5.70
CA ILE F 29 4.89 -31.49 5.62
C ILE F 29 3.85 -32.46 5.12
N TYR F 30 4.20 -33.16 4.03
CA TYR F 30 3.44 -34.25 3.47
C TYR F 30 3.96 -35.48 4.21
N SER F 31 3.12 -36.01 5.11
CA SER F 31 3.48 -37.11 5.98
C SER F 31 2.56 -38.34 5.80
N MET F 32 2.80 -39.37 6.62
CA MET F 32 2.05 -40.61 6.78
C MET F 32 2.19 -40.95 8.27
N ARG F 33 1.07 -40.93 9.02
CA ARG F 33 0.99 -41.06 10.49
C ARG F 33 1.85 -42.18 11.12
N PHE F 34 2.19 -43.23 10.37
CA PHE F 34 2.97 -44.33 10.92
C PHE F 34 4.27 -44.55 10.20
N CYS F 35 4.71 -43.55 9.44
CA CYS F 35 5.93 -43.64 8.65
C CYS F 35 7.12 -43.19 9.48
N PRO F 36 8.11 -44.08 9.69
CA PRO F 36 9.29 -43.70 10.49
C PRO F 36 10.15 -42.62 9.81
N PHE F 37 10.20 -42.61 8.45
CA PHE F 37 10.96 -41.62 7.71
C PHE F 37 10.37 -40.23 7.89
N ALA F 38 9.02 -40.11 7.81
CA ALA F 38 8.31 -38.86 7.99
C ALA F 38 8.41 -38.37 9.45
N GLU F 39 8.49 -39.35 10.38
CA GLU F 39 8.60 -39.09 11.81
C GLU F 39 9.88 -38.33 12.12
N ARG F 40 10.97 -38.59 11.36
CA ARG F 40 12.24 -37.87 11.51
C ARG F 40 12.01 -36.37 11.40
N THR F 41 11.40 -35.92 10.27
CA THR F 41 11.08 -34.52 9.97
C THR F 41 10.13 -33.95 11.02
N ARG F 42 9.12 -34.75 11.41
CA ARG F 42 8.13 -34.33 12.40
C ARG F 42 8.78 -34.10 13.79
N LEU F 43 9.80 -34.93 14.16
CA LEU F 43 10.57 -34.79 15.41
C LEU F 43 11.40 -33.49 15.40
N VAL F 44 12.00 -33.14 14.25
CA VAL F 44 12.79 -31.92 14.07
C VAL F 44 11.87 -30.69 14.21
N LEU F 45 10.73 -30.66 13.45
CA LEU F 45 9.73 -29.60 13.49
C LEU F 45 9.29 -29.32 14.92
N LYS F 46 8.97 -30.37 15.70
CA LYS F 46 8.58 -30.22 17.12
C LYS F 46 9.74 -29.68 17.96
N ALA F 47 10.94 -30.34 17.88
CA ALA F 47 12.15 -29.98 18.62
C ALA F 47 12.54 -28.50 18.44
N LYS F 48 12.47 -28.02 17.19
CA LYS F 48 12.84 -26.65 16.83
C LYS F 48 11.68 -25.64 17.00
N GLY F 49 10.51 -26.13 17.40
CA GLY F 49 9.30 -25.34 17.59
C GLY F 49 8.84 -24.60 16.35
N ILE F 50 9.03 -25.20 15.17
CA ILE F 50 8.66 -24.60 13.88
C ILE F 50 7.13 -24.70 13.67
N ARG F 51 6.47 -23.57 13.26
CA ARG F 51 5.04 -23.55 12.92
C ARG F 51 4.87 -24.28 11.61
N HIS F 52 3.94 -25.26 11.55
CA HIS F 52 3.74 -26.06 10.35
C HIS F 52 2.37 -26.73 10.28
N GLU F 53 1.97 -27.10 9.05
CA GLU F 53 0.77 -27.88 8.76
C GLU F 53 1.19 -29.27 8.28
N VAL F 54 0.45 -30.29 8.69
CA VAL F 54 0.74 -31.67 8.29
C VAL F 54 -0.37 -32.12 7.34
N ILE F 55 0.03 -32.68 6.21
CA ILE F 55 -0.92 -33.22 5.25
C ILE F 55 -0.54 -34.67 5.05
N ASN F 56 -1.44 -35.56 5.48
CA ASN F 56 -1.24 -36.99 5.40
C ASN F 56 -1.62 -37.52 4.04
N ILE F 57 -0.73 -38.31 3.48
CA ILE F 57 -0.88 -38.90 2.17
C ILE F 57 -1.15 -40.36 2.34
N ASN F 58 -2.19 -40.87 1.67
CA ASN F 58 -2.47 -42.30 1.66
C ASN F 58 -1.49 -42.92 0.64
N LEU F 59 -0.42 -43.56 1.13
CA LEU F 59 0.59 -44.10 0.23
C LEU F 59 0.19 -45.44 -0.39
N LYS F 60 -1.00 -45.93 -0.05
CA LYS F 60 -1.53 -47.14 -0.66
C LYS F 60 -2.65 -46.78 -1.68
N ASN F 61 -2.82 -45.47 -1.93
CA ASN F 61 -3.84 -44.90 -2.84
C ASN F 61 -3.47 -43.42 -3.06
N LYS F 62 -2.24 -43.16 -3.53
CA LYS F 62 -1.67 -41.83 -3.73
C LYS F 62 -2.50 -40.93 -4.67
N PRO F 63 -2.73 -39.65 -4.28
CA PRO F 63 -3.43 -38.73 -5.19
C PRO F 63 -2.51 -38.41 -6.36
N GLU F 64 -3.10 -38.16 -7.54
CA GLU F 64 -2.36 -37.89 -8.78
C GLU F 64 -1.50 -36.62 -8.67
N TRP F 65 -1.98 -35.59 -7.94
CA TRP F 65 -1.29 -34.31 -7.76
C TRP F 65 -0.02 -34.44 -6.93
N PHE F 66 0.09 -35.52 -6.13
CA PHE F 66 1.22 -35.75 -5.26
C PHE F 66 2.53 -36.06 -6.00
N PHE F 67 2.45 -36.55 -7.25
CA PHE F 67 3.66 -36.87 -8.00
C PHE F 67 4.39 -35.61 -8.44
N LYS F 68 3.65 -34.48 -8.49
CA LYS F 68 4.18 -33.15 -8.82
C LYS F 68 5.00 -32.65 -7.61
N LYS F 69 4.66 -33.09 -6.36
CA LYS F 69 5.37 -32.73 -5.12
C LYS F 69 6.70 -33.50 -4.96
N ASN F 70 6.73 -34.78 -5.36
CA ASN F 70 7.94 -35.60 -5.30
C ASN F 70 7.90 -36.65 -6.40
N PRO F 71 8.97 -36.73 -7.24
CA PRO F 71 8.99 -37.75 -8.31
C PRO F 71 9.06 -39.18 -7.77
N PHE F 72 9.71 -39.40 -6.58
CA PHE F 72 9.83 -40.71 -5.97
C PHE F 72 8.49 -41.20 -5.38
N GLY F 73 7.52 -40.31 -5.22
CA GLY F 73 6.20 -40.61 -4.66
C GLY F 73 6.26 -41.08 -3.22
N LEU F 74 7.18 -40.51 -2.43
CA LEU F 74 7.40 -40.86 -1.03
C LEU F 74 7.27 -39.67 -0.12
N VAL F 75 6.95 -39.95 1.17
CA VAL F 75 6.89 -38.94 2.21
C VAL F 75 8.15 -39.18 3.10
N PRO F 76 8.74 -38.16 3.76
CA PRO F 76 8.25 -36.78 3.90
C PRO F 76 8.59 -35.86 2.74
N VAL F 77 7.78 -34.82 2.55
CA VAL F 77 8.00 -33.73 1.59
C VAL F 77 7.69 -32.44 2.30
N LEU F 78 8.62 -31.49 2.25
CA LEU F 78 8.44 -30.15 2.82
C LEU F 78 8.07 -29.21 1.71
N GLU F 79 7.09 -28.31 1.96
CA GLU F 79 6.68 -27.30 0.98
C GLU F 79 6.55 -25.97 1.70
N ASN F 80 7.29 -24.95 1.22
CA ASN F 80 7.26 -23.64 1.84
C ASN F 80 6.34 -22.68 1.07
N SER F 81 6.31 -21.39 1.45
CA SER F 81 5.47 -20.38 0.80
C SER F 81 5.83 -20.21 -0.68
N GLN F 82 7.14 -20.06 -1.00
CA GLN F 82 7.72 -19.87 -2.35
C GLN F 82 7.50 -21.09 -3.26
N GLY F 83 6.80 -22.11 -2.76
CA GLY F 83 6.48 -23.32 -3.50
C GLY F 83 7.66 -24.26 -3.66
N GLN F 84 8.75 -24.04 -2.89
CA GLN F 84 9.97 -24.86 -2.90
C GLN F 84 9.69 -26.19 -2.23
N LEU F 85 10.11 -27.30 -2.87
CA LEU F 85 9.88 -28.64 -2.35
C LEU F 85 11.21 -29.30 -1.94
N ILE F 86 11.20 -29.96 -0.77
CA ILE F 86 12.37 -30.64 -0.25
C ILE F 86 11.91 -32.04 0.14
N TYR F 87 12.55 -33.07 -0.41
CA TYR F 87 12.24 -34.45 -0.04
C TYR F 87 13.54 -35.16 0.40
N GLU F 88 13.42 -36.43 0.86
CA GLU F 88 14.46 -37.29 1.50
C GLU F 88 14.51 -36.89 2.95
N SER F 89 14.10 -37.82 3.85
CA SER F 89 13.98 -37.54 5.27
C SER F 89 15.21 -36.92 5.88
N ALA F 90 16.43 -37.40 5.54
CA ALA F 90 17.61 -36.76 6.17
C ALA F 90 17.80 -35.33 5.65
N ILE F 91 17.56 -35.11 4.35
CA ILE F 91 17.68 -33.80 3.71
C ILE F 91 16.70 -32.77 4.33
N THR F 92 15.44 -33.19 4.56
CA THR F 92 14.39 -32.36 5.16
C THR F 92 14.76 -31.95 6.58
N CYS F 93 15.37 -32.87 7.36
CA CYS F 93 15.81 -32.67 8.74
C CYS F 93 16.94 -31.66 8.84
N GLU F 94 17.95 -31.75 7.94
CA GLU F 94 19.08 -30.81 7.87
C GLU F 94 18.62 -29.43 7.40
N TYR F 95 17.70 -29.35 6.38
CA TYR F 95 17.14 -28.10 5.85
C TYR F 95 16.50 -27.31 6.99
N LEU F 96 15.58 -27.93 7.73
CA LEU F 96 14.87 -27.30 8.85
C LEU F 96 15.85 -26.71 9.87
N ASP F 97 16.90 -27.49 10.24
CA ASP F 97 17.93 -27.09 11.20
C ASP F 97 18.67 -25.84 10.74
N GLU F 98 18.99 -25.77 9.45
CA GLU F 98 19.71 -24.66 8.83
C GLU F 98 18.81 -23.44 8.59
N ALA F 99 17.56 -23.65 8.12
CA ALA F 99 16.61 -22.62 7.73
C ALA F 99 15.82 -21.96 8.87
N TYR F 100 15.76 -22.59 10.05
CA TYR F 100 14.94 -22.03 11.12
C TYR F 100 15.73 -21.70 12.39
N PRO F 101 15.28 -20.66 13.13
CA PRO F 101 15.97 -20.28 14.39
C PRO F 101 15.80 -21.31 15.52
N GLY F 102 16.50 -21.08 16.62
CA GLY F 102 16.46 -21.94 17.80
C GLY F 102 17.75 -22.70 17.99
N LYS F 103 17.74 -23.69 18.92
CA LYS F 103 18.92 -24.52 19.21
C LYS F 103 19.17 -25.44 18.04
N LYS F 104 20.43 -25.54 17.60
CA LYS F 104 20.78 -26.40 16.46
C LYS F 104 20.80 -27.88 16.90
N LEU F 105 20.12 -28.76 16.14
CA LEU F 105 20.10 -30.21 16.41
C LEU F 105 21.38 -30.85 15.88
N LEU F 106 22.01 -30.23 14.86
CA LEU F 106 23.28 -30.69 14.32
C LEU F 106 24.41 -29.85 14.91
N PRO F 107 25.54 -30.47 15.34
CA PRO F 107 26.61 -29.68 15.96
C PRO F 107 27.33 -28.79 14.93
N ASP F 108 27.76 -27.59 15.37
CA ASP F 108 28.46 -26.64 14.52
C ASP F 108 29.83 -27.19 14.07
N ASP F 109 30.51 -27.97 14.93
CA ASP F 109 31.83 -28.51 14.62
C ASP F 109 31.78 -29.47 13.42
N PRO F 110 32.61 -29.20 12.37
CA PRO F 110 32.62 -30.07 11.18
C PRO F 110 32.89 -31.55 11.48
N TYR F 111 33.87 -31.88 12.38
CA TYR F 111 34.18 -33.27 12.73
C TYR F 111 32.99 -33.93 13.46
N GLU F 112 32.38 -33.23 14.44
CA GLU F 112 31.24 -33.77 15.18
C GLU F 112 30.02 -33.95 14.25
N LYS F 113 29.80 -33.01 13.29
CA LYS F 113 28.73 -33.11 12.29
C LYS F 113 29.01 -34.35 11.41
N ALA F 114 30.31 -34.55 11.05
CA ALA F 114 30.77 -35.68 10.25
C ALA F 114 30.43 -36.99 10.94
N CYS F 115 30.75 -37.09 12.26
CA CYS F 115 30.51 -38.19 13.17
C CYS F 115 29.05 -38.62 13.15
N GLN F 116 28.13 -37.64 13.22
CA GLN F 116 26.69 -37.94 13.21
C GLN F 116 26.28 -38.55 11.86
N LYS F 117 26.90 -38.07 10.79
CA LYS F 117 26.65 -38.59 9.47
C LYS F 117 27.27 -40.01 9.33
N MET F 118 28.41 -40.26 9.99
CA MET F 118 29.07 -41.56 9.99
C MET F 118 28.24 -42.60 10.75
N ILE F 119 27.63 -42.18 11.86
CA ILE F 119 26.76 -43.04 12.67
C ILE F 119 25.52 -43.37 11.84
N LEU F 120 24.96 -42.36 11.13
CA LEU F 120 23.77 -42.54 10.29
C LEU F 120 24.00 -43.63 9.22
N GLU F 121 25.18 -43.63 8.56
CA GLU F 121 25.54 -44.59 7.53
C GLU F 121 25.65 -45.99 8.11
N LEU F 122 26.20 -46.10 9.32
CA LEU F 122 26.36 -47.33 10.07
C LEU F 122 24.99 -48.00 10.40
N PHE F 123 23.92 -47.18 10.50
CA PHE F 123 22.54 -47.58 10.82
C PHE F 123 21.70 -47.92 9.57
N SER F 124 22.16 -47.49 8.38
CA SER F 124 21.44 -47.59 7.10
C SER F 124 20.79 -48.98 6.79
N LYS F 125 21.29 -50.06 7.36
CA LYS F 125 20.77 -51.42 7.14
C LYS F 125 19.48 -51.72 7.93
N VAL F 126 19.30 -51.09 9.11
CA VAL F 126 18.17 -51.30 10.00
C VAL F 126 16.81 -51.01 9.29
N PRO F 127 16.54 -49.83 8.64
CA PRO F 127 15.21 -49.62 8.03
C PRO F 127 14.78 -50.75 7.09
N SER F 128 15.68 -51.22 6.22
CA SER F 128 15.38 -52.31 5.27
C SER F 128 15.07 -53.64 6.01
N LEU F 129 15.83 -53.95 7.11
CA LEU F 129 15.61 -55.11 7.97
C LEU F 129 14.21 -55.08 8.58
N VAL F 130 13.82 -53.91 9.14
CA VAL F 130 12.51 -53.66 9.76
C VAL F 130 11.41 -53.94 8.72
N GLY F 131 11.57 -53.40 7.50
CA GLY F 131 10.66 -53.59 6.39
C GLY F 131 10.41 -55.06 6.07
N SER F 132 11.48 -55.88 6.04
CA SER F 132 11.40 -57.31 5.78
C SER F 132 10.63 -58.04 6.88
N PHE F 133 10.72 -57.53 8.13
CA PHE F 133 10.12 -58.12 9.32
C PHE F 133 8.59 -57.89 9.33
N ILE F 134 7.91 -58.32 8.25
CA ILE F 134 6.45 -58.27 8.07
C ILE F 134 6.07 -59.47 7.14
N ARG F 135 6.67 -59.54 5.94
CA ARG F 135 6.39 -60.63 5.00
C ARG F 135 7.55 -61.64 4.93
N GLU F 140 9.82 -69.01 11.27
CA GLU F 140 11.16 -69.55 11.02
C GLU F 140 12.12 -68.43 10.61
N ASP F 141 11.65 -67.46 9.81
CA ASP F 141 12.44 -66.32 9.32
C ASP F 141 12.75 -65.31 10.44
N TYR F 142 11.86 -65.22 11.45
CA TYR F 142 11.94 -64.32 12.62
C TYR F 142 13.30 -64.42 13.35
N ALA F 143 13.85 -65.65 13.42
CA ALA F 143 15.10 -65.98 14.06
C ALA F 143 16.30 -65.33 13.36
N GLY F 144 16.29 -65.36 12.03
CA GLY F 144 17.35 -64.77 11.20
C GLY F 144 17.38 -63.25 11.25
N LEU F 145 16.18 -62.64 11.24
CA LEU F 145 16.04 -61.18 11.31
C LEU F 145 16.49 -60.67 12.68
N LYS F 146 16.15 -61.42 13.77
CA LYS F 146 16.54 -61.08 15.14
C LYS F 146 18.07 -61.09 15.25
N GLU F 147 18.73 -62.08 14.62
CA GLU F 147 20.18 -62.24 14.61
C GLU F 147 20.82 -61.12 13.79
N GLU F 148 20.12 -60.64 12.76
CA GLU F 148 20.58 -59.53 11.92
C GLU F 148 20.52 -58.21 12.68
N PHE F 149 19.39 -57.96 13.37
CA PHE F 149 19.19 -56.77 14.19
C PHE F 149 20.29 -56.69 15.24
N ARG F 150 20.59 -57.82 15.90
CA ARG F 150 21.61 -57.93 16.93
C ARG F 150 22.95 -57.44 16.38
N LYS F 151 23.40 -58.02 15.25
CA LYS F 151 24.65 -57.69 14.54
C LYS F 151 24.77 -56.17 14.27
N GLU F 152 23.67 -55.56 13.81
CA GLU F 152 23.58 -54.15 13.50
C GLU F 152 23.60 -53.29 14.75
N PHE F 153 22.90 -53.73 15.81
CA PHE F 153 22.80 -53.05 17.11
C PHE F 153 24.14 -53.04 17.84
N THR F 154 24.95 -54.12 17.66
CA THR F 154 26.29 -54.26 18.22
C THR F 154 27.18 -53.10 17.70
N LYS F 155 27.07 -52.75 16.40
CA LYS F 155 27.83 -51.66 15.80
C LYS F 155 27.51 -50.32 16.50
N LEU F 156 26.23 -50.12 16.85
CA LEU F 156 25.75 -48.91 17.52
C LEU F 156 26.20 -48.88 18.97
N GLU F 157 26.31 -50.05 19.61
CA GLU F 157 26.78 -50.19 20.99
C GLU F 157 28.25 -49.79 21.07
N GLU F 158 29.05 -50.17 20.03
CA GLU F 158 30.47 -49.84 19.90
C GLU F 158 30.66 -48.32 19.82
N VAL F 159 29.70 -47.63 19.19
CA VAL F 159 29.72 -46.17 19.07
C VAL F 159 29.62 -45.56 20.46
N LEU F 160 28.52 -45.85 21.17
CA LEU F 160 28.23 -45.36 22.53
C LEU F 160 29.38 -45.71 23.51
N THR F 161 29.96 -46.93 23.39
CA THR F 161 31.07 -47.41 24.22
C THR F 161 32.28 -46.48 24.04
N ASN F 162 32.69 -46.26 22.80
CA ASN F 162 33.83 -45.39 22.47
C ASN F 162 33.52 -43.91 22.82
N LYS F 163 32.28 -43.42 22.53
CA LYS F 163 31.81 -42.07 22.82
C LYS F 163 31.81 -41.76 24.32
N LYS F 164 31.46 -42.77 25.15
CA LYS F 164 31.40 -42.71 26.61
C LYS F 164 30.35 -41.65 27.07
N THR F 165 29.29 -41.48 26.26
CA THR F 165 28.16 -40.56 26.48
C THR F 165 26.81 -41.31 26.41
N THR F 166 25.71 -40.66 26.86
CA THR F 166 24.36 -41.21 26.86
C THR F 166 23.80 -41.28 25.45
N PHE F 167 23.93 -40.19 24.67
CA PHE F 167 23.38 -40.09 23.31
C PHE F 167 24.48 -40.27 22.26
N PHE F 168 24.10 -40.47 20.97
CA PHE F 168 25.04 -40.71 19.88
C PHE F 168 25.81 -39.44 19.44
N GLY F 169 25.46 -38.28 19.97
CA GLY F 169 26.15 -37.03 19.66
C GLY F 169 26.61 -36.23 20.86
N GLY F 170 26.72 -36.90 22.01
CA GLY F 170 27.14 -36.29 23.27
C GLY F 170 26.22 -36.63 24.44
N ASN F 171 26.33 -35.83 25.53
CA ASN F 171 25.54 -36.06 26.74
C ASN F 171 24.18 -35.35 26.68
N SER F 172 23.86 -34.75 25.52
CA SER F 172 22.59 -34.09 25.23
C SER F 172 22.04 -34.64 23.92
N ILE F 173 20.71 -34.61 23.76
CA ILE F 173 20.01 -35.07 22.57
C ILE F 173 20.39 -34.19 21.38
N SER F 174 20.61 -34.82 20.21
CA SER F 174 20.95 -34.15 18.97
C SER F 174 20.30 -34.86 17.78
N MET F 175 20.50 -34.29 16.59
CA MET F 175 19.97 -34.77 15.32
C MET F 175 20.05 -36.28 15.13
N ILE F 176 21.24 -36.87 15.34
CA ILE F 176 21.46 -38.30 15.09
C ILE F 176 20.50 -39.21 15.91
N ASP F 177 20.16 -38.79 17.14
CA ASP F 177 19.25 -39.52 18.02
C ASP F 177 17.84 -39.51 17.41
N TYR F 178 17.39 -38.33 16.93
CA TYR F 178 16.08 -38.19 16.29
C TYR F 178 16.03 -38.97 14.98
N LEU F 179 17.15 -39.01 14.24
CA LEU F 179 17.24 -39.73 12.96
C LEU F 179 17.13 -41.28 13.11
N ILE F 180 17.78 -41.88 14.11
CA ILE F 180 17.70 -43.33 14.20
C ILE F 180 16.49 -43.80 15.09
N TRP F 181 16.03 -42.94 16.06
CA TRP F 181 14.98 -43.24 17.05
C TRP F 181 13.68 -43.92 16.51
N PRO F 182 13.02 -43.48 15.39
CA PRO F 182 11.74 -44.10 15.01
C PRO F 182 11.76 -45.63 14.85
N TRP F 183 12.89 -46.19 14.42
CA TRP F 183 12.97 -47.63 14.25
C TRP F 183 13.06 -48.33 15.59
N PHE F 184 13.83 -47.78 16.55
CA PHE F 184 13.95 -48.38 17.88
C PHE F 184 12.62 -48.28 18.64
N GLU F 185 11.81 -47.23 18.38
CA GLU F 185 10.55 -47.05 19.07
C GLU F 185 9.49 -48.05 18.56
N ARG F 186 9.71 -48.61 17.36
CA ARG F 186 8.81 -49.63 16.82
C ARG F 186 9.11 -50.97 17.43
N LEU F 187 10.37 -51.20 17.88
CA LEU F 187 10.89 -52.46 18.42
C LEU F 187 9.99 -53.01 19.53
N GLU F 188 9.42 -52.11 20.36
CA GLU F 188 8.47 -52.41 21.43
C GLU F 188 7.20 -53.02 20.87
N ALA F 189 6.70 -52.45 19.74
CA ALA F 189 5.49 -52.84 19.01
C ALA F 189 5.70 -54.08 18.15
N MET F 190 6.89 -54.21 17.57
CA MET F 190 7.28 -55.31 16.68
C MET F 190 7.67 -56.57 17.49
N LYS F 191 7.66 -56.48 18.83
CA LYS F 191 8.02 -57.54 19.79
C LYS F 191 9.49 -57.95 19.55
N LEU F 192 10.37 -56.94 19.49
CA LEU F 192 11.82 -57.12 19.27
C LEU F 192 12.67 -56.48 20.38
N ASN F 193 12.08 -56.25 21.58
CA ASN F 193 12.74 -55.63 22.73
C ASN F 193 13.95 -56.43 23.22
N GLU F 194 13.93 -57.77 23.05
CA GLU F 194 15.02 -58.66 23.48
C GLU F 194 16.30 -58.43 22.68
N CYS F 195 16.21 -57.75 21.53
CA CYS F 195 17.35 -57.48 20.65
C CYS F 195 18.21 -56.32 21.15
N VAL F 196 17.79 -55.62 22.23
CA VAL F 196 18.57 -54.52 22.82
C VAL F 196 19.11 -54.98 24.20
N ASP F 197 18.88 -56.26 24.56
CA ASP F 197 19.32 -56.81 25.84
C ASP F 197 20.83 -57.07 25.86
N HIS F 198 21.45 -57.36 24.69
CA HIS F 198 22.90 -57.62 24.57
C HIS F 198 23.71 -56.32 24.33
N THR F 199 23.03 -55.18 24.39
CA THR F 199 23.60 -53.86 24.16
C THR F 199 23.09 -52.94 25.30
N PRO F 200 23.75 -52.96 26.49
CA PRO F 200 23.22 -52.17 27.62
C PRO F 200 23.11 -50.68 27.36
N LYS F 201 24.15 -50.05 26.78
CA LYS F 201 24.19 -48.61 26.50
C LYS F 201 23.07 -48.18 25.57
N LEU F 202 22.73 -49.00 24.54
CA LEU F 202 21.66 -48.71 23.58
C LEU F 202 20.27 -48.87 24.26
N LYS F 203 20.14 -49.80 25.24
CA LYS F 203 18.89 -49.98 26.02
C LYS F 203 18.64 -48.74 26.88
N LEU F 204 19.72 -48.20 27.50
CA LEU F 204 19.65 -47.00 28.35
C LEU F 204 19.32 -45.79 27.51
N TRP F 205 19.94 -45.69 26.31
CA TRP F 205 19.71 -44.61 25.34
C TRP F 205 18.21 -44.54 24.97
N MET F 206 17.59 -45.72 24.71
CA MET F 206 16.18 -45.89 24.39
C MET F 206 15.31 -45.27 25.48
N ALA F 207 15.59 -45.63 26.75
CA ALA F 207 14.90 -45.12 27.92
C ALA F 207 15.10 -43.61 28.07
N ALA F 208 16.29 -43.07 27.68
CA ALA F 208 16.59 -41.64 27.79
C ALA F 208 15.81 -40.84 26.74
N MET F 209 15.64 -41.45 25.54
CA MET F 209 14.90 -40.87 24.42
C MET F 209 13.43 -40.62 24.82
N LYS F 210 12.78 -41.63 25.42
CA LYS F 210 11.38 -41.58 25.86
C LYS F 210 11.16 -40.47 26.90
N GLU F 211 12.21 -40.06 27.63
CA GLU F 211 12.11 -38.98 28.64
C GLU F 211 12.13 -37.60 27.97
N ASP F 212 12.60 -37.52 26.71
CA ASP F 212 12.72 -36.25 26.02
C ASP F 212 11.33 -35.69 25.64
N PRO F 213 11.06 -34.39 25.98
CA PRO F 213 9.72 -33.80 25.70
C PRO F 213 9.26 -33.88 24.23
N THR F 214 10.19 -33.62 23.30
CA THR F 214 9.93 -33.69 21.88
C THR F 214 9.54 -35.13 21.48
N VAL F 215 10.35 -36.15 21.87
CA VAL F 215 10.07 -37.56 21.59
C VAL F 215 8.72 -37.96 22.19
N SER F 216 8.49 -37.58 23.46
CA SER F 216 7.28 -37.88 24.23
C SER F 216 6.03 -37.39 23.51
N ALA F 217 6.05 -36.13 23.00
CA ALA F 217 4.90 -35.49 22.34
C ALA F 217 4.41 -36.28 21.13
N LEU F 218 5.36 -36.80 20.31
CA LEU F 218 5.12 -37.53 19.06
C LEU F 218 5.04 -39.06 19.20
N LEU F 219 4.94 -39.57 20.44
CA LEU F 219 4.84 -41.01 20.67
C LEU F 219 3.49 -41.55 20.19
N THR F 220 3.47 -42.83 19.78
CA THR F 220 2.25 -43.53 19.32
C THR F 220 2.01 -44.71 20.26
N SER F 221 0.75 -44.91 20.70
CA SER F 221 0.38 -46.01 21.60
C SER F 221 0.56 -47.36 20.90
N GLU F 222 0.69 -48.43 21.70
CA GLU F 222 0.87 -49.81 21.22
C GLU F 222 -0.33 -50.23 20.36
N LYS F 223 -1.55 -49.84 20.80
CA LYS F 223 -2.83 -50.12 20.13
C LYS F 223 -2.82 -49.55 18.73
N ASP F 224 -2.38 -48.29 18.57
CA ASP F 224 -2.35 -47.62 17.27
C ASP F 224 -1.28 -48.23 16.37
N TRP F 225 -0.08 -48.55 16.92
CA TRP F 225 1.01 -49.19 16.18
C TRP F 225 0.55 -50.55 15.61
N GLN F 226 -0.06 -51.42 16.48
CA GLN F 226 -0.56 -52.76 16.12
C GLN F 226 -1.70 -52.69 15.09
N GLY F 227 -2.53 -51.67 15.24
CA GLY F 227 -3.66 -51.40 14.37
C GLY F 227 -3.25 -51.01 12.96
N PHE F 228 -2.06 -50.41 12.82
CA PHE F 228 -1.50 -50.02 11.51
C PHE F 228 -0.75 -51.19 10.93
N LEU F 229 -0.05 -51.97 11.77
CA LEU F 229 0.69 -53.14 11.31
C LEU F 229 -0.24 -54.14 10.64
N GLU F 230 -1.35 -54.55 11.32
CA GLU F 230 -2.32 -55.52 10.80
C GLU F 230 -2.79 -55.17 9.39
N LEU F 231 -3.32 -53.96 9.19
CA LEU F 231 -3.84 -53.48 7.91
C LEU F 231 -2.70 -53.26 6.88
N TYR F 232 -1.45 -52.95 7.35
CA TYR F 232 -0.27 -52.77 6.49
C TYR F 232 0.12 -54.12 5.90
N LEU F 233 0.19 -55.17 6.76
CA LEU F 233 0.48 -56.54 6.38
C LEU F 233 -0.55 -57.07 5.34
N GLN F 234 -1.79 -56.52 5.36
CA GLN F 234 -2.88 -56.87 4.44
C GLN F 234 -2.93 -55.90 3.23
N ASN F 235 -1.94 -54.98 3.13
CA ASN F 235 -1.79 -53.95 2.09
C ASN F 235 -3.10 -53.14 1.88
N SER F 236 -3.86 -52.94 2.97
CA SER F 236 -5.12 -52.19 3.01
C SER F 236 -4.88 -50.68 2.81
N PRO F 237 -5.73 -49.99 2.03
CA PRO F 237 -5.52 -48.55 1.85
C PRO F 237 -5.92 -47.76 3.10
N GLU F 238 -6.84 -48.32 3.90
CA GLU F 238 -7.35 -47.76 5.15
C GLU F 238 -6.33 -47.83 6.33
N ALA F 239 -5.18 -48.51 6.15
CA ALA F 239 -4.12 -48.70 7.17
C ALA F 239 -3.62 -47.39 7.79
N CYS F 240 -3.36 -46.38 6.93
CA CYS F 240 -2.88 -45.02 7.23
C CYS F 240 -3.80 -44.32 8.24
N ASP F 241 -5.11 -44.62 8.16
CA ASP F 241 -6.17 -43.97 8.92
C ASP F 241 -6.69 -44.84 10.07
N TYR F 242 -5.77 -45.61 10.70
CA TYR F 242 -6.15 -46.44 11.82
C TYR F 242 -6.52 -45.55 13.04
N GLY F 243 -7.78 -45.67 13.47
CA GLY F 243 -8.37 -44.91 14.55
C GLY F 243 -8.79 -43.51 14.13
N LEU F 244 -9.18 -43.34 12.85
CA LEU F 244 -9.58 -42.06 12.27
C LEU F 244 -11.01 -42.10 11.73
C1 JR7 G . 14.34 -7.58 -5.06
C3 JR7 G . 13.21 -7.82 -8.68
C4 JR7 G . 12.83 -7.55 -10.89
C11 JR7 G . 11.54 -7.62 -10.48
O JR7 G . 12.14 -7.58 -5.92
C2 JR7 G . 13.32 -7.65 -6.16
C JR7 G . 14.14 -6.28 -4.23
N JR7 G . 13.89 -7.78 -7.45
S JR7 G . 11.43 -7.81 -8.77
N1 JR7 G . 13.80 -7.69 -9.85
C5 JR7 G . 13.34 -7.44 -12.27
C10 JR7 G . 12.50 -7.63 -13.39
C9 JR7 G . 13.01 -7.44 -14.67
C8 JR7 G . 14.36 -7.08 -14.83
CL JR7 G . 15.01 -6.87 -16.42
C7 JR7 G . 15.21 -6.89 -13.77
C6 JR7 G . 14.70 -7.06 -12.49
H3 JR7 G . 14.30 -8.45 -4.42
H4 JR7 G . 15.35 -7.59 -5.48
H10 JR7 G . 10.63 -7.59 -11.08
H JR7 G . 13.27 -6.34 -3.58
H1 JR7 G . 14.98 -6.17 -3.55
H5 JR7 G . 14.90 -7.84 -7.56
H9 JR7 G . 11.47 -7.95 -13.28
H8 JR7 G . 12.40 -7.61 -15.56
H7 JR7 G . 16.26 -6.66 -13.94
H6 JR7 G . 15.37 -6.86 -11.64
O1 MES H . 3.49 -5.27 2.81
C2 MES H . 3.05 -5.72 1.53
C3 MES H . 3.86 -5.11 0.42
N4 MES H . 5.20 -4.65 0.93
C5 MES H . 5.74 -5.64 1.91
C6 MES H . 4.81 -5.75 3.10
C7 MES H . 6.17 -4.38 -0.19
C8 MES H . 6.94 -3.06 0.01
S MES H . 8.17 -2.72 -1.23
O1S MES H . 9.20 -1.95 -0.56
O2S MES H . 8.65 -4.02 -1.69
O3S MES H . 7.51 -1.96 -2.27
H21 MES H . 1.98 -5.55 1.40
H22 MES H . 3.18 -6.81 1.57
H31 MES H . 3.99 -5.83 -0.40
H32 MES H . 3.33 -4.26 -0.03
HN4 MES H . 5.04 -3.77 1.42
H51 MES H . 6.73 -5.33 2.23
H52 MES H . 5.87 -6.61 1.44
H61 MES H . 4.78 -6.77 3.51
H62 MES H . 5.14 -5.10 3.91
H71 MES H . 6.87 -5.21 -0.26
H72 MES H . 5.66 -4.36 -1.15
H81 MES H . 6.28 -2.20 0.06
H82 MES H . 7.45 -3.03 0.98
C1 JR7 I . 38.14 -48.67 -4.52
C3 JR7 I . 36.59 -48.86 -7.99
C4 JR7 I . 35.96 -48.60 -10.15
C11 JR7 I . 34.68 -48.72 -9.60
O JR7 I . 35.84 -48.81 -5.09
C2 JR7 I . 36.99 -48.77 -5.50
C JR7 I . 37.96 -47.44 -3.65
N JR7 I . 37.40 -48.81 -6.86
S JR7 I . 34.78 -48.93 -7.88
N1 JR7 I . 37.05 -48.69 -9.21
C5 JR7 I . 36.30 -48.41 -11.55
C10 JR7 I . 35.32 -48.57 -12.59
C9 JR7 I . 35.68 -48.29 -13.92
C8 JR7 I . 36.99 -47.84 -14.18
CL JR7 I . 37.38 -47.49 -15.79
C7 JR7 I . 37.97 -47.66 -13.17
C6 JR7 I . 37.62 -47.92 -11.87
H3 JR7 I . 38.23 -49.57 -3.93
H4 JR7 I . 39.09 -48.62 -5.06
H10 JR7 I . 33.70 -48.73 -10.10
H JR7 I . 38.87 -47.30 -3.07
H1 JR7 I . 37.17 -47.58 -2.92
H5 JR7 I . 38.39 -48.81 -7.07
H9 JR7 I . 34.30 -48.92 -12.39
H8 JR7 I . 34.96 -48.41 -14.73
H7 JR7 I . 38.99 -47.35 -13.41
H6 JR7 I . 38.38 -47.71 -11.11
C1 JR7 J . -18.13 -2.81 1.40
C3 JR7 J . -17.58 -5.32 4.16
C4 JR7 J . -17.41 -6.47 6.10
C11 JR7 J . -16.19 -6.76 5.57
O JR7 J . -16.20 -4.05 1.82
C2 JR7 J . -17.32 -3.80 2.16
C JR7 J . -17.37 -1.48 1.32
N JR7 J . -18.04 -4.39 3.25
S JR7 J . -15.97 -6.02 4.06
N1 JR7 J . -18.22 -5.65 5.25
C5 JR7 J . -17.99 -6.90 7.39
C10 JR7 J . -17.41 -7.94 8.13
C9 JR7 J . -17.93 -8.29 9.38
C8 JR7 J . -19.03 -7.59 9.88
CL JR7 J . -19.69 -7.99 11.42
C7 JR7 J . -19.62 -6.55 9.18
C6 JR7 J . -19.09 -6.20 7.94
H3 JR7 J . -18.35 -3.17 0.40
H4 JR7 J . -19.10 -2.68 1.86
H10 JR7 J . -15.39 -7.36 6.00
H JR7 J . -18.03 -0.72 0.92
H1 JR7 J . -16.54 -1.51 0.62
H5 JR7 J . -19.00 -4.12 3.41
H9 JR7 J . -16.56 -8.50 7.75
H8 JR7 J . -17.50 -9.12 9.94
H7 JR7 J . -20.52 -6.07 9.57
H6 JR7 J . -19.53 -5.36 7.41
O1 MES K . -6.40 -1.07 -5.25
C2 MES K . -6.01 -2.08 -4.33
C3 MES K . -6.82 -2.00 -3.04
N4 MES K . -7.71 -0.80 -3.07
C5 MES K . -8.62 -0.88 -4.25
C6 MES K . -7.81 -1.13 -5.51
C7 MES K . -8.35 -0.51 -1.74
C8 MES K . -9.87 -0.29 -1.69
S MES K . -10.43 0.66 -0.30
O1S MES K . -9.54 0.35 0.81
O2S MES K . -10.34 2.05 -0.70
O3S MES K . -11.79 0.24 -0.04
H21 MES K . -4.94 -2.06 -4.14
H22 MES K . -6.21 -3.01 -4.86
H31 MES K . -7.39 -2.91 -2.89
H32 MES K . -6.15 -1.94 -2.18
HN4 MES K . -7.11 -0.01 -3.25
H51 MES K . -9.19 0.04 -4.38
H52 MES K . -9.36 -1.67 -4.13
H61 MES K . -8.09 -2.07 -6.00
H62 MES K . -7.98 -0.34 -6.24
H71 MES K . -8.13 -1.33 -1.06
H72 MES K . -7.86 0.35 -1.28
H81 MES K . -10.27 0.23 -2.56
H82 MES K . -10.42 -1.23 -1.69
C1 JR7 L . -7.23 33.67 -6.38
C3 JR7 L . -8.53 32.41 -9.72
C4 JR7 L . -9.05 32.04 -11.90
C11 JR7 L . -10.27 31.80 -11.34
O JR7 L . -9.44 32.99 -6.95
C2 JR7 L . -8.29 33.14 -7.32
C JR7 L . -7.68 35.01 -5.77
N JR7 L . -7.81 32.87 -8.62
S JR7 L . -10.26 32.02 -9.65
N1 JR7 L . -8.04 32.38 -10.94
C5 JR7 L . -8.64 31.97 -13.29
C10 JR7 L . -9.47 31.38 -14.27
C9 JR7 L . -9.09 31.38 -15.62
C8 JR7 L . -7.88 31.99 -15.99
CL JR7 L . -7.40 32.02 -17.64
C7 JR7 L . -7.05 32.58 -15.06
C6 JR7 L . -7.44 32.59 -13.72
H3 JR7 L . -7.03 32.94 -5.58
H4 JR7 L . -6.27 33.76 -6.89
H10 JR7 L . -11.20 31.52 -11.85
H JR7 L . -8.47 34.88 -5.04
H1 JR7 L . -6.85 35.44 -5.22
H5 JR7 L . -6.82 32.99 -8.81
H9 JR7 L . -10.41 30.89 -14.00
H8 JR7 L . -9.72 30.93 -16.38
H7 JR7 L . -6.08 32.98 -15.37
H6 JR7 L . -6.78 33.10 -13.01
O1 MES M . -18.76 35.07 1.09
C2 MES M . -18.89 34.62 -0.27
C3 MES M . -17.83 35.23 -1.16
N4 MES M . -16.63 35.61 -0.34
C5 MES M . -16.40 34.58 0.73
C6 MES M . -17.56 34.54 1.68
C7 MES M . -15.40 35.85 -1.18
C8 MES M . -15.55 37.10 -2.05
S MES M . -14.06 37.49 -2.95
O1S MES M . -13.15 38.10 -1.99
O2S MES M . -13.55 36.23 -3.46
O3S MES M . -14.46 38.41 -3.99
H21 MES M . -19.90 34.83 -0.64
H22 MES M . -18.81 33.54 -0.22
H31 MES M . -17.55 34.53 -1.94
H32 MES M . -18.21 36.10 -1.68
HN4 MES M . -16.85 36.48 0.12
H51 MES M . -15.47 34.79 1.26
H52 MES M . -16.23 33.60 0.28
H61 MES M . -17.73 33.55 2.09
H62 MES M . -17.39 35.20 2.54
H71 MES M . -14.56 35.99 -0.52
H72 MES M . -15.18 34.97 -1.78
H81 MES M . -16.35 37.01 -2.77
H82 MES M . -15.83 37.99 -1.47
C1 JR7 N . -39.46 32.42 0.01
C3 JR7 N . -38.27 30.50 3.07
C4 JR7 N . -37.81 29.71 5.14
C11 JR7 N . -36.56 29.63 4.62
O JR7 N . -37.26 31.67 0.53
C2 JR7 N . -38.43 31.72 0.86
C JR7 N . -39.04 33.86 -0.25
N JR7 N . -38.97 31.15 2.05
S JR7 N . -36.51 30.20 2.98
N1 JR7 N . -38.81 30.19 4.24
C5 JR7 N . -38.26 29.33 6.49
C10 JR7 N . -37.45 28.57 7.35
C9 JR7 N . -37.89 28.30 8.66
C8 JR7 N . -39.14 28.78 9.07
CL JR7 N . -39.69 28.45 10.66
C7 JR7 N . -39.96 29.52 8.26
C6 JR7 N . -39.52 29.82 6.97
H3 JR7 N . -39.60 31.89 -0.94
H4 JR7 N . -40.45 32.37 0.46
H10 JR7 N . -35.64 29.28 5.09
H JR7 N . -38.19 33.94 -0.93
H1 JR7 N . -39.84 34.40 -0.75
H5 JR7 N . -39.96 31.20 2.20
H9 JR7 N . -36.48 28.20 7.04
H8 JR7 N . -37.29 27.71 9.34
H7 JR7 N . -40.96 29.81 8.58
H6 JR7 N . -40.17 30.44 6.35
C1 JR7 O . 5.94 -44.81 4.71
C3 JR7 O . 6.14 -47.64 7.33
O JR7 O . 7.85 -46.12 5.25
C2 JR7 O . 6.66 -45.88 5.47
C JR7 O . 6.80 -43.55 4.65
N JR7 O . 5.80 -46.57 6.45
S JR7 O . 7.77 -48.41 7.41
C8 JR7 O . 5.01 -49.09 12.75
CL JR7 O . 4.76 -50.10 14.13
H3 JR7 O . 5.69 -45.14 3.70
H4 JR7 O . 4.97 -44.60 5.16
H JR7 O . 7.70 -43.72 4.07
H1 JR7 O . 6.27 -42.76 4.14
H5 JR7 O . 4.83 -46.27 6.54
O1 MES P . 16.95 -42.31 -2.81
C2 MES P . 17.24 -43.51 -2.09
C3 MES P . 16.64 -43.49 -0.71
N4 MES P . 15.54 -42.48 -0.65
C5 MES P . 14.71 -42.54 -1.88
C6 MES P . 15.55 -42.21 -3.10
C7 MES P . 14.71 -42.59 0.61
C8 MES P . 14.31 -41.21 1.13
S MES P . 13.26 -41.24 2.56
O1S MES P . 14.11 -40.95 3.69
O2S MES P . 12.69 -42.58 2.61
O3S MES P . 12.25 -40.21 2.33
H21 MES P . 18.31 -43.70 -2.07
H22 MES P . 16.82 -44.30 -2.71
H31 MES P . 16.26 -44.48 -0.45
H32 MES P . 17.40 -43.27 0.04
HN4 MES P . 15.99 -41.57 -0.63
H51 MES P . 13.86 -41.87 -1.80
H52 MES P . 14.26 -43.53 -1.99
H61 MES P . 15.28 -42.80 -3.97
H62 MES P . 15.42 -41.17 -3.38
H71 MES P . 13.83 -43.19 0.38
H72 MES P . 15.25 -43.15 1.38
H81 MES P . 15.18 -40.60 1.39
H82 MES P . 13.81 -40.62 0.36
#